data_6R1L
# 
_entry.id   6R1L 
# 
_audit_conform.dict_name       mmcif_pdbx.dic 
_audit_conform.dict_version    5.383 
_audit_conform.dict_location   http://mmcif.pdb.org/dictionaries/ascii/mmcif_pdbx.dic 
# 
loop_
_database_2.database_id 
_database_2.database_code 
_database_2.pdbx_database_accession 
_database_2.pdbx_DOI 
PDB   6R1L         pdb_00006r1l 10.2210/pdb6r1l/pdb 
WWPDB D_1292101280 ?            ?                   
# 
loop_
_pdbx_audit_revision_history.ordinal 
_pdbx_audit_revision_history.data_content_type 
_pdbx_audit_revision_history.major_revision 
_pdbx_audit_revision_history.minor_revision 
_pdbx_audit_revision_history.revision_date 
1 'Structure model' 1 0 2020-04-01 
2 'Structure model' 1 1 2021-10-13 
3 'Structure model' 1 2 2024-01-24 
# 
_pdbx_audit_revision_details.ordinal             1 
_pdbx_audit_revision_details.revision_ordinal    1 
_pdbx_audit_revision_details.data_content_type   'Structure model' 
_pdbx_audit_revision_details.provider            repository 
_pdbx_audit_revision_details.type                'Initial release' 
_pdbx_audit_revision_details.description         ? 
_pdbx_audit_revision_details.details             ? 
# 
loop_
_pdbx_audit_revision_group.ordinal 
_pdbx_audit_revision_group.revision_ordinal 
_pdbx_audit_revision_group.data_content_type 
_pdbx_audit_revision_group.group 
1 2 'Structure model' 'Data collection'        
2 2 'Structure model' 'Database references'    
3 2 'Structure model' 'Derived calculations'   
4 2 'Structure model' 'Source and taxonomy'    
5 3 'Structure model' 'Data collection'        
6 3 'Structure model' 'Refinement description' 
# 
loop_
_pdbx_audit_revision_category.ordinal 
_pdbx_audit_revision_category.revision_ordinal 
_pdbx_audit_revision_category.data_content_type 
_pdbx_audit_revision_category.category 
1  2 'Structure model' citation                      
2  2 'Structure model' citation_author               
3  2 'Structure model' database_2                    
4  2 'Structure model' database_PDB_rev              
5  2 'Structure model' database_PDB_rev_record       
6  2 'Structure model' entity_src_gen                
7  2 'Structure model' pdbx_database_proc            
8  2 'Structure model' pdbx_struct_conn_angle        
9  2 'Structure model' struct_conn                   
10 3 'Structure model' chem_comp_atom                
11 3 'Structure model' chem_comp_bond                
12 3 'Structure model' pdbx_initial_refinement_model 
# 
loop_
_pdbx_audit_revision_item.ordinal 
_pdbx_audit_revision_item.revision_ordinal 
_pdbx_audit_revision_item.data_content_type 
_pdbx_audit_revision_item.item 
1  2 'Structure model' '_citation.country'                             
2  2 'Structure model' '_citation.journal_abbrev'                      
3  2 'Structure model' '_citation.journal_id_CSD'                      
4  2 'Structure model' '_citation.journal_id_ISSN'                     
5  2 'Structure model' '_citation.journal_volume'                      
6  2 'Structure model' '_citation.page_first'                          
7  2 'Structure model' '_citation.page_last'                           
8  2 'Structure model' '_citation.pdbx_database_id_DOI'                
9  2 'Structure model' '_citation.pdbx_database_id_PubMed'             
10 2 'Structure model' '_citation.title'                               
11 2 'Structure model' '_citation.year'                                
12 2 'Structure model' '_database_2.pdbx_DOI'                          
13 2 'Structure model' '_database_2.pdbx_database_accession'           
14 2 'Structure model' '_entity_src_gen.gene_src_strain'               
15 2 'Structure model' '_entity_src_gen.pdbx_gene_src_scientific_name' 
16 2 'Structure model' '_pdbx_struct_conn_angle.ptnr1_auth_comp_id'    
17 2 'Structure model' '_pdbx_struct_conn_angle.ptnr1_auth_seq_id'     
18 2 'Structure model' '_pdbx_struct_conn_angle.ptnr1_label_asym_id'   
19 2 'Structure model' '_pdbx_struct_conn_angle.ptnr1_label_atom_id'   
20 2 'Structure model' '_pdbx_struct_conn_angle.ptnr1_label_comp_id'   
21 2 'Structure model' '_pdbx_struct_conn_angle.ptnr3_auth_comp_id'    
22 2 'Structure model' '_pdbx_struct_conn_angle.ptnr3_auth_seq_id'     
23 2 'Structure model' '_pdbx_struct_conn_angle.ptnr3_label_asym_id'   
24 2 'Structure model' '_pdbx_struct_conn_angle.ptnr3_label_atom_id'   
25 2 'Structure model' '_pdbx_struct_conn_angle.ptnr3_label_comp_id'   
26 2 'Structure model' '_pdbx_struct_conn_angle.value'                 
27 2 'Structure model' '_struct_conn.pdbx_dist_value'                  
28 2 'Structure model' '_struct_conn.ptnr1_auth_comp_id'               
29 2 'Structure model' '_struct_conn.ptnr1_auth_seq_id'                
30 2 'Structure model' '_struct_conn.ptnr1_label_asym_id'              
31 2 'Structure model' '_struct_conn.ptnr1_label_atom_id'              
32 2 'Structure model' '_struct_conn.ptnr1_label_comp_id'              
33 2 'Structure model' '_struct_conn.ptnr2_auth_comp_id'               
34 2 'Structure model' '_struct_conn.ptnr2_auth_seq_id'                
35 2 'Structure model' '_struct_conn.ptnr2_label_asym_id'              
36 2 'Structure model' '_struct_conn.ptnr2_label_atom_id'              
37 2 'Structure model' '_struct_conn.ptnr2_label_comp_id'              
38 2 'Structure model' '_struct_conn.ptnr2_symmetry'                   
# 
_pdbx_database_status.status_code                     REL 
_pdbx_database_status.status_code_sf                  REL 
_pdbx_database_status.status_code_mr                  ? 
_pdbx_database_status.entry_id                        6R1L 
_pdbx_database_status.recvd_initial_deposition_date   2019-03-14 
_pdbx_database_status.SG_entry                        N 
_pdbx_database_status.deposit_site                    PDBE 
_pdbx_database_status.process_site                    PDBE 
_pdbx_database_status.status_code_cs                  ? 
_pdbx_database_status.methods_development_category    ? 
_pdbx_database_status.pdb_format_compatible           Y 
_pdbx_database_status.status_code_nmr_data            ? 
# 
loop_
_audit_author.name 
_audit_author.pdbx_ordinal 
_audit_author.identifier_ORCID 
'Reddem, R.'           1 ? 
'Thunnissen, A.M.W.H.' 2 ? 
# 
_citation.abstract                  ? 
_citation.abstract_id_CAS           ? 
_citation.book_id_ISBN              ? 
_citation.book_publisher            ? 
_citation.book_publisher_city       ? 
_citation.book_title                ? 
_citation.coordinate_linkage        ? 
_citation.country                   US 
_citation.database_id_Medline       ? 
_citation.details                   ? 
_citation.id                        primary 
_citation.journal_abbrev            'Acs Catalysis' 
_citation.journal_id_ASTM           ? 
_citation.journal_id_CSD            ? 
_citation.journal_id_ISSN           2155-5435 
_citation.journal_full              ? 
_citation.journal_issue             ? 
_citation.journal_volume            10 
_citation.language                  ? 
_citation.page_first                11783 
_citation.page_last                 11790 
_citation.title                     
'Cofactor Binding Dynamics Influence the Catalytic Activity and Selectivity of an Artificial Metalloenzyme.' 
_citation.year                      2020 
_citation.database_id_CSD           ? 
_citation.pdbx_database_id_DOI      10.1021/acscatal.0c01619 
_citation.pdbx_database_id_PubMed   33101759 
_citation.unpublished_flag          ? 
# 
loop_
_citation_author.citation_id 
_citation_author.name 
_citation_author.ordinal 
_citation_author.identifier_ORCID 
primary 'Villarino, L.'        1 ? 
primary 'Chordia, S.'          2 ? 
primary 'Alonso-Cotchico, L.'  3 ? 
primary 'Reddem, E.'           4 ? 
primary 'Zhou, Z.'             5 ? 
primary 'Thunnissen, A.M.W.H.' 6 ? 
primary 'Marechal, J.D.'       7 ? 
primary 'Roelfes, G.'          8 ? 
# 
loop_
_entity.id 
_entity.type 
_entity.src_method 
_entity.pdbx_description 
_entity.formula_weight 
_entity.pdbx_number_of_molecules 
_entity.pdbx_ec 
_entity.pdbx_mutation 
_entity.pdbx_fragment 
_entity.details 
1 polymer     man 'Transcriptional regulator, PadR-like family' 14764.789 1  ? ? ? 'LmrR carrying a C-terminal strep-tag' 
2 non-polymer syn 1,10-PHENANTHROLINE                           180.205   1  ? ? ? ?                                      
3 non-polymer syn 'COPPER (II) ION'                             63.546    1  ? ? ? ?                                      
4 water       nat water                                         18.015    22 ? ? ? ?                                      
# 
_entity_poly.entity_id                      1 
_entity_poly.type                           'polypeptide(L)' 
_entity_poly.nstd_linkage                   no 
_entity_poly.nstd_monomer                   no 
_entity_poly.pdbx_seq_one_letter_code       
;MAEIPKEMLRAQTNVILLNVLKQGDNYVYGIIKQVKEASNGEMELNEATLYTIFKRLEKDGIISSYWGDESQGGRRKYYR
LTEIGHENMRLAFESWSRVDKIIENLEANKKSEAIKSRWSHPQFEK
;
_entity_poly.pdbx_seq_one_letter_code_can   
;MAEIPKEMLRAQTNVILLNVLKQGDNYVYGIIKQVKEASNGEMELNEATLYTIFKRLEKDGIISSYWGDESQGGRRKYYR
LTEIGHENMRLAFESWSRVDKIIENLEANKKSEAIKSRWSHPQFEK
;
_entity_poly.pdbx_strand_id                 A 
_entity_poly.pdbx_target_identifier         ? 
# 
loop_
_pdbx_entity_nonpoly.entity_id 
_pdbx_entity_nonpoly.name 
_pdbx_entity_nonpoly.comp_id 
2 1,10-PHENANTHROLINE PHN 
3 'COPPER (II) ION'   CU  
4 water               HOH 
# 
loop_
_entity_poly_seq.entity_id 
_entity_poly_seq.num 
_entity_poly_seq.mon_id 
_entity_poly_seq.hetero 
1 1   MET n 
1 2   ALA n 
1 3   GLU n 
1 4   ILE n 
1 5   PRO n 
1 6   LYS n 
1 7   GLU n 
1 8   MET n 
1 9   LEU n 
1 10  ARG n 
1 11  ALA n 
1 12  GLN n 
1 13  THR n 
1 14  ASN n 
1 15  VAL n 
1 16  ILE n 
1 17  LEU n 
1 18  LEU n 
1 19  ASN n 
1 20  VAL n 
1 21  LEU n 
1 22  LYS n 
1 23  GLN n 
1 24  GLY n 
1 25  ASP n 
1 26  ASN n 
1 27  TYR n 
1 28  VAL n 
1 29  TYR n 
1 30  GLY n 
1 31  ILE n 
1 32  ILE n 
1 33  LYS n 
1 34  GLN n 
1 35  VAL n 
1 36  LYS n 
1 37  GLU n 
1 38  ALA n 
1 39  SER n 
1 40  ASN n 
1 41  GLY n 
1 42  GLU n 
1 43  MET n 
1 44  GLU n 
1 45  LEU n 
1 46  ASN n 
1 47  GLU n 
1 48  ALA n 
1 49  THR n 
1 50  LEU n 
1 51  TYR n 
1 52  THR n 
1 53  ILE n 
1 54  PHE n 
1 55  LYS n 
1 56  ARG n 
1 57  LEU n 
1 58  GLU n 
1 59  LYS n 
1 60  ASP n 
1 61  GLY n 
1 62  ILE n 
1 63  ILE n 
1 64  SER n 
1 65  SER n 
1 66  TYR n 
1 67  TRP n 
1 68  GLY n 
1 69  ASP n 
1 70  GLU n 
1 71  SER n 
1 72  GLN n 
1 73  GLY n 
1 74  GLY n 
1 75  ARG n 
1 76  ARG n 
1 77  LYS n 
1 78  TYR n 
1 79  TYR n 
1 80  ARG n 
1 81  LEU n 
1 82  THR n 
1 83  GLU n 
1 84  ILE n 
1 85  GLY n 
1 86  HIS n 
1 87  GLU n 
1 88  ASN n 
1 89  MET n 
1 90  ARG n 
1 91  LEU n 
1 92  ALA n 
1 93  PHE n 
1 94  GLU n 
1 95  SER n 
1 96  TRP n 
1 97  SER n 
1 98  ARG n 
1 99  VAL n 
1 100 ASP n 
1 101 LYS n 
1 102 ILE n 
1 103 ILE n 
1 104 GLU n 
1 105 ASN n 
1 106 LEU n 
1 107 GLU n 
1 108 ALA n 
1 109 ASN n 
1 110 LYS n 
1 111 LYS n 
1 112 SER n 
1 113 GLU n 
1 114 ALA n 
1 115 ILE n 
1 116 LYS n 
1 117 SER n 
1 118 ARG n 
1 119 TRP n 
1 120 SER n 
1 121 HIS n 
1 122 PRO n 
1 123 GLN n 
1 124 PHE n 
1 125 GLU n 
1 126 LYS n 
# 
_entity_src_gen.entity_id                          1 
_entity_src_gen.pdbx_src_id                        1 
_entity_src_gen.pdbx_alt_source_flag               sample 
_entity_src_gen.pdbx_seq_type                      'Biological sequence' 
_entity_src_gen.pdbx_beg_seq_num                   1 
_entity_src_gen.pdbx_end_seq_num                   126 
_entity_src_gen.gene_src_common_name               ? 
_entity_src_gen.gene_src_genus                     ? 
_entity_src_gen.pdbx_gene_src_gene                 llmg_0323 
_entity_src_gen.gene_src_species                   ? 
_entity_src_gen.gene_src_strain                    ? 
_entity_src_gen.gene_src_tissue                    ? 
_entity_src_gen.gene_src_tissue_fraction           ? 
_entity_src_gen.gene_src_details                   ? 
_entity_src_gen.pdbx_gene_src_fragment             ? 
_entity_src_gen.pdbx_gene_src_scientific_name      'Lactococcus lactis subsp. cremoris MG1363' 
_entity_src_gen.pdbx_gene_src_ncbi_taxonomy_id     416870 
_entity_src_gen.pdbx_gene_src_variant              ? 
_entity_src_gen.pdbx_gene_src_cell_line            ? 
_entity_src_gen.pdbx_gene_src_atcc                 ? 
_entity_src_gen.pdbx_gene_src_organ                ? 
_entity_src_gen.pdbx_gene_src_organelle            ? 
_entity_src_gen.pdbx_gene_src_cell                 ? 
_entity_src_gen.pdbx_gene_src_cellular_location    ? 
_entity_src_gen.host_org_common_name               ? 
_entity_src_gen.pdbx_host_org_scientific_name      'Escherichia coli' 
_entity_src_gen.pdbx_host_org_ncbi_taxonomy_id     562 
_entity_src_gen.host_org_genus                     ? 
_entity_src_gen.pdbx_host_org_gene                 ? 
_entity_src_gen.pdbx_host_org_organ                ? 
_entity_src_gen.host_org_species                   ? 
_entity_src_gen.pdbx_host_org_tissue               ? 
_entity_src_gen.pdbx_host_org_tissue_fraction      ? 
_entity_src_gen.pdbx_host_org_strain               ? 
_entity_src_gen.pdbx_host_org_variant              ? 
_entity_src_gen.pdbx_host_org_cell_line            ? 
_entity_src_gen.pdbx_host_org_atcc                 ? 
_entity_src_gen.pdbx_host_org_culture_collection   ? 
_entity_src_gen.pdbx_host_org_cell                 ? 
_entity_src_gen.pdbx_host_org_organelle            ? 
_entity_src_gen.pdbx_host_org_cellular_location    ? 
_entity_src_gen.pdbx_host_org_vector_type          ? 
_entity_src_gen.pdbx_host_org_vector               ? 
_entity_src_gen.host_org_details                   ? 
_entity_src_gen.expression_system_id               ? 
_entity_src_gen.plasmid_name                       ? 
_entity_src_gen.plasmid_details                    ? 
_entity_src_gen.pdbx_description                   ? 
# 
loop_
_chem_comp.id 
_chem_comp.type 
_chem_comp.mon_nstd_flag 
_chem_comp.name 
_chem_comp.pdbx_synonyms 
_chem_comp.formula 
_chem_comp.formula_weight 
ALA 'L-peptide linking' y ALANINE             ? 'C3 H7 N O2'     89.093  
ARG 'L-peptide linking' y ARGININE            ? 'C6 H15 N4 O2 1' 175.209 
ASN 'L-peptide linking' y ASPARAGINE          ? 'C4 H8 N2 O3'    132.118 
ASP 'L-peptide linking' y 'ASPARTIC ACID'     ? 'C4 H7 N O4'     133.103 
CU  non-polymer         . 'COPPER (II) ION'   ? 'Cu 2'           63.546  
GLN 'L-peptide linking' y GLUTAMINE           ? 'C5 H10 N2 O3'   146.144 
GLU 'L-peptide linking' y 'GLUTAMIC ACID'     ? 'C5 H9 N O4'     147.129 
GLY 'peptide linking'   y GLYCINE             ? 'C2 H5 N O2'     75.067  
HIS 'L-peptide linking' y HISTIDINE           ? 'C6 H10 N3 O2 1' 156.162 
HOH non-polymer         . WATER               ? 'H2 O'           18.015  
ILE 'L-peptide linking' y ISOLEUCINE          ? 'C6 H13 N O2'    131.173 
LEU 'L-peptide linking' y LEUCINE             ? 'C6 H13 N O2'    131.173 
LYS 'L-peptide linking' y LYSINE              ? 'C6 H15 N2 O2 1' 147.195 
MET 'L-peptide linking' y METHIONINE          ? 'C5 H11 N O2 S'  149.211 
PHE 'L-peptide linking' y PHENYLALANINE       ? 'C9 H11 N O2'    165.189 
PHN non-polymer         . 1,10-PHENANTHROLINE ? 'C12 H8 N2'      180.205 
PRO 'L-peptide linking' y PROLINE             ? 'C5 H9 N O2'     115.130 
SER 'L-peptide linking' y SERINE              ? 'C3 H7 N O3'     105.093 
THR 'L-peptide linking' y THREONINE           ? 'C4 H9 N O3'     119.119 
TRP 'L-peptide linking' y TRYPTOPHAN          ? 'C11 H12 N2 O2'  204.225 
TYR 'L-peptide linking' y TYROSINE            ? 'C9 H11 N O3'    181.189 
VAL 'L-peptide linking' y VALINE              ? 'C5 H11 N O2'    117.146 
# 
loop_
_pdbx_poly_seq_scheme.asym_id 
_pdbx_poly_seq_scheme.entity_id 
_pdbx_poly_seq_scheme.seq_id 
_pdbx_poly_seq_scheme.mon_id 
_pdbx_poly_seq_scheme.ndb_seq_num 
_pdbx_poly_seq_scheme.pdb_seq_num 
_pdbx_poly_seq_scheme.auth_seq_num 
_pdbx_poly_seq_scheme.pdb_mon_id 
_pdbx_poly_seq_scheme.auth_mon_id 
_pdbx_poly_seq_scheme.pdb_strand_id 
_pdbx_poly_seq_scheme.pdb_ins_code 
_pdbx_poly_seq_scheme.hetero 
A 1 1   MET 1   1   ?   ?   ?   A . n 
A 1 2   ALA 2   2   ?   ?   ?   A . n 
A 1 3   GLU 3   3   ?   ?   ?   A . n 
A 1 4   ILE 4   4   ?   ?   ?   A . n 
A 1 5   PRO 5   5   5   PRO PRO A . n 
A 1 6   LYS 6   6   6   LYS LYS A . n 
A 1 7   GLU 7   7   7   GLU GLU A . n 
A 1 8   MET 8   8   8   MET MET A . n 
A 1 9   LEU 9   9   9   LEU LEU A . n 
A 1 10  ARG 10  10  10  ARG ARG A . n 
A 1 11  ALA 11  11  11  ALA ALA A . n 
A 1 12  GLN 12  12  12  GLN GLN A . n 
A 1 13  THR 13  13  13  THR THR A . n 
A 1 14  ASN 14  14  14  ASN ASN A . n 
A 1 15  VAL 15  15  15  VAL VAL A . n 
A 1 16  ILE 16  16  16  ILE ILE A . n 
A 1 17  LEU 17  17  17  LEU LEU A . n 
A 1 18  LEU 18  18  18  LEU LEU A . n 
A 1 19  ASN 19  19  19  ASN ASN A . n 
A 1 20  VAL 20  20  20  VAL VAL A . n 
A 1 21  LEU 21  21  21  LEU LEU A . n 
A 1 22  LYS 22  22  22  LYS LYS A . n 
A 1 23  GLN 23  23  23  GLN GLN A . n 
A 1 24  GLY 24  24  24  GLY GLY A . n 
A 1 25  ASP 25  25  25  ASP ASP A . n 
A 1 26  ASN 26  26  26  ASN ASN A . n 
A 1 27  TYR 27  27  27  TYR TYR A . n 
A 1 28  VAL 28  28  28  VAL VAL A . n 
A 1 29  TYR 29  29  29  TYR TYR A . n 
A 1 30  GLY 30  30  30  GLY GLY A . n 
A 1 31  ILE 31  31  31  ILE ILE A . n 
A 1 32  ILE 32  32  32  ILE ILE A . n 
A 1 33  LYS 33  33  33  LYS LYS A . n 
A 1 34  GLN 34  34  34  GLN GLN A . n 
A 1 35  VAL 35  35  35  VAL VAL A . n 
A 1 36  LYS 36  36  36  LYS LYS A . n 
A 1 37  GLU 37  37  37  GLU GLU A . n 
A 1 38  ALA 38  38  38  ALA ALA A . n 
A 1 39  SER 39  39  39  SER SER A . n 
A 1 40  ASN 40  40  40  ASN ASN A . n 
A 1 41  GLY 41  41  41  GLY GLY A . n 
A 1 42  GLU 42  42  42  GLU GLU A . n 
A 1 43  MET 43  43  43  MET MET A . n 
A 1 44  GLU 44  44  44  GLU GLU A . n 
A 1 45  LEU 45  45  45  LEU LEU A . n 
A 1 46  ASN 46  46  46  ASN ASN A . n 
A 1 47  GLU 47  47  47  GLU GLU A . n 
A 1 48  ALA 48  48  48  ALA ALA A . n 
A 1 49  THR 49  49  49  THR THR A . n 
A 1 50  LEU 50  50  50  LEU LEU A . n 
A 1 51  TYR 51  51  51  TYR TYR A . n 
A 1 52  THR 52  52  52  THR THR A . n 
A 1 53  ILE 53  53  53  ILE ILE A . n 
A 1 54  PHE 54  54  54  PHE PHE A . n 
A 1 55  LYS 55  55  55  LYS LYS A . n 
A 1 56  ARG 56  56  56  ARG ARG A . n 
A 1 57  LEU 57  57  57  LEU LEU A . n 
A 1 58  GLU 58  58  58  GLU GLU A . n 
A 1 59  LYS 59  59  59  LYS LYS A . n 
A 1 60  ASP 60  60  60  ASP ASP A . n 
A 1 61  GLY 61  61  61  GLY GLY A . n 
A 1 62  ILE 62  62  62  ILE ILE A . n 
A 1 63  ILE 63  63  63  ILE ILE A . n 
A 1 64  SER 64  64  64  SER SER A . n 
A 1 65  SER 65  65  65  SER SER A . n 
A 1 66  TYR 66  66  66  TYR TYR A . n 
A 1 67  TRP 67  67  67  TRP TRP A . n 
A 1 68  GLY 68  68  68  GLY GLY A . n 
A 1 69  ASP 69  69  69  ASP ASP A . n 
A 1 70  GLU 70  70  ?   ?   ?   A . n 
A 1 71  SER 71  71  ?   ?   ?   A . n 
A 1 72  GLN 72  72  ?   ?   ?   A . n 
A 1 73  GLY 73  73  ?   ?   ?   A . n 
A 1 74  GLY 74  74  74  GLY GLY A . n 
A 1 75  ARG 75  75  75  ARG ARG A . n 
A 1 76  ARG 76  76  76  ARG ARG A . n 
A 1 77  LYS 77  77  77  LYS LYS A . n 
A 1 78  TYR 78  78  78  TYR TYR A . n 
A 1 79  TYR 79  79  79  TYR TYR A . n 
A 1 80  ARG 80  80  80  ARG ARG A . n 
A 1 81  LEU 81  81  81  LEU LEU A . n 
A 1 82  THR 82  82  82  THR THR A . n 
A 1 83  GLU 83  83  83  GLU GLU A . n 
A 1 84  ILE 84  84  84  ILE ILE A . n 
A 1 85  GLY 85  85  85  GLY GLY A . n 
A 1 86  HIS 86  86  86  HIS HIS A . n 
A 1 87  GLU 87  87  87  GLU GLU A . n 
A 1 88  ASN 88  88  88  ASN ASN A . n 
A 1 89  MET 89  89  89  MET MET A . n 
A 1 90  ARG 90  90  90  ARG ARG A . n 
A 1 91  LEU 91  91  91  LEU LEU A . n 
A 1 92  ALA 92  92  92  ALA ALA A . n 
A 1 93  PHE 93  93  93  PHE PHE A . n 
A 1 94  GLU 94  94  94  GLU GLU A . n 
A 1 95  SER 95  95  95  SER SER A . n 
A 1 96  TRP 96  96  96  TRP TRP A . n 
A 1 97  SER 97  97  97  SER SER A . n 
A 1 98  ARG 98  98  98  ARG ARG A . n 
A 1 99  VAL 99  99  99  VAL VAL A . n 
A 1 100 ASP 100 100 100 ASP ASP A . n 
A 1 101 LYS 101 101 101 LYS LYS A . n 
A 1 102 ILE 102 102 102 ILE ILE A . n 
A 1 103 ILE 103 103 103 ILE ILE A . n 
A 1 104 GLU 104 104 104 GLU GLU A . n 
A 1 105 ASN 105 105 105 ASN ASN A . n 
A 1 106 LEU 106 106 106 LEU LEU A . n 
A 1 107 GLU 107 107 107 GLU GLU A . n 
A 1 108 ALA 108 108 108 ALA ALA A . n 
A 1 109 ASN 109 109 ?   ?   ?   A . n 
A 1 110 LYS 110 110 ?   ?   ?   A . n 
A 1 111 LYS 111 111 ?   ?   ?   A . n 
A 1 112 SER 112 112 ?   ?   ?   A . n 
A 1 113 GLU 113 113 ?   ?   ?   A . n 
A 1 114 ALA 114 114 ?   ?   ?   A . n 
A 1 115 ILE 115 115 ?   ?   ?   A . n 
A 1 116 LYS 116 116 ?   ?   ?   A . n 
A 1 117 SER 117 117 ?   ?   ?   A . n 
A 1 118 ARG 118 118 ?   ?   ?   A . n 
A 1 119 TRP 119 119 ?   ?   ?   A . n 
A 1 120 SER 120 120 ?   ?   ?   A . n 
A 1 121 HIS 121 121 ?   ?   ?   A . n 
A 1 122 PRO 122 122 ?   ?   ?   A . n 
A 1 123 GLN 123 123 ?   ?   ?   A . n 
A 1 124 PHE 124 124 ?   ?   ?   A . n 
A 1 125 GLU 125 125 ?   ?   ?   A . n 
A 1 126 LYS 126 126 ?   ?   ?   A . n 
# 
loop_
_pdbx_nonpoly_scheme.asym_id 
_pdbx_nonpoly_scheme.entity_id 
_pdbx_nonpoly_scheme.mon_id 
_pdbx_nonpoly_scheme.ndb_seq_num 
_pdbx_nonpoly_scheme.pdb_seq_num 
_pdbx_nonpoly_scheme.auth_seq_num 
_pdbx_nonpoly_scheme.pdb_mon_id 
_pdbx_nonpoly_scheme.auth_mon_id 
_pdbx_nonpoly_scheme.pdb_strand_id 
_pdbx_nonpoly_scheme.pdb_ins_code 
B 2 PHN 1  201 1  PHN PHN A . 
C 3 CU  1  202 2  CU  CU  A . 
D 4 HOH 1  301 15 HOH HOH A . 
D 4 HOH 2  302 14 HOH HOH A . 
D 4 HOH 3  303 20 HOH HOH A . 
D 4 HOH 4  304 16 HOH HOH A . 
D 4 HOH 5  305 3  HOH HOH A . 
D 4 HOH 6  306 22 HOH HOH A . 
D 4 HOH 7  307 11 HOH HOH A . 
D 4 HOH 8  308 9  HOH HOH A . 
D 4 HOH 9  309 5  HOH HOH A . 
D 4 HOH 10 310 1  HOH HOH A . 
D 4 HOH 11 311 2  HOH HOH A . 
D 4 HOH 12 312 21 HOH HOH A . 
D 4 HOH 13 313 13 HOH HOH A . 
D 4 HOH 14 314 8  HOH HOH A . 
D 4 HOH 15 315 10 HOH HOH A . 
D 4 HOH 16 316 6  HOH HOH A . 
D 4 HOH 17 317 19 HOH HOH A . 
D 4 HOH 18 318 4  HOH HOH A . 
D 4 HOH 19 319 7  HOH HOH A . 
D 4 HOH 20 320 17 HOH HOH A . 
D 4 HOH 21 321 18 HOH HOH A . 
D 4 HOH 22 322 12 HOH HOH A . 
# 
loop_
_software.citation_id 
_software.classification 
_software.compiler_name 
_software.compiler_version 
_software.contact_author 
_software.contact_author_email 
_software.date 
_software.description 
_software.dependencies 
_software.hardware 
_software.language 
_software.location 
_software.mods 
_software.name 
_software.os 
_software.os_version 
_software.type 
_software.version 
_software.pdbx_ordinal 
? refinement        ? ? ? ? ? ? ? ? ? ? ? PHENIX      ? ? ? 1.14rc1_3161 1 
? 'data reduction'  ? ? ? ? ? ? ? ? ? ? ? XDS         ? ? ? .            2 
? 'data scaling'    ? ? ? ? ? ? ? ? ? ? ? Aimless     ? ? ? 0.5.27       3 
? 'data extraction' ? ? ? ? ? ? ? ? ? ? ? PDB_EXTRACT ? ? ? 3.24         4 
? phasing           ? ? ? ? ? ? ? ? ? ? ? PHASER      ? ? ? .            5 
# 
_cell.angle_alpha                  90.000 
_cell.angle_alpha_esd              ? 
_cell.angle_beta                   90.000 
_cell.angle_beta_esd               ? 
_cell.angle_gamma                  90.000 
_cell.angle_gamma_esd              ? 
_cell.entry_id                     6R1L 
_cell.details                      ? 
_cell.formula_units_Z              ? 
_cell.length_a                     34.851 
_cell.length_a_esd                 ? 
_cell.length_b                     34.851 
_cell.length_b_esd                 ? 
_cell.length_c                     177.469 
_cell.length_c_esd                 ? 
_cell.volume                       ? 
_cell.volume_esd                   ? 
_cell.Z_PDB                        8 
_cell.reciprocal_angle_alpha       ? 
_cell.reciprocal_angle_beta        ? 
_cell.reciprocal_angle_gamma       ? 
_cell.reciprocal_angle_alpha_esd   ? 
_cell.reciprocal_angle_beta_esd    ? 
_cell.reciprocal_angle_gamma_esd   ? 
_cell.reciprocal_length_a          ? 
_cell.reciprocal_length_b          ? 
_cell.reciprocal_length_c          ? 
_cell.reciprocal_length_a_esd      ? 
_cell.reciprocal_length_b_esd      ? 
_cell.reciprocal_length_c_esd      ? 
_cell.pdbx_unique_axis             ? 
# 
_symmetry.entry_id                         6R1L 
_symmetry.cell_setting                     ? 
_symmetry.Int_Tables_number                96 
_symmetry.space_group_name_Hall            ? 
_symmetry.space_group_name_H-M             'P 43 21 2' 
_symmetry.pdbx_full_space_group_name_H-M   ? 
# 
_exptl.absorpt_coefficient_mu     ? 
_exptl.absorpt_correction_T_max   ? 
_exptl.absorpt_correction_T_min   ? 
_exptl.absorpt_correction_type    ? 
_exptl.absorpt_process_details    ? 
_exptl.entry_id                   6R1L 
_exptl.crystals_number            1 
_exptl.details                    ? 
_exptl.method                     'X-RAY DIFFRACTION' 
_exptl.method_details             ? 
# 
_exptl_crystal.colour                      ? 
_exptl_crystal.density_diffrn              ? 
_exptl_crystal.density_Matthews            2.30 
_exptl_crystal.density_method              ? 
_exptl_crystal.density_percent_sol         46.45 
_exptl_crystal.description                 ? 
_exptl_crystal.F_000                       ? 
_exptl_crystal.id                          1 
_exptl_crystal.preparation                 ? 
_exptl_crystal.size_max                    ? 
_exptl_crystal.size_mid                    ? 
_exptl_crystal.size_min                    ? 
_exptl_crystal.size_rad                    ? 
_exptl_crystal.colour_lustre               ? 
_exptl_crystal.colour_modifier             ? 
_exptl_crystal.colour_primary              ? 
_exptl_crystal.density_meas                ? 
_exptl_crystal.density_meas_esd            ? 
_exptl_crystal.density_meas_gt             ? 
_exptl_crystal.density_meas_lt             ? 
_exptl_crystal.density_meas_temp           ? 
_exptl_crystal.density_meas_temp_esd       ? 
_exptl_crystal.density_meas_temp_gt        ? 
_exptl_crystal.density_meas_temp_lt        ? 
_exptl_crystal.pdbx_crystal_image_url      ? 
_exptl_crystal.pdbx_crystal_image_format   ? 
_exptl_crystal.pdbx_mosaicity              ? 
_exptl_crystal.pdbx_mosaicity_esd          ? 
# 
_exptl_crystal_grow.apparatus       ? 
_exptl_crystal_grow.atmosphere      ? 
_exptl_crystal_grow.crystal_id      1 
_exptl_crystal_grow.details         ? 
_exptl_crystal_grow.method          'VAPOR DIFFUSION, HANGING DROP' 
_exptl_crystal_grow.method_ref      ? 
_exptl_crystal_grow.pH              6.5 
_exptl_crystal_grow.pressure        ? 
_exptl_crystal_grow.pressure_esd    ? 
_exptl_crystal_grow.seeding         ? 
_exptl_crystal_grow.seeding_ref     ? 
_exptl_crystal_grow.temp            291 
_exptl_crystal_grow.temp_details    ? 
_exptl_crystal_grow.temp_esd        ? 
_exptl_crystal_grow.time            ? 
_exptl_crystal_grow.pdbx_details    '100 mM cacodylate, 300 mM sodium acetate, 25% PEG 200 MME, 5 mM Cu-phenanthroline' 
_exptl_crystal_grow.pdbx_pH_range   ? 
# 
_diffrn.ambient_environment              ? 
_diffrn.ambient_temp                     100 
_diffrn.ambient_temp_details             ? 
_diffrn.ambient_temp_esd                 ? 
_diffrn.crystal_id                       1 
_diffrn.crystal_support                  ? 
_diffrn.crystal_treatment                ? 
_diffrn.details                          ? 
_diffrn.id                               1 
_diffrn.ambient_pressure                 ? 
_diffrn.ambient_pressure_esd             ? 
_diffrn.ambient_pressure_gt              ? 
_diffrn.ambient_pressure_lt              ? 
_diffrn.ambient_temp_gt                  ? 
_diffrn.ambient_temp_lt                  ? 
_diffrn.pdbx_serial_crystal_experiment   N 
# 
_diffrn_detector.details                      ? 
_diffrn_detector.detector                     PIXEL 
_diffrn_detector.diffrn_id                    1 
_diffrn_detector.type                         'DECTRIS PILATUS3 2M' 
_diffrn_detector.area_resol_mean              ? 
_diffrn_detector.dtime                        ? 
_diffrn_detector.pdbx_frames_total            ? 
_diffrn_detector.pdbx_collection_time_total   ? 
_diffrn_detector.pdbx_collection_date         2016-06-09 
_diffrn_detector.pdbx_frequency               ? 
# 
_diffrn_radiation.collimation                      ? 
_diffrn_radiation.diffrn_id                        1 
_diffrn_radiation.filter_edge                      ? 
_diffrn_radiation.inhomogeneity                    ? 
_diffrn_radiation.monochromator                    ? 
_diffrn_radiation.polarisn_norm                    ? 
_diffrn_radiation.polarisn_ratio                   ? 
_diffrn_radiation.probe                            ? 
_diffrn_radiation.type                             ? 
_diffrn_radiation.xray_symbol                      ? 
_diffrn_radiation.wavelength_id                    1 
_diffrn_radiation.pdbx_monochromatic_or_laue_m_l   M 
_diffrn_radiation.pdbx_wavelength_list             ? 
_diffrn_radiation.pdbx_wavelength                  ? 
_diffrn_radiation.pdbx_diffrn_protocol             'SINGLE WAVELENGTH' 
_diffrn_radiation.pdbx_analyzer                    ? 
_diffrn_radiation.pdbx_scattering_type             x-ray 
# 
_diffrn_radiation_wavelength.id           1 
_diffrn_radiation_wavelength.wavelength   0.9660 
_diffrn_radiation_wavelength.wt           1.0 
# 
_diffrn_source.current                     ? 
_diffrn_source.details                     ? 
_diffrn_source.diffrn_id                   1 
_diffrn_source.power                       ? 
_diffrn_source.size                        ? 
_diffrn_source.source                      SYNCHROTRON 
_diffrn_source.target                      ? 
_diffrn_source.type                        'ESRF BEAMLINE ID23-2' 
_diffrn_source.voltage                     ? 
_diffrn_source.take-off_angle              ? 
_diffrn_source.pdbx_wavelength_list        0.9660 
_diffrn_source.pdbx_wavelength             ? 
_diffrn_source.pdbx_synchrotron_beamline   ID23-2 
_diffrn_source.pdbx_synchrotron_site       ESRF 
# 
_reflns.B_iso_Wilson_estimate            ? 
_reflns.entry_id                         6R1L 
_reflns.data_reduction_details           ? 
_reflns.data_reduction_method            ? 
_reflns.d_resolution_high                2.090 
_reflns.d_resolution_low                 34.850 
_reflns.details                          ? 
_reflns.limit_h_max                      ? 
_reflns.limit_h_min                      ? 
_reflns.limit_k_max                      ? 
_reflns.limit_k_min                      ? 
_reflns.limit_l_max                      ? 
_reflns.limit_l_min                      ? 
_reflns.number_all                       ? 
_reflns.number_obs                       7167 
_reflns.observed_criterion               ? 
_reflns.observed_criterion_F_max         ? 
_reflns.observed_criterion_F_min         ? 
_reflns.observed_criterion_I_max         ? 
_reflns.observed_criterion_I_min         ? 
_reflns.observed_criterion_sigma_F       ? 
_reflns.observed_criterion_sigma_I       ? 
_reflns.percent_possible_obs             99.800 
_reflns.R_free_details                   ? 
_reflns.Rmerge_F_all                     ? 
_reflns.Rmerge_F_obs                     ? 
_reflns.Friedel_coverage                 ? 
_reflns.number_gt                        ? 
_reflns.threshold_expression             ? 
_reflns.pdbx_redundancy                  9.200 
_reflns.pdbx_Rmerge_I_obs                0.092 
_reflns.pdbx_Rmerge_I_all                ? 
_reflns.pdbx_Rsym_value                  ? 
_reflns.pdbx_netI_over_av_sigmaI         ? 
_reflns.pdbx_netI_over_sigmaI            14.800 
_reflns.pdbx_res_netI_over_av_sigmaI_2   ? 
_reflns.pdbx_res_netI_over_sigmaI_2      ? 
_reflns.pdbx_chi_squared                 ? 
_reflns.pdbx_scaling_rejects             ? 
_reflns.pdbx_d_res_high_opt              ? 
_reflns.pdbx_d_res_low_opt               ? 
_reflns.pdbx_d_res_opt_method            ? 
_reflns.phase_calculation_details        ? 
_reflns.pdbx_Rrim_I_all                  0.097 
_reflns.pdbx_Rpim_I_all                  0.032 
_reflns.pdbx_d_opt                       ? 
_reflns.pdbx_number_measured_all         ? 
_reflns.pdbx_diffrn_id                   1 
_reflns.pdbx_ordinal                     1 
_reflns.pdbx_CC_half                     0.998 
_reflns.pdbx_R_split                     ? 
# 
loop_
_reflns_shell.d_res_high 
_reflns_shell.d_res_low 
_reflns_shell.meanI_over_sigI_all 
_reflns_shell.meanI_over_sigI_obs 
_reflns_shell.number_measured_all 
_reflns_shell.number_measured_obs 
_reflns_shell.number_possible 
_reflns_shell.number_unique_all 
_reflns_shell.number_unique_obs 
_reflns_shell.percent_possible_all 
_reflns_shell.percent_possible_obs 
_reflns_shell.Rmerge_F_all 
_reflns_shell.Rmerge_F_obs 
_reflns_shell.Rmerge_I_all 
_reflns_shell.Rmerge_I_obs 
_reflns_shell.meanI_over_sigI_gt 
_reflns_shell.meanI_over_uI_all 
_reflns_shell.meanI_over_uI_gt 
_reflns_shell.number_measured_gt 
_reflns_shell.number_unique_gt 
_reflns_shell.percent_possible_gt 
_reflns_shell.Rmerge_F_gt 
_reflns_shell.Rmerge_I_gt 
_reflns_shell.pdbx_redundancy 
_reflns_shell.pdbx_Rsym_value 
_reflns_shell.pdbx_chi_squared 
_reflns_shell.pdbx_netI_over_sigmaI_all 
_reflns_shell.pdbx_netI_over_sigmaI_obs 
_reflns_shell.pdbx_Rrim_I_all 
_reflns_shell.pdbx_Rpim_I_all 
_reflns_shell.pdbx_rejects 
_reflns_shell.pdbx_ordinal 
_reflns_shell.pdbx_diffrn_id 
_reflns_shell.pdbx_CC_half 
_reflns_shell.pdbx_R_split 
2.090 2.160  ? ? ? ? ? ? 556 98.300 ? ? ? ? 0.932 ? ? ? ? ? ? ? ? 9.400 ? ? ? ? 0.984 0.312 ? 1 1 0.811 ? 
8.890 34.850 ? ? ? ? ? ? 135 99.700 ? ? ? ? 0.050 ? ? ? ? ? ? ? ? 6.700 ? ? ? ? 0.054 0.019 ? 2 1 0.999 ? 
# 
_refine.aniso_B[1][1]                            ? 
_refine.aniso_B[1][2]                            ? 
_refine.aniso_B[1][3]                            ? 
_refine.aniso_B[2][2]                            ? 
_refine.aniso_B[2][3]                            ? 
_refine.aniso_B[3][3]                            ? 
_refine.B_iso_max                                95.080 
_refine.B_iso_mean                               45.1711 
_refine.B_iso_min                                20.730 
_refine.correlation_coeff_Fo_to_Fc               ? 
_refine.correlation_coeff_Fo_to_Fc_free          ? 
_refine.details                                  ? 
_refine.diff_density_max                         ? 
_refine.diff_density_max_esd                     ? 
_refine.diff_density_min                         ? 
_refine.diff_density_min_esd                     ? 
_refine.diff_density_rms                         ? 
_refine.diff_density_rms_esd                     ? 
_refine.entry_id                                 6R1L 
_refine.pdbx_refine_id                           'X-RAY DIFFRACTION' 
_refine.ls_abs_structure_details                 ? 
_refine.ls_abs_structure_Flack                   ? 
_refine.ls_abs_structure_Flack_esd               ? 
_refine.ls_abs_structure_Rogers                  ? 
_refine.ls_abs_structure_Rogers_esd              ? 
_refine.ls_d_res_high                            2.0950 
_refine.ls_d_res_low                             34.1980 
_refine.ls_extinction_coef                       ? 
_refine.ls_extinction_coef_esd                   ? 
_refine.ls_extinction_expression                 ? 
_refine.ls_extinction_method                     ? 
_refine.ls_goodness_of_fit_all                   ? 
_refine.ls_goodness_of_fit_all_esd               ? 
_refine.ls_goodness_of_fit_obs                   ? 
_refine.ls_goodness_of_fit_obs_esd               ? 
_refine.ls_hydrogen_treatment                    ? 
_refine.ls_matrix_type                           ? 
_refine.ls_number_constraints                    ? 
_refine.ls_number_parameters                     ? 
_refine.ls_number_reflns_all                     ? 
_refine.ls_number_reflns_obs                     12273 
_refine.ls_number_reflns_R_free                  1232 
_refine.ls_number_reflns_R_work                  ? 
_refine.ls_number_restraints                     ? 
_refine.ls_percent_reflns_obs                    99.8000 
_refine.ls_percent_reflns_R_free                 10.0400 
_refine.ls_R_factor_all                          ? 
_refine.ls_R_factor_obs                          0.2063 
_refine.ls_R_factor_R_free                       0.2484 
_refine.ls_R_factor_R_free_error                 ? 
_refine.ls_R_factor_R_free_error_details         ? 
_refine.ls_R_factor_R_work                       0.2012 
_refine.ls_R_Fsqd_factor_obs                     ? 
_refine.ls_R_I_factor_obs                        ? 
_refine.ls_redundancy_reflns_all                 ? 
_refine.ls_redundancy_reflns_obs                 ? 
_refine.ls_restrained_S_all                      ? 
_refine.ls_restrained_S_obs                      ? 
_refine.ls_shift_over_esd_max                    ? 
_refine.ls_shift_over_esd_mean                   ? 
_refine.ls_structure_factor_coef                 ? 
_refine.ls_weighting_details                     ? 
_refine.ls_weighting_scheme                      ? 
_refine.ls_wR_factor_all                         ? 
_refine.ls_wR_factor_obs                         ? 
_refine.ls_wR_factor_R_free                      ? 
_refine.ls_wR_factor_R_work                      ? 
_refine.occupancy_max                            ? 
_refine.occupancy_min                            ? 
_refine.solvent_model_details                    ? 
_refine.solvent_model_param_bsol                 ? 
_refine.solvent_model_param_ksol                 ? 
_refine.ls_R_factor_gt                           ? 
_refine.ls_goodness_of_fit_gt                    ? 
_refine.ls_goodness_of_fit_ref                   ? 
_refine.ls_shift_over_su_max                     ? 
_refine.ls_shift_over_su_max_lt                  ? 
_refine.ls_shift_over_su_mean                    ? 
_refine.ls_shift_over_su_mean_lt                 ? 
_refine.pdbx_ls_sigma_I                          ? 
_refine.pdbx_ls_sigma_F                          0.650 
_refine.pdbx_ls_sigma_Fsqd                       ? 
_refine.pdbx_data_cutoff_high_absF               ? 
_refine.pdbx_data_cutoff_high_rms_absF           ? 
_refine.pdbx_data_cutoff_low_absF                ? 
_refine.pdbx_isotropic_thermal_model             ? 
_refine.pdbx_ls_cross_valid_method               THROUGHOUT 
_refine.pdbx_method_to_determine_struct          'MOLECULAR REPLACEMENT' 
_refine.pdbx_starting_model                      'PDB entry 3F8C' 
_refine.pdbx_stereochemistry_target_values       ? 
_refine.pdbx_R_Free_selection_details            ? 
_refine.pdbx_stereochem_target_val_spec_case     ? 
_refine.pdbx_overall_ESU_R                       ? 
_refine.pdbx_overall_ESU_R_Free                  ? 
_refine.pdbx_solvent_vdw_probe_radii             1.1100 
_refine.pdbx_solvent_ion_probe_radii             ? 
_refine.pdbx_solvent_shrinkage_radii             0.9000 
_refine.pdbx_real_space_R                        ? 
_refine.pdbx_density_correlation                 ? 
_refine.pdbx_pd_number_of_powder_patterns        ? 
_refine.pdbx_pd_number_of_points                 ? 
_refine.pdbx_pd_meas_number_of_points            ? 
_refine.pdbx_pd_proc_ls_prof_R_factor            ? 
_refine.pdbx_pd_proc_ls_prof_wR_factor           ? 
_refine.pdbx_pd_Marquardt_correlation_coeff      ? 
_refine.pdbx_pd_Fsqrd_R_factor                   ? 
_refine.pdbx_pd_ls_matrix_band_width             ? 
_refine.pdbx_overall_phase_error                 25.4400 
_refine.pdbx_overall_SU_R_free_Cruickshank_DPI   ? 
_refine.pdbx_overall_SU_R_free_Blow_DPI          ? 
_refine.pdbx_overall_SU_R_Blow_DPI               ? 
_refine.pdbx_TLS_residual_ADP_flag               ? 
_refine.pdbx_diffrn_id                           1 
_refine.overall_SU_B                             ? 
_refine.overall_SU_ML                            0.2700 
_refine.overall_SU_R_Cruickshank_DPI             ? 
_refine.overall_SU_R_free                        ? 
_refine.overall_FOM_free_R_set                   ? 
_refine.overall_FOM_work_R_set                   ? 
_refine.pdbx_average_fsc_overall                 ? 
_refine.pdbx_average_fsc_work                    ? 
_refine.pdbx_average_fsc_free                    ? 
# 
_refine_hist.pdbx_refine_id                   'X-RAY DIFFRACTION' 
_refine_hist.cycle_id                         final 
_refine_hist.details                          ? 
_refine_hist.d_res_high                       2.0950 
_refine_hist.d_res_low                        34.1980 
_refine_hist.number_atoms_solvent             22 
_refine_hist.number_atoms_total               861 
_refine_hist.number_reflns_all                ? 
_refine_hist.number_reflns_obs                ? 
_refine_hist.number_reflns_R_free             ? 
_refine_hist.number_reflns_R_work             ? 
_refine_hist.R_factor_all                     ? 
_refine_hist.R_factor_obs                     ? 
_refine_hist.R_factor_R_free                  ? 
_refine_hist.R_factor_R_work                  ? 
_refine_hist.pdbx_number_residues_total       100 
_refine_hist.pdbx_B_iso_mean_ligand           70.05 
_refine_hist.pdbx_B_iso_mean_solvent          43.12 
_refine_hist.pdbx_number_atoms_protein        824 
_refine_hist.pdbx_number_atoms_nucleic_acid   0 
_refine_hist.pdbx_number_atoms_ligand         15 
_refine_hist.pdbx_number_atoms_lipid          ? 
_refine_hist.pdbx_number_atoms_carb           ? 
_refine_hist.pdbx_pseudo_atom_details         ? 
# 
loop_
_refine_ls_shell.pdbx_refine_id 
_refine_ls_shell.d_res_high 
_refine_ls_shell.d_res_low 
_refine_ls_shell.number_reflns_all 
_refine_ls_shell.number_reflns_obs 
_refine_ls_shell.number_reflns_R_free 
_refine_ls_shell.number_reflns_R_work 
_refine_ls_shell.percent_reflns_obs 
_refine_ls_shell.percent_reflns_R_free 
_refine_ls_shell.R_factor_all 
_refine_ls_shell.R_factor_obs 
_refine_ls_shell.R_factor_R_free 
_refine_ls_shell.R_factor_R_free_error 
_refine_ls_shell.R_factor_R_work 
_refine_ls_shell.redundancy_reflns_all 
_refine_ls_shell.redundancy_reflns_obs 
_refine_ls_shell.wR_factor_all 
_refine_ls_shell.wR_factor_obs 
_refine_ls_shell.wR_factor_R_free 
_refine_ls_shell.wR_factor_R_work 
_refine_ls_shell.pdbx_total_number_of_bins_used 
_refine_ls_shell.pdbx_phase_error 
_refine_ls_shell.pdbx_fsc_work 
_refine_ls_shell.pdbx_fsc_free 
'X-RAY DIFFRACTION' 2.0952 2.1791  1372 . 137 1235 98.0000  . . . 0.3068 0.0000 0.2702 . . . . . . 9 . . . 
'X-RAY DIFFRACTION' 2.1791 2.2782  1342 . 130 1212 100.0000 . . . 0.2955 0.0000 0.2356 . . . . . . 9 . . . 
'X-RAY DIFFRACTION' 2.2782 2.3983  1352 . 134 1218 100.0000 . . . 0.2936 0.0000 0.2398 . . . . . . 9 . . . 
'X-RAY DIFFRACTION' 2.3983 2.5485  1364 . 146 1218 100.0000 . . . 0.3207 0.0000 0.2339 . . . . . . 9 . . . 
'X-RAY DIFFRACTION' 2.5485 2.7452  1393 . 141 1252 100.0000 . . . 0.2468 0.0000 0.2193 . . . . . . 9 . . . 
'X-RAY DIFFRACTION' 2.7452 3.0213  1347 . 138 1209 100.0000 . . . 0.2928 0.0000 0.2077 . . . . . . 9 . . . 
'X-RAY DIFFRACTION' 3.0213 3.4581  1381 . 133 1248 100.0000 . . . 0.2415 0.0000 0.2017 . . . . . . 9 . . . 
'X-RAY DIFFRACTION' 3.4581 4.3555  1369 . 141 1228 100.0000 . . . 0.2068 0.0000 0.1730 . . . . . . 9 . . . 
'X-RAY DIFFRACTION' 4.3555 34.2024 1353 . 132 1221 100.0000 . . . 0.2306 0.0000 0.1858 . . . . . . 9 . . . 
# 
_struct.entry_id                     6R1L 
_struct.title                        'Crystal structure of LmrR with bound copper phenanthroline' 
_struct.pdbx_model_details           ? 
_struct.pdbx_formula_weight          ? 
_struct.pdbx_formula_weight_method   ? 
_struct.pdbx_model_type_details      ? 
_struct.pdbx_CASP_flag               N 
# 
_struct_keywords.entry_id        6R1L 
_struct_keywords.text            
'PadR family, transcriptional regulator, artificial metalloenzyme, phenanthroline, DNA BINDING PROTEIN' 
_struct_keywords.pdbx_keywords   'DNA BINDING PROTEIN' 
# 
loop_
_struct_asym.id 
_struct_asym.pdbx_blank_PDB_chainid_flag 
_struct_asym.pdbx_modified 
_struct_asym.entity_id 
_struct_asym.details 
A N N 1 ? 
B N N 2 ? 
C N N 3 ? 
D N N 4 ? 
# 
_struct_ref.id                         1 
_struct_ref.db_name                    UNP 
_struct_ref.db_code                    A2RI36_LACLM 
_struct_ref.pdbx_db_accession          A2RI36 
_struct_ref.pdbx_db_isoform            ? 
_struct_ref.entity_id                  1 
_struct_ref.pdbx_seq_one_letter_code   
;MAEIPKEMLRAQTNVILLNVLKQGDNYVYGIIKQVKEASNGEMELNEATLYTIFKRLEKDGIISSYWGDESQGGRRKYYR
LTEIGHENMRLAFESWSRVDKIIENLEANKKSEAIK
;
_struct_ref.pdbx_align_begin           1 
# 
_struct_ref_seq.align_id                      1 
_struct_ref_seq.ref_id                        1 
_struct_ref_seq.pdbx_PDB_id_code              6R1L 
_struct_ref_seq.pdbx_strand_id                A 
_struct_ref_seq.seq_align_beg                 1 
_struct_ref_seq.pdbx_seq_align_beg_ins_code   ? 
_struct_ref_seq.seq_align_end                 116 
_struct_ref_seq.pdbx_seq_align_end_ins_code   ? 
_struct_ref_seq.pdbx_db_accession             A2RI36 
_struct_ref_seq.db_align_beg                  1 
_struct_ref_seq.pdbx_db_align_beg_ins_code    ? 
_struct_ref_seq.db_align_end                  116 
_struct_ref_seq.pdbx_db_align_end_ins_code    ? 
_struct_ref_seq.pdbx_auth_seq_align_beg       1 
_struct_ref_seq.pdbx_auth_seq_align_end       116 
# 
loop_
_struct_ref_seq_dif.align_id 
_struct_ref_seq_dif.pdbx_pdb_id_code 
_struct_ref_seq_dif.mon_id 
_struct_ref_seq_dif.pdbx_pdb_strand_id 
_struct_ref_seq_dif.seq_num 
_struct_ref_seq_dif.pdbx_pdb_ins_code 
_struct_ref_seq_dif.pdbx_seq_db_name 
_struct_ref_seq_dif.pdbx_seq_db_accession_code 
_struct_ref_seq_dif.db_mon_id 
_struct_ref_seq_dif.pdbx_seq_db_seq_num 
_struct_ref_seq_dif.details 
_struct_ref_seq_dif.pdbx_auth_seq_num 
_struct_ref_seq_dif.pdbx_ordinal 
1 6R1L SER A 117 ? UNP A2RI36 ? ? 'expression tag' 117 1  
1 6R1L ARG A 118 ? UNP A2RI36 ? ? 'expression tag' 118 2  
1 6R1L TRP A 119 ? UNP A2RI36 ? ? 'expression tag' 119 3  
1 6R1L SER A 120 ? UNP A2RI36 ? ? 'expression tag' 120 4  
1 6R1L HIS A 121 ? UNP A2RI36 ? ? 'expression tag' 121 5  
1 6R1L PRO A 122 ? UNP A2RI36 ? ? 'expression tag' 122 6  
1 6R1L GLN A 123 ? UNP A2RI36 ? ? 'expression tag' 123 7  
1 6R1L PHE A 124 ? UNP A2RI36 ? ? 'expression tag' 124 8  
1 6R1L GLU A 125 ? UNP A2RI36 ? ? 'expression tag' 125 9  
1 6R1L LYS A 126 ? UNP A2RI36 ? ? 'expression tag' 126 10 
# 
_pdbx_struct_assembly.id                   1 
_pdbx_struct_assembly.details              author_and_software_defined_assembly 
_pdbx_struct_assembly.method_details       PISA 
_pdbx_struct_assembly.oligomeric_details   dimeric 
_pdbx_struct_assembly.oligomeric_count     2 
# 
loop_
_pdbx_struct_assembly_prop.biol_id 
_pdbx_struct_assembly_prop.type 
_pdbx_struct_assembly_prop.value 
_pdbx_struct_assembly_prop.details 
1 'ABSA (A^2)' 3920  ? 
1 MORE         -48   ? 
1 'SSA (A^2)'  11940 ? 
# 
_pdbx_struct_assembly_gen.assembly_id       1 
_pdbx_struct_assembly_gen.oper_expression   1,2 
_pdbx_struct_assembly_gen.asym_id_list      A,B,C,D 
# 
_pdbx_struct_assembly_auth_evidence.id                     1 
_pdbx_struct_assembly_auth_evidence.assembly_id            1 
_pdbx_struct_assembly_auth_evidence.experimental_support   'gel filtration' 
_pdbx_struct_assembly_auth_evidence.details                ? 
# 
loop_
_pdbx_struct_oper_list.id 
_pdbx_struct_oper_list.type 
_pdbx_struct_oper_list.name 
_pdbx_struct_oper_list.symmetry_operation 
_pdbx_struct_oper_list.matrix[1][1] 
_pdbx_struct_oper_list.matrix[1][2] 
_pdbx_struct_oper_list.matrix[1][3] 
_pdbx_struct_oper_list.vector[1] 
_pdbx_struct_oper_list.matrix[2][1] 
_pdbx_struct_oper_list.matrix[2][2] 
_pdbx_struct_oper_list.matrix[2][3] 
_pdbx_struct_oper_list.vector[2] 
_pdbx_struct_oper_list.matrix[3][1] 
_pdbx_struct_oper_list.matrix[3][2] 
_pdbx_struct_oper_list.matrix[3][3] 
_pdbx_struct_oper_list.vector[3] 
1 'identity operation'         1_555 x,y,z  1.0000000000 0.0000000000  0.0000000000  0.0000000000  0.0000000000  1.0000000000  0.0000000000 0.0000000000  0.0000000000  0.0000000000 1.0000000000  0.0000000000   
2 'crystal symmetry operation' 7_555 y,x,-z 0.2809260185 -0.9386999926 -0.1998071468 -9.4282083642 -0.9386999926 -0.3120932330 0.1464245121 -8.3084256516 -0.1998071468 0.1464245121 -0.9688327855 -21.4092357162 
# 
loop_
_struct_conf.conf_type_id 
_struct_conf.id 
_struct_conf.pdbx_PDB_helix_id 
_struct_conf.beg_label_comp_id 
_struct_conf.beg_label_asym_id 
_struct_conf.beg_label_seq_id 
_struct_conf.pdbx_beg_PDB_ins_code 
_struct_conf.end_label_comp_id 
_struct_conf.end_label_asym_id 
_struct_conf.end_label_seq_id 
_struct_conf.pdbx_end_PDB_ins_code 
_struct_conf.beg_auth_comp_id 
_struct_conf.beg_auth_asym_id 
_struct_conf.beg_auth_seq_id 
_struct_conf.end_auth_comp_id 
_struct_conf.end_auth_asym_id 
_struct_conf.end_auth_seq_id 
_struct_conf.pdbx_PDB_helix_class 
_struct_conf.details 
_struct_conf.pdbx_PDB_helix_length 
HELX_P HELX_P1 AA1 PRO A 5  ? GLN A 23  ? PRO A 5  GLN A 23  1 ? 19 
HELX_P HELX_P2 AA2 VAL A 28 ? SER A 39  ? VAL A 28 SER A 39  1 ? 12 
HELX_P HELX_P3 AA3 ASN A 46 ? ASP A 60  ? ASN A 46 ASP A 60  1 ? 15 
HELX_P HELX_P4 AA4 THR A 82 ? ALA A 108 ? THR A 82 ALA A 108 1 ? 27 
# 
_struct_conf_type.id          HELX_P 
_struct_conf_type.criteria    ? 
_struct_conf_type.reference   ? 
# 
loop_
_struct_conn.id 
_struct_conn.conn_type_id 
_struct_conn.pdbx_leaving_atom_flag 
_struct_conn.pdbx_PDB_id 
_struct_conn.ptnr1_label_asym_id 
_struct_conn.ptnr1_label_comp_id 
_struct_conn.ptnr1_label_seq_id 
_struct_conn.ptnr1_label_atom_id 
_struct_conn.pdbx_ptnr1_label_alt_id 
_struct_conn.pdbx_ptnr1_PDB_ins_code 
_struct_conn.pdbx_ptnr1_standard_comp_id 
_struct_conn.ptnr1_symmetry 
_struct_conn.ptnr2_label_asym_id 
_struct_conn.ptnr2_label_comp_id 
_struct_conn.ptnr2_label_seq_id 
_struct_conn.ptnr2_label_atom_id 
_struct_conn.pdbx_ptnr2_label_alt_id 
_struct_conn.pdbx_ptnr2_PDB_ins_code 
_struct_conn.ptnr1_auth_asym_id 
_struct_conn.ptnr1_auth_comp_id 
_struct_conn.ptnr1_auth_seq_id 
_struct_conn.ptnr2_auth_asym_id 
_struct_conn.ptnr2_auth_comp_id 
_struct_conn.ptnr2_auth_seq_id 
_struct_conn.ptnr2_symmetry 
_struct_conn.pdbx_ptnr3_label_atom_id 
_struct_conn.pdbx_ptnr3_label_seq_id 
_struct_conn.pdbx_ptnr3_label_comp_id 
_struct_conn.pdbx_ptnr3_label_asym_id 
_struct_conn.pdbx_ptnr3_label_alt_id 
_struct_conn.pdbx_ptnr3_PDB_ins_code 
_struct_conn.details 
_struct_conn.pdbx_dist_value 
_struct_conn.pdbx_value_order 
_struct_conn.pdbx_role 
metalc1 metalc ? ? B PHN . N1  ? ? ? 1_555 C CU  . CU ? ? A PHN 201 A CU  202 1_555 ? ? ? ? ? ? ? 2.036 ? ? 
metalc2 metalc ? ? B PHN . N10 ? ? ? 1_555 C CU  . CU ? ? A PHN 201 A CU  202 1_555 ? ? ? ? ? ? ? 2.033 ? ? 
metalc3 metalc ? ? B PHN . N1  ? ? ? 1_555 C CU  . CU ? ? A PHN 201 A CU  202 7_555 ? ? ? ? ? ? ? 2.007 ? ? 
metalc4 metalc ? ? B PHN . N10 ? ? ? 1_555 C CU  . CU ? ? A PHN 201 A CU  202 7_555 ? ? ? ? ? ? ? 2.119 ? ? 
metalc5 metalc ? ? C CU  . CU  ? ? ? 1_555 D HOH . O  ? ? A CU  202 A HOH 306 1_555 ? ? ? ? ? ? ? 2.040 ? ? 
metalc6 metalc ? ? C CU  . CU  ? ? ? 1_555 D HOH . O  ? ? A CU  202 A HOH 306 7_555 ? ? ? ? ? ? ? 2.386 ? ? 
# 
_struct_conn_type.id          metalc 
_struct_conn_type.criteria    ? 
_struct_conn_type.reference   ? 
# 
loop_
_pdbx_struct_conn_angle.id 
_pdbx_struct_conn_angle.ptnr1_label_atom_id 
_pdbx_struct_conn_angle.ptnr1_label_alt_id 
_pdbx_struct_conn_angle.ptnr1_label_asym_id 
_pdbx_struct_conn_angle.ptnr1_label_comp_id 
_pdbx_struct_conn_angle.ptnr1_label_seq_id 
_pdbx_struct_conn_angle.ptnr1_auth_atom_id 
_pdbx_struct_conn_angle.ptnr1_auth_asym_id 
_pdbx_struct_conn_angle.ptnr1_auth_comp_id 
_pdbx_struct_conn_angle.ptnr1_auth_seq_id 
_pdbx_struct_conn_angle.ptnr1_PDB_ins_code 
_pdbx_struct_conn_angle.ptnr1_symmetry 
_pdbx_struct_conn_angle.ptnr2_label_atom_id 
_pdbx_struct_conn_angle.ptnr2_label_alt_id 
_pdbx_struct_conn_angle.ptnr2_label_asym_id 
_pdbx_struct_conn_angle.ptnr2_label_comp_id 
_pdbx_struct_conn_angle.ptnr2_label_seq_id 
_pdbx_struct_conn_angle.ptnr2_auth_atom_id 
_pdbx_struct_conn_angle.ptnr2_auth_asym_id 
_pdbx_struct_conn_angle.ptnr2_auth_comp_id 
_pdbx_struct_conn_angle.ptnr2_auth_seq_id 
_pdbx_struct_conn_angle.ptnr2_PDB_ins_code 
_pdbx_struct_conn_angle.ptnr2_symmetry 
_pdbx_struct_conn_angle.ptnr3_label_atom_id 
_pdbx_struct_conn_angle.ptnr3_label_alt_id 
_pdbx_struct_conn_angle.ptnr3_label_asym_id 
_pdbx_struct_conn_angle.ptnr3_label_comp_id 
_pdbx_struct_conn_angle.ptnr3_label_seq_id 
_pdbx_struct_conn_angle.ptnr3_auth_atom_id 
_pdbx_struct_conn_angle.ptnr3_auth_asym_id 
_pdbx_struct_conn_angle.ptnr3_auth_comp_id 
_pdbx_struct_conn_angle.ptnr3_auth_seq_id 
_pdbx_struct_conn_angle.ptnr3_PDB_ins_code 
_pdbx_struct_conn_angle.ptnr3_symmetry 
_pdbx_struct_conn_angle.value 
_pdbx_struct_conn_angle.value_esd 
1  N1  ? B PHN . ? A PHN 201 ? 1_555 CU ? C CU . ? A CU 202 ? 1_555 N10 ? B PHN . ? A PHN 201 ? 1_555 86.8  ? 
2  N1  ? B PHN . ? A PHN 201 ? 1_555 CU ? C CU . ? A CU 202 ? 1_555 N1  ? B PHN . ? A PHN 201 ? 1_555 0.0   ? 
3  N10 ? B PHN . ? A PHN 201 ? 1_555 CU ? C CU . ? A CU 202 ? 1_555 N1  ? B PHN . ? A PHN 201 ? 1_555 86.8  ? 
4  N1  ? B PHN . ? A PHN 201 ? 1_555 CU ? C CU . ? A CU 202 ? 1_555 N10 ? B PHN . ? A PHN 201 ? 1_555 86.8  ? 
5  N10 ? B PHN . ? A PHN 201 ? 1_555 CU ? C CU . ? A CU 202 ? 1_555 N10 ? B PHN . ? A PHN 201 ? 1_555 0.0   ? 
6  N1  ? B PHN . ? A PHN 201 ? 1_555 CU ? C CU . ? A CU 202 ? 1_555 N10 ? B PHN . ? A PHN 201 ? 1_555 86.8  ? 
7  N1  ? B PHN . ? A PHN 201 ? 1_555 CU ? C CU . ? A CU 202 ? 1_555 O   ? D HOH . ? A HOH 306 ? 1_555 133.2 ? 
8  N10 ? B PHN . ? A PHN 201 ? 1_555 CU ? C CU . ? A CU 202 ? 1_555 O   ? D HOH . ? A HOH 306 ? 1_555 112.3 ? 
9  N1  ? B PHN . ? A PHN 201 ? 1_555 CU ? C CU . ? A CU 202 ? 1_555 O   ? D HOH . ? A HOH 306 ? 1_555 133.2 ? 
10 N10 ? B PHN . ? A PHN 201 ? 1_555 CU ? C CU . ? A CU 202 ? 1_555 O   ? D HOH . ? A HOH 306 ? 1_555 112.3 ? 
11 N1  ? B PHN . ? A PHN 201 ? 1_555 CU ? C CU . ? A CU 202 ? 1_555 O   ? D HOH . ? A HOH 306 ? 7_555 104.3 ? 
12 N10 ? B PHN . ? A PHN 201 ? 1_555 CU ? C CU . ? A CU 202 ? 1_555 O   ? D HOH . ? A HOH 306 ? 7_555 122.5 ? 
13 N1  ? B PHN . ? A PHN 201 ? 1_555 CU ? C CU . ? A CU 202 ? 1_555 O   ? D HOH . ? A HOH 306 ? 7_555 104.3 ? 
14 N10 ? B PHN . ? A PHN 201 ? 1_555 CU ? C CU . ? A CU 202 ? 1_555 O   ? D HOH . ? A HOH 306 ? 7_555 122.5 ? 
15 O   ? D HOH . ? A HOH 306 ? 1_555 CU ? C CU . ? A CU 202 ? 1_555 O   ? D HOH . ? A HOH 306 ? 7_555 100.1 ? 
# 
_struct_sheet.id               AA1 
_struct_sheet.type             ? 
_struct_sheet.number_strands   3 
_struct_sheet.details          ? 
# 
loop_
_struct_sheet_order.sheet_id 
_struct_sheet_order.range_id_1 
_struct_sheet_order.range_id_2 
_struct_sheet_order.offset 
_struct_sheet_order.sense 
AA1 1 2 ? anti-parallel 
AA1 2 3 ? anti-parallel 
# 
loop_
_struct_sheet_range.sheet_id 
_struct_sheet_range.id 
_struct_sheet_range.beg_label_comp_id 
_struct_sheet_range.beg_label_asym_id 
_struct_sheet_range.beg_label_seq_id 
_struct_sheet_range.pdbx_beg_PDB_ins_code 
_struct_sheet_range.end_label_comp_id 
_struct_sheet_range.end_label_asym_id 
_struct_sheet_range.end_label_seq_id 
_struct_sheet_range.pdbx_end_PDB_ins_code 
_struct_sheet_range.beg_auth_comp_id 
_struct_sheet_range.beg_auth_asym_id 
_struct_sheet_range.beg_auth_seq_id 
_struct_sheet_range.end_auth_comp_id 
_struct_sheet_range.end_auth_asym_id 
_struct_sheet_range.end_auth_seq_id 
AA1 1 ASN A 26 ? TYR A 27 ? ASN A 26 TYR A 27 
AA1 2 ARG A 76 ? LEU A 81 ? ARG A 76 LEU A 81 
AA1 3 ILE A 63 ? GLY A 68 ? ILE A 63 GLY A 68 
# 
loop_
_pdbx_struct_sheet_hbond.sheet_id 
_pdbx_struct_sheet_hbond.range_id_1 
_pdbx_struct_sheet_hbond.range_id_2 
_pdbx_struct_sheet_hbond.range_1_label_atom_id 
_pdbx_struct_sheet_hbond.range_1_label_comp_id 
_pdbx_struct_sheet_hbond.range_1_label_asym_id 
_pdbx_struct_sheet_hbond.range_1_label_seq_id 
_pdbx_struct_sheet_hbond.range_1_PDB_ins_code 
_pdbx_struct_sheet_hbond.range_1_auth_atom_id 
_pdbx_struct_sheet_hbond.range_1_auth_comp_id 
_pdbx_struct_sheet_hbond.range_1_auth_asym_id 
_pdbx_struct_sheet_hbond.range_1_auth_seq_id 
_pdbx_struct_sheet_hbond.range_2_label_atom_id 
_pdbx_struct_sheet_hbond.range_2_label_comp_id 
_pdbx_struct_sheet_hbond.range_2_label_asym_id 
_pdbx_struct_sheet_hbond.range_2_label_seq_id 
_pdbx_struct_sheet_hbond.range_2_PDB_ins_code 
_pdbx_struct_sheet_hbond.range_2_auth_atom_id 
_pdbx_struct_sheet_hbond.range_2_auth_comp_id 
_pdbx_struct_sheet_hbond.range_2_auth_asym_id 
_pdbx_struct_sheet_hbond.range_2_auth_seq_id 
AA1 1 2 N ASN A 26 ? N ASN A 26 O TYR A 79 ? O TYR A 79 
AA1 2 3 O TYR A 78 ? O TYR A 78 N TYR A 66 ? N TYR A 66 
# 
loop_
_struct_site.id 
_struct_site.pdbx_evidence_code 
_struct_site.pdbx_auth_asym_id 
_struct_site.pdbx_auth_comp_id 
_struct_site.pdbx_auth_seq_id 
_struct_site.pdbx_auth_ins_code 
_struct_site.pdbx_num_residues 
_struct_site.details 
AC1 Software A PHN 201 ? 5 'binding site for residue PHN A 201' 
AC2 Software A CU  202 ? 4 'binding site for residue CU A 202'  
# 
loop_
_struct_site_gen.id 
_struct_site_gen.site_id 
_struct_site_gen.pdbx_num_res 
_struct_site_gen.label_comp_id 
_struct_site_gen.label_asym_id 
_struct_site_gen.label_seq_id 
_struct_site_gen.pdbx_auth_ins_code 
_struct_site_gen.auth_comp_id 
_struct_site_gen.auth_asym_id 
_struct_site_gen.auth_seq_id 
_struct_site_gen.label_atom_id 
_struct_site_gen.label_alt_id 
_struct_site_gen.symmetry 
_struct_site_gen.details 
1 AC1 5 VAL A 15 ? VAL A 15  . ? 7_555 ? 
2 AC1 5 TRP A 96 ? TRP A 96  . ? 1_555 ? 
3 AC1 5 TRP A 96 ? TRP A 96  . ? 7_555 ? 
4 AC1 5 CU  C .  ? CU  A 202 . ? 7_555 ? 
5 AC1 5 CU  C .  ? CU  A 202 . ? 1_555 ? 
6 AC2 4 PHN B .  ? PHN A 201 . ? 1_555 ? 
7 AC2 4 PHN B .  ? PHN A 201 . ? 7_555 ? 
8 AC2 4 HOH D .  ? HOH A 306 . ? 1_555 ? 
9 AC2 4 HOH D .  ? HOH A 306 . ? 7_555 ? 
# 
_pdbx_struct_special_symmetry.id              1 
_pdbx_struct_special_symmetry.PDB_model_num   1 
_pdbx_struct_special_symmetry.auth_asym_id    A 
_pdbx_struct_special_symmetry.auth_comp_id    CU 
_pdbx_struct_special_symmetry.auth_seq_id     202 
_pdbx_struct_special_symmetry.PDB_ins_code    ? 
_pdbx_struct_special_symmetry.label_asym_id   C 
_pdbx_struct_special_symmetry.label_comp_id   CU 
_pdbx_struct_special_symmetry.label_seq_id    . 
# 
loop_
_pdbx_unobs_or_zero_occ_residues.id 
_pdbx_unobs_or_zero_occ_residues.PDB_model_num 
_pdbx_unobs_or_zero_occ_residues.polymer_flag 
_pdbx_unobs_or_zero_occ_residues.occupancy_flag 
_pdbx_unobs_or_zero_occ_residues.auth_asym_id 
_pdbx_unobs_or_zero_occ_residues.auth_comp_id 
_pdbx_unobs_or_zero_occ_residues.auth_seq_id 
_pdbx_unobs_or_zero_occ_residues.PDB_ins_code 
_pdbx_unobs_or_zero_occ_residues.label_asym_id 
_pdbx_unobs_or_zero_occ_residues.label_comp_id 
_pdbx_unobs_or_zero_occ_residues.label_seq_id 
1  1 Y 1 A MET 1   ? A MET 1   
2  1 Y 1 A ALA 2   ? A ALA 2   
3  1 Y 1 A GLU 3   ? A GLU 3   
4  1 Y 1 A ILE 4   ? A ILE 4   
5  1 Y 1 A GLU 70  ? A GLU 70  
6  1 Y 1 A SER 71  ? A SER 71  
7  1 Y 1 A GLN 72  ? A GLN 72  
8  1 Y 1 A GLY 73  ? A GLY 73  
9  1 Y 1 A ASN 109 ? A ASN 109 
10 1 Y 1 A LYS 110 ? A LYS 110 
11 1 Y 1 A LYS 111 ? A LYS 111 
12 1 Y 1 A SER 112 ? A SER 112 
13 1 Y 1 A GLU 113 ? A GLU 113 
14 1 Y 1 A ALA 114 ? A ALA 114 
15 1 Y 1 A ILE 115 ? A ILE 115 
16 1 Y 1 A LYS 116 ? A LYS 116 
17 1 Y 1 A SER 117 ? A SER 117 
18 1 Y 1 A ARG 118 ? A ARG 118 
19 1 Y 1 A TRP 119 ? A TRP 119 
20 1 Y 1 A SER 120 ? A SER 120 
21 1 Y 1 A HIS 121 ? A HIS 121 
22 1 Y 1 A PRO 122 ? A PRO 122 
23 1 Y 1 A GLN 123 ? A GLN 123 
24 1 Y 1 A PHE 124 ? A PHE 124 
25 1 Y 1 A GLU 125 ? A GLU 125 
26 1 Y 1 A LYS 126 ? A LYS 126 
# 
loop_
_chem_comp_atom.comp_id 
_chem_comp_atom.atom_id 
_chem_comp_atom.type_symbol 
_chem_comp_atom.pdbx_aromatic_flag 
_chem_comp_atom.pdbx_stereo_config 
_chem_comp_atom.pdbx_ordinal 
ALA N    N  N N 1   
ALA CA   C  N S 2   
ALA C    C  N N 3   
ALA O    O  N N 4   
ALA CB   C  N N 5   
ALA OXT  O  N N 6   
ALA H    H  N N 7   
ALA H2   H  N N 8   
ALA HA   H  N N 9   
ALA HB1  H  N N 10  
ALA HB2  H  N N 11  
ALA HB3  H  N N 12  
ALA HXT  H  N N 13  
ARG N    N  N N 14  
ARG CA   C  N S 15  
ARG C    C  N N 16  
ARG O    O  N N 17  
ARG CB   C  N N 18  
ARG CG   C  N N 19  
ARG CD   C  N N 20  
ARG NE   N  N N 21  
ARG CZ   C  N N 22  
ARG NH1  N  N N 23  
ARG NH2  N  N N 24  
ARG OXT  O  N N 25  
ARG H    H  N N 26  
ARG H2   H  N N 27  
ARG HA   H  N N 28  
ARG HB2  H  N N 29  
ARG HB3  H  N N 30  
ARG HG2  H  N N 31  
ARG HG3  H  N N 32  
ARG HD2  H  N N 33  
ARG HD3  H  N N 34  
ARG HE   H  N N 35  
ARG HH11 H  N N 36  
ARG HH12 H  N N 37  
ARG HH21 H  N N 38  
ARG HH22 H  N N 39  
ARG HXT  H  N N 40  
ASN N    N  N N 41  
ASN CA   C  N S 42  
ASN C    C  N N 43  
ASN O    O  N N 44  
ASN CB   C  N N 45  
ASN CG   C  N N 46  
ASN OD1  O  N N 47  
ASN ND2  N  N N 48  
ASN OXT  O  N N 49  
ASN H    H  N N 50  
ASN H2   H  N N 51  
ASN HA   H  N N 52  
ASN HB2  H  N N 53  
ASN HB3  H  N N 54  
ASN HD21 H  N N 55  
ASN HD22 H  N N 56  
ASN HXT  H  N N 57  
ASP N    N  N N 58  
ASP CA   C  N S 59  
ASP C    C  N N 60  
ASP O    O  N N 61  
ASP CB   C  N N 62  
ASP CG   C  N N 63  
ASP OD1  O  N N 64  
ASP OD2  O  N N 65  
ASP OXT  O  N N 66  
ASP H    H  N N 67  
ASP H2   H  N N 68  
ASP HA   H  N N 69  
ASP HB2  H  N N 70  
ASP HB3  H  N N 71  
ASP HD2  H  N N 72  
ASP HXT  H  N N 73  
CU  CU   CU N N 74  
GLN N    N  N N 75  
GLN CA   C  N S 76  
GLN C    C  N N 77  
GLN O    O  N N 78  
GLN CB   C  N N 79  
GLN CG   C  N N 80  
GLN CD   C  N N 81  
GLN OE1  O  N N 82  
GLN NE2  N  N N 83  
GLN OXT  O  N N 84  
GLN H    H  N N 85  
GLN H2   H  N N 86  
GLN HA   H  N N 87  
GLN HB2  H  N N 88  
GLN HB3  H  N N 89  
GLN HG2  H  N N 90  
GLN HG3  H  N N 91  
GLN HE21 H  N N 92  
GLN HE22 H  N N 93  
GLN HXT  H  N N 94  
GLU N    N  N N 95  
GLU CA   C  N S 96  
GLU C    C  N N 97  
GLU O    O  N N 98  
GLU CB   C  N N 99  
GLU CG   C  N N 100 
GLU CD   C  N N 101 
GLU OE1  O  N N 102 
GLU OE2  O  N N 103 
GLU OXT  O  N N 104 
GLU H    H  N N 105 
GLU H2   H  N N 106 
GLU HA   H  N N 107 
GLU HB2  H  N N 108 
GLU HB3  H  N N 109 
GLU HG2  H  N N 110 
GLU HG3  H  N N 111 
GLU HE2  H  N N 112 
GLU HXT  H  N N 113 
GLY N    N  N N 114 
GLY CA   C  N N 115 
GLY C    C  N N 116 
GLY O    O  N N 117 
GLY OXT  O  N N 118 
GLY H    H  N N 119 
GLY H2   H  N N 120 
GLY HA2  H  N N 121 
GLY HA3  H  N N 122 
GLY HXT  H  N N 123 
HIS N    N  N N 124 
HIS CA   C  N S 125 
HIS C    C  N N 126 
HIS O    O  N N 127 
HIS CB   C  N N 128 
HIS CG   C  Y N 129 
HIS ND1  N  Y N 130 
HIS CD2  C  Y N 131 
HIS CE1  C  Y N 132 
HIS NE2  N  Y N 133 
HIS OXT  O  N N 134 
HIS H    H  N N 135 
HIS H2   H  N N 136 
HIS HA   H  N N 137 
HIS HB2  H  N N 138 
HIS HB3  H  N N 139 
HIS HD1  H  N N 140 
HIS HD2  H  N N 141 
HIS HE1  H  N N 142 
HIS HE2  H  N N 143 
HIS HXT  H  N N 144 
HOH O    O  N N 145 
HOH H1   H  N N 146 
HOH H2   H  N N 147 
ILE N    N  N N 148 
ILE CA   C  N S 149 
ILE C    C  N N 150 
ILE O    O  N N 151 
ILE CB   C  N S 152 
ILE CG1  C  N N 153 
ILE CG2  C  N N 154 
ILE CD1  C  N N 155 
ILE OXT  O  N N 156 
ILE H    H  N N 157 
ILE H2   H  N N 158 
ILE HA   H  N N 159 
ILE HB   H  N N 160 
ILE HG12 H  N N 161 
ILE HG13 H  N N 162 
ILE HG21 H  N N 163 
ILE HG22 H  N N 164 
ILE HG23 H  N N 165 
ILE HD11 H  N N 166 
ILE HD12 H  N N 167 
ILE HD13 H  N N 168 
ILE HXT  H  N N 169 
LEU N    N  N N 170 
LEU CA   C  N S 171 
LEU C    C  N N 172 
LEU O    O  N N 173 
LEU CB   C  N N 174 
LEU CG   C  N N 175 
LEU CD1  C  N N 176 
LEU CD2  C  N N 177 
LEU OXT  O  N N 178 
LEU H    H  N N 179 
LEU H2   H  N N 180 
LEU HA   H  N N 181 
LEU HB2  H  N N 182 
LEU HB3  H  N N 183 
LEU HG   H  N N 184 
LEU HD11 H  N N 185 
LEU HD12 H  N N 186 
LEU HD13 H  N N 187 
LEU HD21 H  N N 188 
LEU HD22 H  N N 189 
LEU HD23 H  N N 190 
LEU HXT  H  N N 191 
LYS N    N  N N 192 
LYS CA   C  N S 193 
LYS C    C  N N 194 
LYS O    O  N N 195 
LYS CB   C  N N 196 
LYS CG   C  N N 197 
LYS CD   C  N N 198 
LYS CE   C  N N 199 
LYS NZ   N  N N 200 
LYS OXT  O  N N 201 
LYS H    H  N N 202 
LYS H2   H  N N 203 
LYS HA   H  N N 204 
LYS HB2  H  N N 205 
LYS HB3  H  N N 206 
LYS HG2  H  N N 207 
LYS HG3  H  N N 208 
LYS HD2  H  N N 209 
LYS HD3  H  N N 210 
LYS HE2  H  N N 211 
LYS HE3  H  N N 212 
LYS HZ1  H  N N 213 
LYS HZ2  H  N N 214 
LYS HZ3  H  N N 215 
LYS HXT  H  N N 216 
MET N    N  N N 217 
MET CA   C  N S 218 
MET C    C  N N 219 
MET O    O  N N 220 
MET CB   C  N N 221 
MET CG   C  N N 222 
MET SD   S  N N 223 
MET CE   C  N N 224 
MET OXT  O  N N 225 
MET H    H  N N 226 
MET H2   H  N N 227 
MET HA   H  N N 228 
MET HB2  H  N N 229 
MET HB3  H  N N 230 
MET HG2  H  N N 231 
MET HG3  H  N N 232 
MET HE1  H  N N 233 
MET HE2  H  N N 234 
MET HE3  H  N N 235 
MET HXT  H  N N 236 
PHE N    N  N N 237 
PHE CA   C  N S 238 
PHE C    C  N N 239 
PHE O    O  N N 240 
PHE CB   C  N N 241 
PHE CG   C  Y N 242 
PHE CD1  C  Y N 243 
PHE CD2  C  Y N 244 
PHE CE1  C  Y N 245 
PHE CE2  C  Y N 246 
PHE CZ   C  Y N 247 
PHE OXT  O  N N 248 
PHE H    H  N N 249 
PHE H2   H  N N 250 
PHE HA   H  N N 251 
PHE HB2  H  N N 252 
PHE HB3  H  N N 253 
PHE HD1  H  N N 254 
PHE HD2  H  N N 255 
PHE HE1  H  N N 256 
PHE HE2  H  N N 257 
PHE HZ   H  N N 258 
PHE HXT  H  N N 259 
PHN N1   N  Y N 260 
PHN C2   C  Y N 261 
PHN C3   C  Y N 262 
PHN C4   C  Y N 263 
PHN C4A  C  Y N 264 
PHN C5   C  Y N 265 
PHN C6   C  Y N 266 
PHN C6A  C  Y N 267 
PHN C7   C  Y N 268 
PHN C8   C  Y N 269 
PHN C9   C  Y N 270 
PHN N10  N  Y N 271 
PHN C10  C  Y N 272 
PHN C1A  C  Y N 273 
PHN H2   H  N N 274 
PHN H3   H  N N 275 
PHN H4   H  N N 276 
PHN H5   H  N N 277 
PHN H6   H  N N 278 
PHN H7   H  N N 279 
PHN H8   H  N N 280 
PHN H9   H  N N 281 
PRO N    N  N N 282 
PRO CA   C  N S 283 
PRO C    C  N N 284 
PRO O    O  N N 285 
PRO CB   C  N N 286 
PRO CG   C  N N 287 
PRO CD   C  N N 288 
PRO OXT  O  N N 289 
PRO H    H  N N 290 
PRO HA   H  N N 291 
PRO HB2  H  N N 292 
PRO HB3  H  N N 293 
PRO HG2  H  N N 294 
PRO HG3  H  N N 295 
PRO HD2  H  N N 296 
PRO HD3  H  N N 297 
PRO HXT  H  N N 298 
SER N    N  N N 299 
SER CA   C  N S 300 
SER C    C  N N 301 
SER O    O  N N 302 
SER CB   C  N N 303 
SER OG   O  N N 304 
SER OXT  O  N N 305 
SER H    H  N N 306 
SER H2   H  N N 307 
SER HA   H  N N 308 
SER HB2  H  N N 309 
SER HB3  H  N N 310 
SER HG   H  N N 311 
SER HXT  H  N N 312 
THR N    N  N N 313 
THR CA   C  N S 314 
THR C    C  N N 315 
THR O    O  N N 316 
THR CB   C  N R 317 
THR OG1  O  N N 318 
THR CG2  C  N N 319 
THR OXT  O  N N 320 
THR H    H  N N 321 
THR H2   H  N N 322 
THR HA   H  N N 323 
THR HB   H  N N 324 
THR HG1  H  N N 325 
THR HG21 H  N N 326 
THR HG22 H  N N 327 
THR HG23 H  N N 328 
THR HXT  H  N N 329 
TRP N    N  N N 330 
TRP CA   C  N S 331 
TRP C    C  N N 332 
TRP O    O  N N 333 
TRP CB   C  N N 334 
TRP CG   C  Y N 335 
TRP CD1  C  Y N 336 
TRP CD2  C  Y N 337 
TRP NE1  N  Y N 338 
TRP CE2  C  Y N 339 
TRP CE3  C  Y N 340 
TRP CZ2  C  Y N 341 
TRP CZ3  C  Y N 342 
TRP CH2  C  Y N 343 
TRP OXT  O  N N 344 
TRP H    H  N N 345 
TRP H2   H  N N 346 
TRP HA   H  N N 347 
TRP HB2  H  N N 348 
TRP HB3  H  N N 349 
TRP HD1  H  N N 350 
TRP HE1  H  N N 351 
TRP HE3  H  N N 352 
TRP HZ2  H  N N 353 
TRP HZ3  H  N N 354 
TRP HH2  H  N N 355 
TRP HXT  H  N N 356 
TYR N    N  N N 357 
TYR CA   C  N S 358 
TYR C    C  N N 359 
TYR O    O  N N 360 
TYR CB   C  N N 361 
TYR CG   C  Y N 362 
TYR CD1  C  Y N 363 
TYR CD2  C  Y N 364 
TYR CE1  C  Y N 365 
TYR CE2  C  Y N 366 
TYR CZ   C  Y N 367 
TYR OH   O  N N 368 
TYR OXT  O  N N 369 
TYR H    H  N N 370 
TYR H2   H  N N 371 
TYR HA   H  N N 372 
TYR HB2  H  N N 373 
TYR HB3  H  N N 374 
TYR HD1  H  N N 375 
TYR HD2  H  N N 376 
TYR HE1  H  N N 377 
TYR HE2  H  N N 378 
TYR HH   H  N N 379 
TYR HXT  H  N N 380 
VAL N    N  N N 381 
VAL CA   C  N S 382 
VAL C    C  N N 383 
VAL O    O  N N 384 
VAL CB   C  N N 385 
VAL CG1  C  N N 386 
VAL CG2  C  N N 387 
VAL OXT  O  N N 388 
VAL H    H  N N 389 
VAL H2   H  N N 390 
VAL HA   H  N N 391 
VAL HB   H  N N 392 
VAL HG11 H  N N 393 
VAL HG12 H  N N 394 
VAL HG13 H  N N 395 
VAL HG21 H  N N 396 
VAL HG22 H  N N 397 
VAL HG23 H  N N 398 
VAL HXT  H  N N 399 
# 
loop_
_chem_comp_bond.comp_id 
_chem_comp_bond.atom_id_1 
_chem_comp_bond.atom_id_2 
_chem_comp_bond.value_order 
_chem_comp_bond.pdbx_aromatic_flag 
_chem_comp_bond.pdbx_stereo_config 
_chem_comp_bond.pdbx_ordinal 
ALA N   CA   sing N N 1   
ALA N   H    sing N N 2   
ALA N   H2   sing N N 3   
ALA CA  C    sing N N 4   
ALA CA  CB   sing N N 5   
ALA CA  HA   sing N N 6   
ALA C   O    doub N N 7   
ALA C   OXT  sing N N 8   
ALA CB  HB1  sing N N 9   
ALA CB  HB2  sing N N 10  
ALA CB  HB3  sing N N 11  
ALA OXT HXT  sing N N 12  
ARG N   CA   sing N N 13  
ARG N   H    sing N N 14  
ARG N   H2   sing N N 15  
ARG CA  C    sing N N 16  
ARG CA  CB   sing N N 17  
ARG CA  HA   sing N N 18  
ARG C   O    doub N N 19  
ARG C   OXT  sing N N 20  
ARG CB  CG   sing N N 21  
ARG CB  HB2  sing N N 22  
ARG CB  HB3  sing N N 23  
ARG CG  CD   sing N N 24  
ARG CG  HG2  sing N N 25  
ARG CG  HG3  sing N N 26  
ARG CD  NE   sing N N 27  
ARG CD  HD2  sing N N 28  
ARG CD  HD3  sing N N 29  
ARG NE  CZ   sing N N 30  
ARG NE  HE   sing N N 31  
ARG CZ  NH1  sing N N 32  
ARG CZ  NH2  doub N N 33  
ARG NH1 HH11 sing N N 34  
ARG NH1 HH12 sing N N 35  
ARG NH2 HH21 sing N N 36  
ARG NH2 HH22 sing N N 37  
ARG OXT HXT  sing N N 38  
ASN N   CA   sing N N 39  
ASN N   H    sing N N 40  
ASN N   H2   sing N N 41  
ASN CA  C    sing N N 42  
ASN CA  CB   sing N N 43  
ASN CA  HA   sing N N 44  
ASN C   O    doub N N 45  
ASN C   OXT  sing N N 46  
ASN CB  CG   sing N N 47  
ASN CB  HB2  sing N N 48  
ASN CB  HB3  sing N N 49  
ASN CG  OD1  doub N N 50  
ASN CG  ND2  sing N N 51  
ASN ND2 HD21 sing N N 52  
ASN ND2 HD22 sing N N 53  
ASN OXT HXT  sing N N 54  
ASP N   CA   sing N N 55  
ASP N   H    sing N N 56  
ASP N   H2   sing N N 57  
ASP CA  C    sing N N 58  
ASP CA  CB   sing N N 59  
ASP CA  HA   sing N N 60  
ASP C   O    doub N N 61  
ASP C   OXT  sing N N 62  
ASP CB  CG   sing N N 63  
ASP CB  HB2  sing N N 64  
ASP CB  HB3  sing N N 65  
ASP CG  OD1  doub N N 66  
ASP CG  OD2  sing N N 67  
ASP OD2 HD2  sing N N 68  
ASP OXT HXT  sing N N 69  
GLN N   CA   sing N N 70  
GLN N   H    sing N N 71  
GLN N   H2   sing N N 72  
GLN CA  C    sing N N 73  
GLN CA  CB   sing N N 74  
GLN CA  HA   sing N N 75  
GLN C   O    doub N N 76  
GLN C   OXT  sing N N 77  
GLN CB  CG   sing N N 78  
GLN CB  HB2  sing N N 79  
GLN CB  HB3  sing N N 80  
GLN CG  CD   sing N N 81  
GLN CG  HG2  sing N N 82  
GLN CG  HG3  sing N N 83  
GLN CD  OE1  doub N N 84  
GLN CD  NE2  sing N N 85  
GLN NE2 HE21 sing N N 86  
GLN NE2 HE22 sing N N 87  
GLN OXT HXT  sing N N 88  
GLU N   CA   sing N N 89  
GLU N   H    sing N N 90  
GLU N   H2   sing N N 91  
GLU CA  C    sing N N 92  
GLU CA  CB   sing N N 93  
GLU CA  HA   sing N N 94  
GLU C   O    doub N N 95  
GLU C   OXT  sing N N 96  
GLU CB  CG   sing N N 97  
GLU CB  HB2  sing N N 98  
GLU CB  HB3  sing N N 99  
GLU CG  CD   sing N N 100 
GLU CG  HG2  sing N N 101 
GLU CG  HG3  sing N N 102 
GLU CD  OE1  doub N N 103 
GLU CD  OE2  sing N N 104 
GLU OE2 HE2  sing N N 105 
GLU OXT HXT  sing N N 106 
GLY N   CA   sing N N 107 
GLY N   H    sing N N 108 
GLY N   H2   sing N N 109 
GLY CA  C    sing N N 110 
GLY CA  HA2  sing N N 111 
GLY CA  HA3  sing N N 112 
GLY C   O    doub N N 113 
GLY C   OXT  sing N N 114 
GLY OXT HXT  sing N N 115 
HIS N   CA   sing N N 116 
HIS N   H    sing N N 117 
HIS N   H2   sing N N 118 
HIS CA  C    sing N N 119 
HIS CA  CB   sing N N 120 
HIS CA  HA   sing N N 121 
HIS C   O    doub N N 122 
HIS C   OXT  sing N N 123 
HIS CB  CG   sing N N 124 
HIS CB  HB2  sing N N 125 
HIS CB  HB3  sing N N 126 
HIS CG  ND1  sing Y N 127 
HIS CG  CD2  doub Y N 128 
HIS ND1 CE1  doub Y N 129 
HIS ND1 HD1  sing N N 130 
HIS CD2 NE2  sing Y N 131 
HIS CD2 HD2  sing N N 132 
HIS CE1 NE2  sing Y N 133 
HIS CE1 HE1  sing N N 134 
HIS NE2 HE2  sing N N 135 
HIS OXT HXT  sing N N 136 
HOH O   H1   sing N N 137 
HOH O   H2   sing N N 138 
ILE N   CA   sing N N 139 
ILE N   H    sing N N 140 
ILE N   H2   sing N N 141 
ILE CA  C    sing N N 142 
ILE CA  CB   sing N N 143 
ILE CA  HA   sing N N 144 
ILE C   O    doub N N 145 
ILE C   OXT  sing N N 146 
ILE CB  CG1  sing N N 147 
ILE CB  CG2  sing N N 148 
ILE CB  HB   sing N N 149 
ILE CG1 CD1  sing N N 150 
ILE CG1 HG12 sing N N 151 
ILE CG1 HG13 sing N N 152 
ILE CG2 HG21 sing N N 153 
ILE CG2 HG22 sing N N 154 
ILE CG2 HG23 sing N N 155 
ILE CD1 HD11 sing N N 156 
ILE CD1 HD12 sing N N 157 
ILE CD1 HD13 sing N N 158 
ILE OXT HXT  sing N N 159 
LEU N   CA   sing N N 160 
LEU N   H    sing N N 161 
LEU N   H2   sing N N 162 
LEU CA  C    sing N N 163 
LEU CA  CB   sing N N 164 
LEU CA  HA   sing N N 165 
LEU C   O    doub N N 166 
LEU C   OXT  sing N N 167 
LEU CB  CG   sing N N 168 
LEU CB  HB2  sing N N 169 
LEU CB  HB3  sing N N 170 
LEU CG  CD1  sing N N 171 
LEU CG  CD2  sing N N 172 
LEU CG  HG   sing N N 173 
LEU CD1 HD11 sing N N 174 
LEU CD1 HD12 sing N N 175 
LEU CD1 HD13 sing N N 176 
LEU CD2 HD21 sing N N 177 
LEU CD2 HD22 sing N N 178 
LEU CD2 HD23 sing N N 179 
LEU OXT HXT  sing N N 180 
LYS N   CA   sing N N 181 
LYS N   H    sing N N 182 
LYS N   H2   sing N N 183 
LYS CA  C    sing N N 184 
LYS CA  CB   sing N N 185 
LYS CA  HA   sing N N 186 
LYS C   O    doub N N 187 
LYS C   OXT  sing N N 188 
LYS CB  CG   sing N N 189 
LYS CB  HB2  sing N N 190 
LYS CB  HB3  sing N N 191 
LYS CG  CD   sing N N 192 
LYS CG  HG2  sing N N 193 
LYS CG  HG3  sing N N 194 
LYS CD  CE   sing N N 195 
LYS CD  HD2  sing N N 196 
LYS CD  HD3  sing N N 197 
LYS CE  NZ   sing N N 198 
LYS CE  HE2  sing N N 199 
LYS CE  HE3  sing N N 200 
LYS NZ  HZ1  sing N N 201 
LYS NZ  HZ2  sing N N 202 
LYS NZ  HZ3  sing N N 203 
LYS OXT HXT  sing N N 204 
MET N   CA   sing N N 205 
MET N   H    sing N N 206 
MET N   H2   sing N N 207 
MET CA  C    sing N N 208 
MET CA  CB   sing N N 209 
MET CA  HA   sing N N 210 
MET C   O    doub N N 211 
MET C   OXT  sing N N 212 
MET CB  CG   sing N N 213 
MET CB  HB2  sing N N 214 
MET CB  HB3  sing N N 215 
MET CG  SD   sing N N 216 
MET CG  HG2  sing N N 217 
MET CG  HG3  sing N N 218 
MET SD  CE   sing N N 219 
MET CE  HE1  sing N N 220 
MET CE  HE2  sing N N 221 
MET CE  HE3  sing N N 222 
MET OXT HXT  sing N N 223 
PHE N   CA   sing N N 224 
PHE N   H    sing N N 225 
PHE N   H2   sing N N 226 
PHE CA  C    sing N N 227 
PHE CA  CB   sing N N 228 
PHE CA  HA   sing N N 229 
PHE C   O    doub N N 230 
PHE C   OXT  sing N N 231 
PHE CB  CG   sing N N 232 
PHE CB  HB2  sing N N 233 
PHE CB  HB3  sing N N 234 
PHE CG  CD1  doub Y N 235 
PHE CG  CD2  sing Y N 236 
PHE CD1 CE1  sing Y N 237 
PHE CD1 HD1  sing N N 238 
PHE CD2 CE2  doub Y N 239 
PHE CD2 HD2  sing N N 240 
PHE CE1 CZ   doub Y N 241 
PHE CE1 HE1  sing N N 242 
PHE CE2 CZ   sing Y N 243 
PHE CE2 HE2  sing N N 244 
PHE CZ  HZ   sing N N 245 
PHE OXT HXT  sing N N 246 
PHN N1  C2   doub Y N 247 
PHN N1  C1A  sing Y N 248 
PHN C2  C3   sing Y N 249 
PHN C2  H2   sing N N 250 
PHN C3  C4   doub Y N 251 
PHN C3  H3   sing N N 252 
PHN C4  C4A  sing Y N 253 
PHN C4  H4   sing N N 254 
PHN C4A C5   doub Y N 255 
PHN C4A C1A  sing Y N 256 
PHN C5  C6   sing Y N 257 
PHN C5  H5   sing N N 258 
PHN C6  C6A  doub Y N 259 
PHN C6  H6   sing N N 260 
PHN C6A C7   sing Y N 261 
PHN C6A C10  sing Y N 262 
PHN C7  C8   doub Y N 263 
PHN C7  H7   sing N N 264 
PHN C8  C9   sing Y N 265 
PHN C8  H8   sing N N 266 
PHN C9  N10  doub Y N 267 
PHN C9  H9   sing N N 268 
PHN N10 C10  sing Y N 269 
PHN C10 C1A  doub Y N 270 
PRO N   CA   sing N N 271 
PRO N   CD   sing N N 272 
PRO N   H    sing N N 273 
PRO CA  C    sing N N 274 
PRO CA  CB   sing N N 275 
PRO CA  HA   sing N N 276 
PRO C   O    doub N N 277 
PRO C   OXT  sing N N 278 
PRO CB  CG   sing N N 279 
PRO CB  HB2  sing N N 280 
PRO CB  HB3  sing N N 281 
PRO CG  CD   sing N N 282 
PRO CG  HG2  sing N N 283 
PRO CG  HG3  sing N N 284 
PRO CD  HD2  sing N N 285 
PRO CD  HD3  sing N N 286 
PRO OXT HXT  sing N N 287 
SER N   CA   sing N N 288 
SER N   H    sing N N 289 
SER N   H2   sing N N 290 
SER CA  C    sing N N 291 
SER CA  CB   sing N N 292 
SER CA  HA   sing N N 293 
SER C   O    doub N N 294 
SER C   OXT  sing N N 295 
SER CB  OG   sing N N 296 
SER CB  HB2  sing N N 297 
SER CB  HB3  sing N N 298 
SER OG  HG   sing N N 299 
SER OXT HXT  sing N N 300 
THR N   CA   sing N N 301 
THR N   H    sing N N 302 
THR N   H2   sing N N 303 
THR CA  C    sing N N 304 
THR CA  CB   sing N N 305 
THR CA  HA   sing N N 306 
THR C   O    doub N N 307 
THR C   OXT  sing N N 308 
THR CB  OG1  sing N N 309 
THR CB  CG2  sing N N 310 
THR CB  HB   sing N N 311 
THR OG1 HG1  sing N N 312 
THR CG2 HG21 sing N N 313 
THR CG2 HG22 sing N N 314 
THR CG2 HG23 sing N N 315 
THR OXT HXT  sing N N 316 
TRP N   CA   sing N N 317 
TRP N   H    sing N N 318 
TRP N   H2   sing N N 319 
TRP CA  C    sing N N 320 
TRP CA  CB   sing N N 321 
TRP CA  HA   sing N N 322 
TRP C   O    doub N N 323 
TRP C   OXT  sing N N 324 
TRP CB  CG   sing N N 325 
TRP CB  HB2  sing N N 326 
TRP CB  HB3  sing N N 327 
TRP CG  CD1  doub Y N 328 
TRP CG  CD2  sing Y N 329 
TRP CD1 NE1  sing Y N 330 
TRP CD1 HD1  sing N N 331 
TRP CD2 CE2  doub Y N 332 
TRP CD2 CE3  sing Y N 333 
TRP NE1 CE2  sing Y N 334 
TRP NE1 HE1  sing N N 335 
TRP CE2 CZ2  sing Y N 336 
TRP CE3 CZ3  doub Y N 337 
TRP CE3 HE3  sing N N 338 
TRP CZ2 CH2  doub Y N 339 
TRP CZ2 HZ2  sing N N 340 
TRP CZ3 CH2  sing Y N 341 
TRP CZ3 HZ3  sing N N 342 
TRP CH2 HH2  sing N N 343 
TRP OXT HXT  sing N N 344 
TYR N   CA   sing N N 345 
TYR N   H    sing N N 346 
TYR N   H2   sing N N 347 
TYR CA  C    sing N N 348 
TYR CA  CB   sing N N 349 
TYR CA  HA   sing N N 350 
TYR C   O    doub N N 351 
TYR C   OXT  sing N N 352 
TYR CB  CG   sing N N 353 
TYR CB  HB2  sing N N 354 
TYR CB  HB3  sing N N 355 
TYR CG  CD1  doub Y N 356 
TYR CG  CD2  sing Y N 357 
TYR CD1 CE1  sing Y N 358 
TYR CD1 HD1  sing N N 359 
TYR CD2 CE2  doub Y N 360 
TYR CD2 HD2  sing N N 361 
TYR CE1 CZ   doub Y N 362 
TYR CE1 HE1  sing N N 363 
TYR CE2 CZ   sing Y N 364 
TYR CE2 HE2  sing N N 365 
TYR CZ  OH   sing N N 366 
TYR OH  HH   sing N N 367 
TYR OXT HXT  sing N N 368 
VAL N   CA   sing N N 369 
VAL N   H    sing N N 370 
VAL N   H2   sing N N 371 
VAL CA  C    sing N N 372 
VAL CA  CB   sing N N 373 
VAL CA  HA   sing N N 374 
VAL C   O    doub N N 375 
VAL C   OXT  sing N N 376 
VAL CB  CG1  sing N N 377 
VAL CB  CG2  sing N N 378 
VAL CB  HB   sing N N 379 
VAL CG1 HG11 sing N N 380 
VAL CG1 HG12 sing N N 381 
VAL CG1 HG13 sing N N 382 
VAL CG2 HG21 sing N N 383 
VAL CG2 HG22 sing N N 384 
VAL CG2 HG23 sing N N 385 
VAL OXT HXT  sing N N 386 
# 
_pdbx_audit_support.funding_organization   'Netherlands Organisation for Scientific Research' 
_pdbx_audit_support.country                Netherlands 
_pdbx_audit_support.grant_number           ? 
_pdbx_audit_support.ordinal                1 
# 
_pdbx_initial_refinement_model.id               1 
_pdbx_initial_refinement_model.entity_id_list   ? 
_pdbx_initial_refinement_model.type             'experimental model' 
_pdbx_initial_refinement_model.source_name      PDB 
_pdbx_initial_refinement_model.accession_code   3F8C 
_pdbx_initial_refinement_model.details          'PDB entry 3F8C' 
# 
_atom_sites.entry_id                    6R1L 
_atom_sites.fract_transf_matrix[1][1]   0.02319693 
_atom_sites.fract_transf_matrix[1][2]   0.00065021 
_atom_sites.fract_transf_matrix[1][3]   -0.01687677 
_atom_sites.fract_transf_matrix[2][1]   0.00927837 
_atom_sites.fract_transf_matrix[2][2]   -0.02444906 
_atom_sites.fract_transf_matrix[2][3]   0.01181106 
_atom_sites.fract_transf_matrix[3][1]   -0.00277143 
_atom_sites.fract_transf_matrix[3][2]   -0.00294683 
_atom_sites.fract_transf_matrix[3][3]   -0.00392283 
_atom_sites.fract_transf_vector[1]      -0.016865 
_atom_sites.fract_transf_vector[2]      0.120346 
_atom_sites.fract_transf_vector[3]      -0.067299 
# 
loop_
_atom_type.symbol 
C  
CU 
N  
O  
S  
# 
loop_
_atom_site.group_PDB 
_atom_site.id 
_atom_site.type_symbol 
_atom_site.label_atom_id 
_atom_site.label_alt_id 
_atom_site.label_comp_id 
_atom_site.label_asym_id 
_atom_site.label_entity_id 
_atom_site.label_seq_id 
_atom_site.pdbx_PDB_ins_code 
_atom_site.Cartn_x 
_atom_site.Cartn_y 
_atom_site.Cartn_z 
_atom_site.occupancy 
_atom_site.B_iso_or_equiv 
_atom_site.pdbx_formal_charge 
_atom_site.auth_seq_id 
_atom_site.auth_comp_id 
_atom_site.auth_asym_id 
_atom_site.auth_atom_id 
_atom_site.pdbx_PDB_model_num 
ATOM   1   N  N   . PRO A 1 5   ? -4.453  7.018   -16.620 1.00 51.75 ? 5   PRO A N   1 
ATOM   2   C  CA  . PRO A 1 5   ? -5.824  6.750   -16.151 1.00 68.38 ? 5   PRO A CA  1 
ATOM   3   C  C   . PRO A 1 5   ? -5.940  6.788   -14.627 1.00 67.32 ? 5   PRO A C   1 
ATOM   4   O  O   . PRO A 1 5   ? -5.485  5.869   -13.945 1.00 68.56 ? 5   PRO A O   1 
ATOM   5   C  CB  . PRO A 1 5   ? -6.127  5.347   -16.699 1.00 59.84 ? 5   PRO A CB  1 
ATOM   6   C  CG  . PRO A 1 5   ? -4.798  4.761   -17.059 1.00 59.43 ? 5   PRO A CG  1 
ATOM   7   C  CD  . PRO A 1 5   ? -3.913  5.916   -17.434 1.00 56.01 ? 5   PRO A CD  1 
ATOM   8   N  N   . LYS A 1 6   ? -6.575  7.851   -14.123 1.00 69.31 ? 6   LYS A N   1 
ATOM   9   C  CA  . LYS A 1 6   ? -6.556  8.153   -12.695 1.00 70.82 ? 6   LYS A CA  1 
ATOM   10  C  C   . LYS A 1 6   ? -6.893  6.939   -11.839 1.00 66.16 ? 6   LYS A C   1 
ATOM   11  O  O   . LYS A 1 6   ? -6.238  6.693   -10.819 1.00 61.41 ? 6   LYS A O   1 
ATOM   12  C  CB  . LYS A 1 6   ? -7.532  9.300   -12.410 1.00 83.81 ? 6   LYS A CB  1 
ATOM   13  C  CG  . LYS A 1 6   ? -7.062  10.664  -12.919 1.00 94.04 ? 6   LYS A CG  1 
ATOM   14  C  CD  . LYS A 1 6   ? -8.039  11.295  -13.913 1.00 94.63 ? 6   LYS A CD  1 
ATOM   15  C  CE  . LYS A 1 6   ? -8.047  10.558  -15.250 1.00 92.45 ? 6   LYS A CE  1 
ATOM   16  N  NZ  . LYS A 1 6   ? -8.788  11.289  -16.320 1.00 85.51 ? 6   LYS A NZ  1 
ATOM   17  N  N   . GLU A 1 7   ? -7.909  6.168   -12.230 1.00 62.57 ? 7   GLU A N   1 
ATOM   18  C  CA  . GLU A 1 7   ? -8.328  5.038   -11.411 1.00 60.71 ? 7   GLU A CA  1 
ATOM   19  C  C   . GLU A 1 7   ? -7.238  3.978   -11.291 1.00 66.26 ? 7   GLU A C   1 
ATOM   20  O  O   . GLU A 1 7   ? -7.237  3.212   -10.318 1.00 57.22 ? 7   GLU A O   1 
ATOM   21  C  CB  . GLU A 1 7   ? -9.610  4.424   -11.986 1.00 71.50 ? 7   GLU A CB  1 
ATOM   22  C  CG  . GLU A 1 7   ? -10.243 3.352   -11.090 1.00 83.00 ? 7   GLU A CG  1 
ATOM   23  C  CD  . GLU A 1 7   ? -11.738 3.157   -11.340 1.00 82.93 ? 7   GLU A CD  1 
ATOM   24  O  OE1 . GLU A 1 7   ? -12.391 4.098   -11.846 1.00 82.68 ? 7   GLU A OE1 1 
ATOM   25  O  OE2 . GLU A 1 7   ? -12.261 2.062   -11.024 1.00 70.66 ? 7   GLU A OE2 1 
ATOM   26  N  N   . MET A 1 8   ? -6.302  3.933   -12.243 1.00 59.14 ? 8   MET A N   1 
ATOM   27  C  CA  . MET A 1 8   ? -5.254  2.917   -12.276 1.00 60.13 ? 8   MET A CA  1 
ATOM   28  C  C   . MET A 1 8   ? -4.038  3.311   -11.446 1.00 50.64 ? 8   MET A C   1 
ATOM   29  O  O   . MET A 1 8   ? -3.452  2.461   -10.762 1.00 46.61 ? 8   MET A O   1 
ATOM   30  C  CB  . MET A 1 8   ? -4.832  2.650   -13.727 1.00 56.22 ? 8   MET A CB  1 
ATOM   31  C  CG  . MET A 1 8   ? -3.707  1.635   -13.869 1.00 61.19 ? 8   MET A CG  1 
ATOM   32  S  SD  . MET A 1 8   ? -3.863  0.531   -15.291 1.00 77.24 ? 8   MET A SD  1 
ATOM   33  C  CE  . MET A 1 8   ? -5.146  -0.578  -14.710 1.00 58.59 ? 8   MET A CE  1 
ATOM   34  N  N   . LEU A 1 9   ? -3.637  4.582   -11.508 1.00 49.35 ? 9   LEU A N   1 
ATOM   35  C  CA  . LEU A 1 9   ? -2.576  5.074   -10.636 1.00 50.80 ? 9   LEU A CA  1 
ATOM   36  C  C   . LEU A 1 9   ? -3.000  5.036   -9.176  1.00 50.03 ? 9   LEU A C   1 
ATOM   37  O  O   . LEU A 1 9   ? -2.151  4.919   -8.285  1.00 46.19 ? 9   LEU A O   1 
ATOM   38  C  CB  . LEU A 1 9   ? -2.187  6.492   -11.050 1.00 47.68 ? 9   LEU A CB  1 
ATOM   39  C  CG  . LEU A 1 9   ? -1.093  7.187   -10.241 1.00 61.49 ? 9   LEU A CG  1 
ATOM   40  C  CD1 . LEU A 1 9   ? 0.204   6.389   -10.233 1.00 62.69 ? 9   LEU A CD1 1 
ATOM   41  C  CD2 . LEU A 1 9   ? -0.851  8.595   -10.787 1.00 63.97 ? 9   LEU A CD2 1 
ATOM   42  N  N   . ARG A 1 10  ? -4.306  5.143   -8.913  1.00 50.68 ? 10  ARG A N   1 
ATOM   43  C  CA  . ARG A 1 10  ? -4.827  4.974   -7.561  1.00 47.81 ? 10  ARG A CA  1 
ATOM   44  C  C   . ARG A 1 10  ? -4.655  3.537   -7.092  1.00 46.86 ? 10  ARG A C   1 
ATOM   45  O  O   . ARG A 1 10  ? -4.204  3.290   -5.968  1.00 44.69 ? 10  ARG A O   1 
ATOM   46  C  CB  . ARG A 1 10  ? -6.301  5.389   -7.528  1.00 53.31 ? 10  ARG A CB  1 
ATOM   47  C  CG  . ARG A 1 10  ? -7.026  5.129   -6.220  1.00 54.72 ? 10  ARG A CG  1 
ATOM   48  C  CD  . ARG A 1 10  ? -6.411  5.910   -5.059  1.00 57.60 ? 10  ARG A CD  1 
ATOM   49  N  NE  . ARG A 1 10  ? -7.239  5.827   -3.856  1.00 63.55 ? 10  ARG A NE  1 
ATOM   50  C  CZ  . ARG A 1 10  ? -7.993  6.820   -3.380  1.00 66.43 ? 10  ARG A CZ  1 
ATOM   51  N  NH1 . ARG A 1 10  ? -8.029  8.003   -3.986  1.00 65.61 ? 10  ARG A NH1 1 
ATOM   52  N  NH2 . ARG A 1 10  ? -8.709  6.630   -2.280  1.00 65.88 ? 10  ARG A NH2 1 
ATOM   53  N  N   . ALA A 1 11  ? -5.012  2.571   -7.943  1.00 40.46 ? 11  ALA A N   1 
ATOM   54  C  CA  . ALA A 1 11  ? -4.863  1.170   -7.572  1.00 40.74 ? 11  ALA A CA  1 
ATOM   55  C  C   . ALA A 1 11  ? -3.397  0.807   -7.366  1.00 39.60 ? 11  ALA A C   1 
ATOM   56  O  O   . ALA A 1 11  ? -3.064  0.017   -6.474  1.00 38.29 ? 11  ALA A O   1 
ATOM   57  C  CB  . ALA A 1 11  ? -5.487  0.269   -8.640  1.00 39.94 ? 11  ALA A CB  1 
ATOM   58  N  N   . GLN A 1 12  ? -2.503  1.363   -8.190  1.00 35.49 ? 12  GLN A N   1 
ATOM   59  C  CA  . GLN A 1 12  ? -1.082  1.060   -8.058  1.00 37.94 ? 12  GLN A CA  1 
ATOM   60  C  C   . GLN A 1 12  ? -0.524  1.621   -6.751  1.00 33.71 ? 12  GLN A C   1 
ATOM   61  O  O   . GLN A 1 12  ? 0.180   0.923   -6.012  1.00 34.85 ? 12  GLN A O   1 
ATOM   62  C  CB  . GLN A 1 12  ? -0.313  1.622   -9.260  1.00 38.05 ? 12  GLN A CB  1 
ATOM   63  C  CG  . GLN A 1 12  ? -0.609  0.901   -10.575 1.00 40.41 ? 12  GLN A CG  1 
ATOM   64  C  CD  . GLN A 1 12  ? 0.013   1.584   -11.787 1.00 49.52 ? 12  GLN A CD  1 
ATOM   65  O  OE1 . GLN A 1 12  ? 0.512   2.711   -11.700 1.00 34.15 ? 12  GLN A OE1 1 
ATOM   66  N  NE2 . GLN A 1 12  ? -0.018  0.899   -12.925 1.00 51.24 ? 12  GLN A NE2 1 
ATOM   67  N  N   . THR A 1 13  ? -0.814  2.894   -6.465  1.00 35.20 ? 13  THR A N   1 
ATOM   68  C  CA  . THR A 1 13  ? -0.344  3.509   -5.230  1.00 36.63 ? 13  THR A CA  1 
ATOM   69  C  C   . THR A 1 13  ? -0.891  2.774   -4.017  1.00 33.72 ? 13  THR A C   1 
ATOM   70  O  O   . THR A 1 13  ? -0.183  2.603   -3.020  1.00 34.94 ? 13  THR A O   1 
ATOM   71  C  CB  . THR A 1 13  ? -0.744  4.982   -5.206  1.00 31.62 ? 13  THR A CB  1 
ATOM   72  O  OG1 . THR A 1 13  ? -0.250  5.613   -6.396  1.00 42.28 ? 13  THR A OG1 1 
ATOM   73  C  CG2 . THR A 1 13  ? -0.181  5.708   -3.979  1.00 32.29 ? 13  THR A CG2 1 
ATOM   74  N  N   . ASN A 1 14  ? -2.134  2.292   -4.101  1.00 38.55 ? 14  ASN A N   1 
ATOM   75  C  CA  . ASN A 1 14  ? -2.699  1.501   -3.013  1.00 34.18 ? 14  ASN A CA  1 
ATOM   76  C  C   . ASN A 1 14  ? -1.899  0.230   -2.776  1.00 34.33 ? 14  ASN A C   1 
ATOM   77  O  O   . ASN A 1 14  ? -1.563  -0.102  -1.633  1.00 31.14 ? 14  ASN A O   1 
ATOM   78  C  CB  . ASN A 1 14  ? -4.148  1.143   -3.318  1.00 40.92 ? 14  ASN A CB  1 
ATOM   79  C  CG  . ASN A 1 14  ? -5.120  1.999   -2.557  1.00 50.73 ? 14  ASN A CG  1 
ATOM   80  O  OD1 . ASN A 1 14  ? -5.806  1.532   -1.644  1.00 49.96 ? 14  ASN A OD1 1 
ATOM   81  N  ND2 . ASN A 1 14  ? -5.168  3.272   -2.908  1.00 48.22 ? 14  ASN A ND2 1 
ATOM   82  N  N   . VAL A 1 15  ? -1.609  -0.517  -3.843  1.00 36.23 ? 15  VAL A N   1 
ATOM   83  C  CA  . VAL A 1 15  ? -0.877  -1.767  -3.683  1.00 35.71 ? 15  VAL A CA  1 
ATOM   84  C  C   . VAL A 1 15  ? 0.517   -1.499  -3.129  1.00 30.76 ? 15  VAL A C   1 
ATOM   85  O  O   . VAL A 1 15  ? 1.020   -2.253  -2.289  1.00 31.56 ? 15  VAL A O   1 
ATOM   86  C  CB  . VAL A 1 15  ? -0.821  -2.539  -5.014  1.00 42.79 ? 15  VAL A CB  1 
ATOM   87  C  CG1 . VAL A 1 15  ? 0.125   -3.733  -4.892  1.00 45.76 ? 15  VAL A CG1 1 
ATOM   88  C  CG2 . VAL A 1 15  ? -2.216  -3.009  -5.409  1.00 46.77 ? 15  VAL A CG2 1 
ATOM   89  N  N   . ILE A 1 16  ? 1.165   -0.426  -3.584  1.00 31.98 ? 16  ILE A N   1 
ATOM   90  C  CA  . ILE A 1 16  ? 2.498   -0.117  -3.082  1.00 30.92 ? 16  ILE A CA  1 
ATOM   91  C  C   . ILE A 1 16  ? 2.450   0.166   -1.581  1.00 32.26 ? 16  ILE A C   1 
ATOM   92  O  O   . ILE A 1 16  ? 3.221   -0.402  -0.796  1.00 30.22 ? 16  ILE A O   1 
ATOM   93  C  CB  . ILE A 1 16  ? 3.107   1.060   -3.866  1.00 31.36 ? 16  ILE A CB  1 
ATOM   94  C  CG1 . ILE A 1 16  ? 3.435   0.605   -5.293  1.00 37.49 ? 16  ILE A CG1 1 
ATOM   95  C  CG2 . ILE A 1 16  ? 4.355   1.593   -3.151  1.00 35.12 ? 16  ILE A CG2 1 
ATOM   96  C  CD1 . ILE A 1 16  ? 3.848   1.726   -6.238  1.00 37.27 ? 16  ILE A CD1 1 
ATOM   97  N  N   . LEU A 1 17  ? 1.544   1.059   -1.164  1.00 28.93 ? 17  LEU A N   1 
ATOM   98  C  CA  . LEU A 1 17  ? 1.467   1.445   0.241   1.00 33.46 ? 17  LEU A CA  1 
ATOM   99  C  C   . LEU A 1 17  ? 1.153   0.247   1.133   1.00 29.22 ? 17  LEU A C   1 
ATOM   100 O  O   . LEU A 1 17  ? 1.756   0.084   2.202   1.00 35.79 ? 17  LEU A O   1 
ATOM   101 C  CB  . LEU A 1 17  ? 0.411   2.536   0.419   1.00 31.21 ? 17  LEU A CB  1 
ATOM   102 C  CG  . LEU A 1 17  ? 0.694   3.891   -0.245  1.00 40.40 ? 17  LEU A CG  1 
ATOM   103 C  CD1 . LEU A 1 17  ? -0.514  4.841   -0.159  1.00 36.70 ? 17  LEU A CD1 1 
ATOM   104 C  CD2 . LEU A 1 17  ? 1.946   4.524   0.379   1.00 36.11 ? 17  LEU A CD2 1 
ATOM   105 N  N   . LEU A 1 18  ? 0.222   -0.609  0.716   1.00 32.66 ? 18  LEU A N   1 
ATOM   106 C  CA  . LEU A 1 18  ? -0.084  -1.776  1.528   1.00 27.81 ? 18  LEU A CA  1 
ATOM   107 C  C   . LEU A 1 18  ? 1.115   -2.708  1.637   1.00 38.93 ? 18  LEU A C   1 
ATOM   108 O  O   . LEU A 1 18  ? 1.317   -3.341  2.684   1.00 33.36 ? 18  LEU A O   1 
ATOM   109 C  CB  . LEU A 1 18  ? -1.295  -2.508  0.959   1.00 32.73 ? 18  LEU A CB  1 
ATOM   110 C  CG  . LEU A 1 18  ? -2.639  -1.789  1.112   1.00 35.46 ? 18  LEU A CG  1 
ATOM   111 C  CD1 . LEU A 1 18  ? -3.689  -2.510  0.275   1.00 40.19 ? 18  LEU A CD1 1 
ATOM   112 C  CD2 . LEU A 1 18  ? -3.082  -1.704  2.545   1.00 36.95 ? 18  LEU A CD2 1 
ATOM   113 N  N   . ASN A 1 19  ? 1.931   -2.803  0.581   1.00 35.56 ? 19  ASN A N   1 
ATOM   114 C  CA  . ASN A 1 19  ? 3.128   -3.633  0.670   1.00 38.37 ? 19  ASN A CA  1 
ATOM   115 C  C   . ASN A 1 19  ? 4.194   -2.994  1.542   1.00 33.02 ? 19  ASN A C   1 
ATOM   116 O  O   . ASN A 1 19  ? 4.965   -3.713  2.186   1.00 34.49 ? 19  ASN A O   1 
ATOM   117 C  CB  . ASN A 1 19  ? 3.685   -3.925  -0.715  1.00 31.27 ? 19  ASN A CB  1 
ATOM   118 C  CG  . ASN A 1 19  ? 3.222   -5.255  -1.238  1.00 36.99 ? 19  ASN A CG  1 
ATOM   119 O  OD1 . ASN A 1 19  ? 3.852   -6.287  -0.998  1.00 44.13 ? 19  ASN A OD1 1 
ATOM   120 N  ND2 . ASN A 1 19  ? 2.087   -5.248  -1.916  1.00 42.04 ? 19  ASN A ND2 1 
ATOM   121 N  N   . VAL A 1 20  ? 4.252   -1.662  1.594   1.00 28.24 ? 20  VAL A N   1 
ATOM   122 C  CA  . VAL A 1 20  ? 5.155   -1.008  2.538   1.00 31.39 ? 20  VAL A CA  1 
ATOM   123 C  C   . VAL A 1 20  ? 4.769   -1.373  3.967   1.00 29.87 ? 20  VAL A C   1 
ATOM   124 O  O   . VAL A 1 20  ? 5.616   -1.761  4.780   1.00 33.20 ? 20  VAL A O   1 
ATOM   125 C  CB  . VAL A 1 20  ? 5.152   0.518   2.345   1.00 32.26 ? 20  VAL A CB  1 
ATOM   126 C  CG1 . VAL A 1 20  ? 5.921   1.152   3.479   1.00 32.36 ? 20  VAL A CG1 1 
ATOM   127 C  CG2 . VAL A 1 20  ? 5.745   0.916   1.010   1.00 38.03 ? 20  VAL A CG2 1 
ATOM   128 N  N   . LEU A 1 21  ? 3.479   -1.235  4.294   1.00 32.40 ? 21  LEU A N   1 
ATOM   129 C  CA  . LEU A 1 21  ? 2.995   -1.559  5.631   1.00 35.77 ? 21  LEU A CA  1 
ATOM   130 C  C   . LEU A 1 21  ? 3.093   -3.049  5.923   1.00 40.37 ? 21  LEU A C   1 
ATOM   131 O  O   . LEU A 1 21  ? 3.220   -3.443  7.089   1.00 35.97 ? 21  LEU A O   1 
ATOM   132 C  CB  . LEU A 1 21  ? 1.541   -1.114  5.788   1.00 30.50 ? 21  LEU A CB  1 
ATOM   133 C  CG  . LEU A 1 21  ? 1.291   0.390   5.775   1.00 27.74 ? 21  LEU A CG  1 
ATOM   134 C  CD1 . LEU A 1 21  ? -0.169  0.725   5.940   1.00 30.15 ? 21  LEU A CD1 1 
ATOM   135 C  CD2 . LEU A 1 21  ? 2.121   1.045   6.884   1.00 35.21 ? 21  LEU A CD2 1 
ATOM   136 N  N   . LYS A 1 22  ? 2.983   -3.894  4.893   1.00 38.54 ? 22  LYS A N   1 
ATOM   137 C  CA  . LYS A 1 22  ? 3.176   -5.324  5.099   1.00 45.19 ? 22  LYS A CA  1 
ATOM   138 C  C   . LYS A 1 22  ? 4.542   -5.597  5.715   1.00 37.23 ? 22  LYS A C   1 
ATOM   139 O  O   . LYS A 1 22  ? 4.675   -6.469  6.584   1.00 41.92 ? 22  LYS A O   1 
ATOM   140 C  CB  . LYS A 1 22  ? 3.019   -6.080  3.778   1.00 42.05 ? 22  LYS A CB  1 
ATOM   141 C  CG  . LYS A 1 22  ? 3.243   -7.589  3.900   1.00 50.06 ? 22  LYS A CG  1 
ATOM   142 C  CD  . LYS A 1 22  ? 3.416   -8.241  2.529   1.00 60.30 ? 22  LYS A CD  1 
ATOM   143 C  CE  . LYS A 1 22  ? 4.075   -9.614  2.635   1.00 67.92 ? 22  LYS A CE  1 
ATOM   144 N  NZ  . LYS A 1 22  ? 4.507   -10.137 1.304   1.00 66.28 ? 22  LYS A NZ  1 
ATOM   145 N  N   . GLN A 1 23  ? 5.564   -4.840  5.301   1.00 42.46 ? 23  GLN A N   1 
ATOM   146 C  CA  . GLN A 1 23  ? 6.913   -5.019  5.819   1.00 43.50 ? 23  GLN A CA  1 
ATOM   147 C  C   . GLN A 1 23  ? 7.091   -4.466  7.229   1.00 40.97 ? 23  GLN A C   1 
ATOM   148 O  O   . GLN A 1 23  ? 8.106   -4.765  7.866   1.00 41.80 ? 23  GLN A O   1 
ATOM   149 C  CB  . GLN A 1 23  ? 7.936   -4.354  4.886   1.00 43.29 ? 23  GLN A CB  1 
ATOM   150 C  CG  . GLN A 1 23  ? 7.758   -4.667  3.387   1.00 49.08 ? 23  GLN A CG  1 
ATOM   151 C  CD  . GLN A 1 23  ? 7.559   -6.157  3.086   1.00 58.61 ? 23  GLN A CD  1 
ATOM   152 O  OE1 . GLN A 1 23  ? 8.050   -7.030  3.810   1.00 52.99 ? 23  GLN A OE1 1 
ATOM   153 N  NE2 . GLN A 1 23  ? 6.831   -6.447  2.009   1.00 59.56 ? 23  GLN A NE2 1 
ATOM   154 N  N   . GLY A 1 24  ? 6.154   -3.655  7.719   1.00 38.27 ? 24  GLY A N   1 
ATOM   155 C  CA  . GLY A 1 24  ? 6.273   -3.060  9.035   1.00 39.82 ? 24  GLY A CA  1 
ATOM   156 C  C   . GLY A 1 24  ? 5.491   -1.769  9.175   1.00 34.70 ? 24  GLY A C   1 
ATOM   157 O  O   . GLY A 1 24  ? 5.398   -0.991  8.221   1.00 37.02 ? 24  GLY A O   1 
ATOM   158 N  N   . ASP A 1 25  ? 4.931   -1.537  10.366  1.00 31.72 ? 25  ASP A N   1 
ATOM   159 C  CA  . ASP A 1 25  ? 4.271   -0.275  10.663  1.00 29.04 ? 25  ASP A CA  1 
ATOM   160 C  C   . ASP A 1 25  ? 5.185   0.877   10.286  1.00 27.83 ? 25  ASP A C   1 
ATOM   161 O  O   . ASP A 1 25  ? 6.410   0.789   10.390  1.00 30.70 ? 25  ASP A O   1 
ATOM   162 C  CB  . ASP A 1 25  ? 3.905   -0.188  12.143  1.00 25.16 ? 25  ASP A CB  1 
ATOM   163 C  CG  . ASP A 1 25  ? 3.042   -1.340  12.587  1.00 32.96 ? 25  ASP A CG  1 
ATOM   164 O  OD1 . ASP A 1 25  ? 2.796   -2.241  11.757  1.00 33.74 ? 25  ASP A OD1 1 
ATOM   165 O  OD2 . ASP A 1 25  ? 2.596   -1.341  13.755  1.00 30.11 ? 25  ASP A OD2 1 
ATOM   166 N  N   . ASN A 1 26  ? 4.586   1.968   9.830   1.00 31.24 ? 26  ASN A N   1 
ATOM   167 C  CA  . ASN A 1 26  ? 5.398   3.057   9.316   1.00 32.84 ? 26  ASN A CA  1 
ATOM   168 C  C   . ASN A 1 26  ? 4.581   4.338   9.313   1.00 24.51 ? 26  ASN A C   1 
ATOM   169 O  O   . ASN A 1 26  ? 3.352   4.313   9.442   1.00 31.55 ? 26  ASN A O   1 
ATOM   170 C  CB  . ASN A 1 26  ? 5.915   2.718   7.908   1.00 36.17 ? 26  ASN A CB  1 
ATOM   171 C  CG  . ASN A 1 26  ? 7.299   3.273   7.639   1.00 34.18 ? 26  ASN A CG  1 
ATOM   172 O  OD1 . ASN A 1 26  ? 7.628   4.387   8.042   1.00 31.93 ? 26  ASN A OD1 1 
ATOM   173 N  ND2 . ASN A 1 26  ? 8.120   2.487   6.942   1.00 34.67 ? 26  ASN A ND2 1 
ATOM   174 N  N   . TYR A 1 27  ? 5.283   5.456   9.171   1.00 30.60 ? 27  TYR A N   1 
ATOM   175 C  CA  . TYR A 1 27  ? 4.674   6.778   9.136   1.00 29.66 ? 27  TYR A CA  1 
ATOM   176 C  C   . TYR A 1 27  ? 4.921   7.412   7.774   1.00 37.31 ? 27  TYR A C   1 
ATOM   177 O  O   . TYR A 1 27  ? 5.751   6.944   6.987   1.00 30.61 ? 27  TYR A O   1 
ATOM   178 C  CB  . TYR A 1 27  ? 5.234   7.655   10.263  1.00 32.53 ? 27  TYR A CB  1 
ATOM   179 C  CG  . TYR A 1 27  ? 6.686   8.015   10.082  1.00 39.79 ? 27  TYR A CG  1 
ATOM   180 C  CD1 . TYR A 1 27  ? 7.685   7.075   10.286  1.00 40.64 ? 27  TYR A CD1 1 
ATOM   181 C  CD2 . TYR A 1 27  ? 7.063   9.297   9.708   1.00 42.47 ? 27  TYR A CD2 1 
ATOM   182 C  CE1 . TYR A 1 27  ? 9.018   7.397   10.108  1.00 41.52 ? 27  TYR A CE1 1 
ATOM   183 C  CE2 . TYR A 1 27  ? 8.390   9.629   9.543   1.00 44.47 ? 27  TYR A CE2 1 
ATOM   184 C  CZ  . TYR A 1 27  ? 9.364   8.674   9.741   1.00 49.57 ? 27  TYR A CZ  1 
ATOM   185 O  OH  . TYR A 1 27  ? 10.689  9.006   9.563   1.00 55.91 ? 27  TYR A OH  1 
ATOM   186 N  N   . VAL A 1 28  ? 4.220   8.520   7.515   1.00 26.38 ? 28  VAL A N   1 
ATOM   187 C  CA  . VAL A 1 28  ? 4.084   9.030   6.149   1.00 34.80 ? 28  VAL A CA  1 
ATOM   188 C  C   . VAL A 1 28  ? 5.450   9.282   5.516   1.00 33.27 ? 28  VAL A C   1 
ATOM   189 O  O   . VAL A 1 28  ? 5.714   8.848   4.390   1.00 31.00 ? 28  VAL A O   1 
ATOM   190 C  CB  . VAL A 1 28  ? 3.213   10.297  6.134   1.00 33.30 ? 28  VAL A CB  1 
ATOM   191 C  CG1 . VAL A 1 28  ? 3.340   11.033  4.814   1.00 38.96 ? 28  VAL A CG1 1 
ATOM   192 C  CG2 . VAL A 1 28  ? 1.754   9.930   6.377   1.00 44.00 ? 28  VAL A CG2 1 
ATOM   193 N  N   . TYR A 1 29  ? 6.331   9.997   6.213   1.00 31.00 ? 29  TYR A N   1 
ATOM   194 C  CA  . TYR A 1 29  ? 7.604   10.357  5.599   1.00 41.43 ? 29  TYR A CA  1 
ATOM   195 C  C   . TYR A 1 29  ? 8.500   9.134   5.442   1.00 37.20 ? 29  TYR A C   1 
ATOM   196 O  O   . TYR A 1 29  ? 9.222   9.013   4.450   1.00 34.91 ? 29  TYR A O   1 
ATOM   197 C  CB  . TYR A 1 29  ? 8.295   11.449  6.410   1.00 47.09 ? 29  TYR A CB  1 
ATOM   198 C  CG  . TYR A 1 29  ? 7.575   12.794  6.383   1.00 54.88 ? 29  TYR A CG  1 
ATOM   199 C  CD1 . TYR A 1 29  ? 7.093   13.337  5.194   1.00 52.70 ? 29  TYR A CD1 1 
ATOM   200 C  CD2 . TYR A 1 29  ? 7.375   13.515  7.557   1.00 59.66 ? 29  TYR A CD2 1 
ATOM   201 C  CE1 . TYR A 1 29  ? 6.437   14.559  5.178   1.00 51.71 ? 29  TYR A CE1 1 
ATOM   202 C  CE2 . TYR A 1 29  ? 6.717   14.736  7.550   1.00 60.37 ? 29  TYR A CE2 1 
ATOM   203 C  CZ  . TYR A 1 29  ? 6.252   15.253  6.359   1.00 61.01 ? 29  TYR A CZ  1 
ATOM   204 O  OH  . TYR A 1 29  ? 5.602   16.468  6.359   1.00 67.27 ? 29  TYR A OH  1 
ATOM   205 N  N   . GLY A 1 30  ? 8.461   8.204   6.407   1.00 30.16 ? 30  GLY A N   1 
ATOM   206 C  CA  . GLY A 1 30  ? 9.182   6.946   6.245   1.00 38.00 ? 30  GLY A CA  1 
ATOM   207 C  C   . GLY A 1 30  ? 8.666   6.126   5.077   1.00 40.13 ? 30  GLY A C   1 
ATOM   208 O  O   . GLY A 1 30  ? 9.437   5.460   4.380   1.00 27.76 ? 30  GLY A O   1 
ATOM   209 N  N   . ILE A 1 31  ? 7.355   6.177   4.837   1.00 29.65 ? 31  ILE A N   1 
ATOM   210 C  CA  . ILE A 1 31  ? 6.782   5.500   3.682   1.00 31.36 ? 31  ILE A CA  1 
ATOM   211 C  C   . ILE A 1 31  ? 7.251   6.165   2.394   1.00 33.18 ? 31  ILE A C   1 
ATOM   212 O  O   . ILE A 1 31  ? 7.730   5.493   1.470   1.00 31.22 ? 31  ILE A O   1 
ATOM   213 C  CB  . ILE A 1 31  ? 5.244   5.489   3.769   1.00 28.81 ? 31  ILE A CB  1 
ATOM   214 C  CG1 . ILE A 1 31  ? 4.771   4.733   5.014   1.00 28.09 ? 31  ILE A CG1 1 
ATOM   215 C  CG2 . ILE A 1 31  ? 4.668   4.845   2.517   1.00 33.71 ? 31  ILE A CG2 1 
ATOM   216 C  CD1 . ILE A 1 31  ? 3.282   4.908   5.325   1.00 32.30 ? 31  ILE A CD1 1 
ATOM   217 N  N   . ILE A 1 32  ? 7.109   7.490   2.304   1.00 29.33 ? 32  ILE A N   1 
ATOM   218 C  CA  . ILE A 1 32  ? 7.529   8.207   1.102   1.00 35.15 ? 32  ILE A CA  1 
ATOM   219 C  C   . ILE A 1 32  ? 8.994   7.922   0.801   1.00 33.50 ? 32  ILE A C   1 
ATOM   220 O  O   . ILE A 1 32  ? 9.372   7.703   -0.357  1.00 36.91 ? 32  ILE A O   1 
ATOM   221 C  CB  . ILE A 1 32  ? 7.254   9.717   1.248   1.00 33.69 ? 32  ILE A CB  1 
ATOM   222 C  CG1 . ILE A 1 32  ? 5.741   9.980   1.220   1.00 27.87 ? 32  ILE A CG1 1 
ATOM   223 C  CG2 . ILE A 1 32  ? 7.966   10.511  0.134   1.00 32.63 ? 32  ILE A CG2 1 
ATOM   224 C  CD1 . ILE A 1 32  ? 5.334   11.388  1.615   1.00 31.40 ? 32  ILE A CD1 1 
ATOM   225 N  N   . LYS A 1 33  ? 9.840   7.870   1.832   1.00 34.63 ? 33  LYS A N   1 
ATOM   226 C  CA  . LYS A 1 33  ? 11.259  7.611   1.613   1.00 39.01 ? 33  LYS A CA  1 
ATOM   227 C  C   . LYS A 1 33  ? 11.486  6.210   1.053   1.00 39.27 ? 33  LYS A C   1 
ATOM   228 O  O   . LYS A 1 33  ? 12.250  6.030   0.100   1.00 32.99 ? 33  LYS A O   1 
ATOM   229 C  CB  . LYS A 1 33  ? 12.040  7.810   2.914   1.00 38.27 ? 33  LYS A CB  1 
ATOM   230 C  CG  . LYS A 1 33  ? 13.542  7.567   2.785   1.00 50.19 ? 33  LYS A CG  1 
ATOM   231 C  CD  . LYS A 1 33  ? 14.213  7.451   4.156   1.00 66.95 ? 33  LYS A CD  1 
ATOM   232 C  CE  . LYS A 1 33  ? 15.682  7.044   4.030   1.00 67.75 ? 33  LYS A CE  1 
ATOM   233 N  NZ  . LYS A 1 33  ? 16.313  6.837   5.367   1.00 70.17 ? 33  LYS A NZ  1 
ATOM   234 N  N   . GLN A 1 34  ? 10.829  5.199   1.636   1.00 31.50 ? 34  GLN A N   1 
ATOM   235 C  CA  . GLN A 1 34  ? 10.998  3.831   1.151   1.00 35.26 ? 34  GLN A CA  1 
ATOM   236 C  C   . GLN A 1 34  ? 10.516  3.688   -0.289  1.00 37.82 ? 34  GLN A C   1 
ATOM   237 O  O   . GLN A 1 34  ? 11.128  2.964   -1.083  1.00 33.67 ? 34  GLN A O   1 
ATOM   238 C  CB  . GLN A 1 34  ? 10.258  2.845   2.061   1.00 35.61 ? 34  GLN A CB  1 
ATOM   239 C  CG  . GLN A 1 34  ? 10.945  2.594   3.394   1.00 50.57 ? 34  GLN A CG  1 
ATOM   240 C  CD  . GLN A 1 34  ? 10.438  1.341   4.111   1.00 61.83 ? 34  GLN A CD  1 
ATOM   241 O  OE1 . GLN A 1 34  ? 9.686   0.538   3.550   1.00 60.99 ? 34  GLN A OE1 1 
ATOM   242 N  NE2 . GLN A 1 34  ? 10.863  1.169   5.357   1.00 67.28 ? 34  GLN A NE2 1 
ATOM   243 N  N   . VAL A 1 35  ? 9.419   4.364   -0.648  1.00 34.98 ? 35  VAL A N   1 
ATOM   244 C  CA  . VAL A 1 35  ? 8.871   4.199   -1.991  1.00 33.79 ? 35  VAL A CA  1 
ATOM   245 C  C   . VAL A 1 35  ? 9.753   4.900   -3.021  1.00 43.71 ? 35  VAL A C   1 
ATOM   246 O  O   . VAL A 1 35  ? 9.936   4.405   -4.145  1.00 33.47 ? 35  VAL A O   1 
ATOM   247 C  CB  . VAL A 1 35  ? 7.417   4.705   -2.047  1.00 37.74 ? 35  VAL A CB  1 
ATOM   248 C  CG1 . VAL A 1 35  ? 6.935   4.731   -3.494  1.00 35.66 ? 35  VAL A CG1 1 
ATOM   249 C  CG2 . VAL A 1 35  ? 6.502   3.816   -1.194  1.00 32.95 ? 35  VAL A CG2 1 
ATOM   250 N  N   . LYS A 1 36  ? 10.315  6.060   -2.658  1.00 37.23 ? 36  LYS A N   1 
ATOM   251 C  CA  . LYS A 1 36  ? 11.270  6.729   -3.535  1.00 43.85 ? 36  LYS A CA  1 
ATOM   252 C  C   . LYS A 1 36  ? 12.500  5.861   -3.771  1.00 42.68 ? 36  LYS A C   1 
ATOM   253 O  O   . LYS A 1 36  ? 12.974  5.736   -4.900  1.00 37.32 ? 36  LYS A O   1 
ATOM   254 C  CB  . LYS A 1 36  ? 11.683  8.074   -2.940  1.00 35.77 ? 36  LYS A CB  1 
ATOM   255 C  CG  . LYS A 1 36  ? 12.553  8.888   -3.880  1.00 49.07 ? 36  LYS A CG  1 
ATOM   256 C  CD  . LYS A 1 36  ? 12.860  10.270  -3.327  1.00 54.60 ? 36  LYS A CD  1 
ATOM   257 C  CE  . LYS A 1 36  ? 13.771  11.056  -4.268  1.00 58.99 ? 36  LYS A CE  1 
ATOM   258 N  NZ  . LYS A 1 36  ? 14.115  12.396  -3.711  1.00 60.93 ? 36  LYS A NZ  1 
ATOM   259 N  N   . GLU A 1 37  ? 13.017  5.237   -2.715  1.00 41.59 ? 37  GLU A N   1 
ATOM   260 C  CA  . GLU A 1 37  ? 14.190  4.378   -2.855  1.00 40.03 ? 37  GLU A CA  1 
ATOM   261 C  C   . GLU A 1 37  ? 13.878  3.147   -3.702  1.00 40.20 ? 37  GLU A C   1 
ATOM   262 O  O   . GLU A 1 37  ? 14.576  2.865   -4.683  1.00 44.04 ? 37  GLU A O   1 
ATOM   263 C  CB  . GLU A 1 37  ? 14.694  3.989   -1.465  1.00 41.14 ? 37  GLU A CB  1 
ATOM   264 C  CG  . GLU A 1 37  ? 15.899  3.076   -1.440  1.00 55.76 ? 37  GLU A CG  1 
ATOM   265 C  CD  . GLU A 1 37  ? 16.300  2.701   -0.023  1.00 73.13 ? 37  GLU A CD  1 
ATOM   266 O  OE1 . GLU A 1 37  ? 15.529  3.014   0.920   1.00 66.63 ? 37  GLU A OE1 1 
ATOM   267 O  OE2 . GLU A 1 37  ? 17.384  2.095   0.143   1.00 73.01 ? 37  GLU A OE2 1 
ATOM   268 N  N   . ALA A 1 38  ? 12.828  2.400   -3.351  1.00 39.31 ? 38  ALA A N   1 
ATOM   269 C  CA  . ALA A 1 38  ? 12.536  1.164   -4.069  1.00 35.50 ? 38  ALA A CA  1 
ATOM   270 C  C   . ALA A 1 38  ? 12.191  1.419   -5.530  1.00 40.79 ? 38  ALA A C   1 
ATOM   271 O  O   . ALA A 1 38  ? 12.375  0.521   -6.363  1.00 45.34 ? 38  ALA A O   1 
ATOM   272 C  CB  . ALA A 1 38  ? 11.389  0.407   -3.391  1.00 39.51 ? 38  ALA A CB  1 
ATOM   273 N  N   . SER A 1 39  ? 11.719  2.615   -5.856  1.00 38.84 ? 39  SER A N   1 
ATOM   274 C  CA  . SER A 1 39  ? 11.379  2.977   -7.220  1.00 44.90 ? 39  SER A CA  1 
ATOM   275 C  C   . SER A 1 39  ? 12.531  3.644   -7.966  1.00 40.14 ? 39  SER A C   1 
ATOM   276 O  O   . SER A 1 39  ? 12.311  4.189   -9.048  1.00 36.54 ? 39  SER A O   1 
ATOM   277 C  CB  . SER A 1 39  ? 10.178  3.919   -7.222  1.00 42.88 ? 39  SER A CB  1 
ATOM   278 O  OG  . SER A 1 39  ? 10.574  5.192   -6.751  1.00 43.28 ? 39  SER A OG  1 
ATOM   279 N  N   . ASN A 1 40  ? 13.746  3.631   -7.418  1.00 45.81 ? 40  ASN A N   1 
ATOM   280 C  CA  . ASN A 1 40  ? 14.888  4.273   -8.068  1.00 49.19 ? 40  ASN A CA  1 
ATOM   281 C  C   . ASN A 1 40  ? 14.599  5.747   -8.343  1.00 51.09 ? 40  ASN A C   1 
ATOM   282 O  O   . ASN A 1 40  ? 14.990  6.301   -9.373  1.00 48.65 ? 40  ASN A O   1 
ATOM   283 C  CB  . ASN A 1 40  ? 15.261  3.542   -9.358  1.00 40.29 ? 40  ASN A CB  1 
ATOM   284 C  CG  . ASN A 1 40  ? 15.500  2.060   -9.132  1.00 43.70 ? 40  ASN A CG  1 
ATOM   285 O  OD1 . ASN A 1 40  ? 16.139  1.673   -8.157  1.00 44.96 ? 40  ASN A OD1 1 
ATOM   286 N  ND2 . ASN A 1 40  ? 14.965  1.224   -10.022 1.00 45.95 ? 40  ASN A ND2 1 
ATOM   287 N  N   . GLY A 1 41  ? 13.898  6.382   -7.414  1.00 49.00 ? 41  GLY A N   1 
ATOM   288 C  CA  . GLY A 1 41  ? 13.706  7.810   -7.461  1.00 41.49 ? 41  GLY A CA  1 
ATOM   289 C  C   . GLY A 1 41  ? 12.591  8.289   -8.358  1.00 48.95 ? 41  GLY A C   1 
ATOM   290 O  O   . GLY A 1 41  ? 12.333  9.499   -8.394  1.00 52.77 ? 41  GLY A O   1 
ATOM   291 N  N   . GLU A 1 42  ? 11.912  7.390   -9.064  1.00 43.86 ? 42  GLU A N   1 
ATOM   292 C  CA  . GLU A 1 42  ? 10.917  7.822   -10.035 1.00 51.50 ? 42  GLU A CA  1 
ATOM   293 C  C   . GLU A 1 42  ? 9.521   7.964   -9.445  1.00 53.03 ? 42  GLU A C   1 
ATOM   294 O  O   . GLU A 1 42  ? 8.619   8.435   -10.147 1.00 52.17 ? 42  GLU A O   1 
ATOM   295 C  CB  . GLU A 1 42  ? 10.870  6.851   -11.220 1.00 58.79 ? 42  GLU A CB  1 
ATOM   296 C  CG  . GLU A 1 42  ? 12.068  6.969   -12.170 1.00 58.00 ? 42  GLU A CG  1 
ATOM   297 C  CD  . GLU A 1 42  ? 12.239  8.369   -12.736 1.00 62.99 ? 42  GLU A CD  1 
ATOM   298 O  OE1 . GLU A 1 42  ? 11.226  8.977   -13.149 1.00 65.42 ? 42  GLU A OE1 1 
ATOM   299 O  OE2 . GLU A 1 42  ? 13.386  8.865   -12.751 1.00 65.68 ? 42  GLU A OE2 1 
ATOM   300 N  N   . MET A 1 43  ? 9.311   7.568   -8.191  1.00 42.98 ? 43  MET A N   1 
ATOM   301 C  CA  . MET A 1 43  ? 8.007   7.707   -7.547  1.00 47.54 ? 43  MET A CA  1 
ATOM   302 C  C   . MET A 1 43  ? 8.214   8.502   -6.261  1.00 41.13 ? 43  MET A C   1 
ATOM   303 O  O   . MET A 1 43  ? 8.667   7.959   -5.248  1.00 39.77 ? 43  MET A O   1 
ATOM   304 C  CB  . MET A 1 43  ? 7.365   6.351   -7.272  1.00 44.62 ? 43  MET A CB  1 
ATOM   305 C  CG  . MET A 1 43  ? 5.866   6.449   -7.008  1.00 44.17 ? 43  MET A CG  1 
ATOM   306 S  SD  . MET A 1 43  ? 5.077   4.857   -6.726  1.00 46.41 ? 43  MET A SD  1 
ATOM   307 C  CE  . MET A 1 43  ? 3.338   5.305   -6.839  1.00 58.58 ? 43  MET A CE  1 
ATOM   308 N  N   . GLU A 1 44  ? 7.915   9.791   -6.318  1.00 38.37 ? 44  GLU A N   1 
ATOM   309 C  CA  . GLU A 1 44  ? 7.926   10.671  -5.152  1.00 43.73 ? 44  GLU A CA  1 
ATOM   310 C  C   . GLU A 1 44  ? 6.463   10.943  -4.808  1.00 40.65 ? 44  GLU A C   1 
ATOM   311 O  O   . GLU A 1 44  ? 5.824   11.823  -5.387  1.00 48.94 ? 44  GLU A O   1 
ATOM   312 C  CB  . GLU A 1 44  ? 8.709   11.947  -5.437  1.00 50.05 ? 44  GLU A CB  1 
ATOM   313 C  CG  . GLU A 1 44  ? 10.209  11.704  -5.594  1.00 63.05 ? 44  GLU A CG  1 
ATOM   314 C  CD  . GLU A 1 44  ? 10.839  12.545  -6.692  1.00 70.02 ? 44  GLU A CD  1 
ATOM   315 O  OE1 . GLU A 1 44  ? 10.509  13.750  -6.796  1.00 61.65 ? 44  GLU A OE1 1 
ATOM   316 O  OE2 . GLU A 1 44  ? 11.662  11.987  -7.452  1.00 69.13 ? 44  GLU A OE2 1 
ATOM   317 N  N   . LEU A 1 45  ? 5.930   10.156  -3.876  1.00 43.13 ? 45  LEU A N   1 
ATOM   318 C  CA  . LEU A 1 45  ? 4.549   10.330  -3.455  1.00 33.62 ? 45  LEU A CA  1 
ATOM   319 C  C   . LEU A 1 45  ? 4.405   11.589  -2.612  1.00 37.63 ? 45  LEU A C   1 
ATOM   320 O  O   . LEU A 1 45  ? 5.291   11.933  -1.823  1.00 41.25 ? 45  LEU A O   1 
ATOM   321 C  CB  . LEU A 1 45  ? 4.073   9.113   -2.663  1.00 41.43 ? 45  LEU A CB  1 
ATOM   322 C  CG  . LEU A 1 45  ? 4.108   7.782   -3.415  1.00 43.70 ? 45  LEU A CG  1 
ATOM   323 C  CD1 . LEU A 1 45  ? 3.701   6.617   -2.516  1.00 44.11 ? 45  LEU A CD1 1 
ATOM   324 C  CD2 . LEU A 1 45  ? 3.231   7.838   -4.662  1.00 40.07 ? 45  LEU A CD2 1 
ATOM   325 N  N   . ASN A 1 46  ? 3.279   12.267  -2.779  1.00 40.75 ? 46  ASN A N   1 
ATOM   326 C  CA  . ASN A 1 46  ? 2.947   13.461  -2.024  1.00 42.17 ? 46  ASN A CA  1 
ATOM   327 C  C   . ASN A 1 46  ? 2.294   13.100  -0.694  1.00 39.45 ? 46  ASN A C   1 
ATOM   328 O  O   . ASN A 1 46  ? 1.479   12.179  -0.620  1.00 34.37 ? 46  ASN A O   1 
ATOM   329 C  CB  . ASN A 1 46  ? 2.007   14.336  -2.856  1.00 44.64 ? 46  ASN A CB  1 
ATOM   330 C  CG  . ASN A 1 46  ? 1.475   15.512  -2.082  1.00 52.84 ? 46  ASN A CG  1 
ATOM   331 O  OD1 . ASN A 1 46  ? 2.145   16.028  -1.185  1.00 62.52 ? 46  ASN A OD1 1 
ATOM   332 N  ND2 . ASN A 1 46  ? 0.264   15.948  -2.420  1.00 60.20 ? 46  ASN A ND2 1 
ATOM   333 N  N   . GLU A 1 47  ? 2.658   13.851  0.353   1.00 39.40 ? 47  GLU A N   1 
ATOM   334 C  CA  . GLU A 1 47  ? 2.075   13.670  1.679   1.00 38.80 ? 47  GLU A CA  1 
ATOM   335 C  C   . GLU A 1 47  ? 0.553   13.599  1.633   1.00 37.35 ? 47  GLU A C   1 
ATOM   336 O  O   . GLU A 1 47  ? -0.050  12.658  2.158   1.00 34.76 ? 47  GLU A O   1 
ATOM   337 C  CB  . GLU A 1 47  ? 2.514   14.835  2.564   1.00 49.96 ? 47  GLU A CB  1 
ATOM   338 C  CG  . GLU A 1 47  ? 2.710   14.495  4.008   1.00 49.17 ? 47  GLU A CG  1 
ATOM   339 C  CD  . GLU A 1 47  ? 2.950   15.731  4.849   1.00 54.16 ? 47  GLU A CD  1 
ATOM   340 O  OE1 . GLU A 1 47  ? 3.178   16.809  4.262   1.00 58.30 ? 47  GLU A OE1 1 
ATOM   341 O  OE2 . GLU A 1 47  ? 2.905   15.622  6.094   1.00 55.01 ? 47  GLU A OE2 1 
ATOM   342 N  N   . ALA A 1 48  ? -0.085  14.603  1.022   1.00 36.64 ? 48  ALA A N   1 
ATOM   343 C  CA  . ALA A 1 48  ? -1.541  14.675  0.989   1.00 35.23 ? 48  ALA A CA  1 
ATOM   344 C  C   . ALA A 1 48  ? -2.150  13.485  0.261   1.00 38.49 ? 48  ALA A C   1 
ATOM   345 O  O   . ALA A 1 48  ? -3.272  13.072  0.585   1.00 32.82 ? 48  ALA A O   1 
ATOM   346 C  CB  . ALA A 1 48  ? -1.982  15.981  0.321   1.00 37.25 ? 48  ALA A CB  1 
ATOM   347 N  N   . THR A 1 49  ? -1.437  12.922  -0.721  1.00 31.97 ? 49  THR A N   1 
ATOM   348 C  CA  . THR A 1 49  ? -1.930  11.722  -1.388  1.00 37.47 ? 49  THR A CA  1 
ATOM   349 C  C   . THR A 1 49  ? -2.021  10.554  -0.404  1.00 32.59 ? 49  THR A C   1 
ATOM   350 O  O   . THR A 1 49  ? -3.037  9.849   -0.356  1.00 28.97 ? 49  THR A O   1 
ATOM   351 C  CB  . THR A 1 49  ? -1.035  11.369  -2.575  1.00 37.83 ? 49  THR A CB  1 
ATOM   352 O  OG1 . THR A 1 49  ? -1.079  12.429  -3.544  1.00 38.25 ? 49  THR A OG1 1 
ATOM   353 C  CG2 . THR A 1 49  ? -1.513  10.107  -3.237  1.00 36.03 ? 49  THR A CG2 1 
ATOM   354 N  N   . LEU A 1 50  ? -0.965  10.338  0.390   1.00 34.62 ? 50  LEU A N   1 
ATOM   355 C  CA  . LEU A 1 50  ? -1.019  9.295   1.408   1.00 32.15 ? 50  LEU A CA  1 
ATOM   356 C  C   . LEU A 1 50  ? -2.189  9.522   2.357   1.00 33.89 ? 50  LEU A C   1 
ATOM   357 O  O   . LEU A 1 50  ? -2.939  8.587   2.650   1.00 25.79 ? 50  LEU A O   1 
ATOM   358 C  CB  . LEU A 1 50  ? 0.302   9.243   2.178   1.00 31.86 ? 50  LEU A CB  1 
ATOM   359 C  CG  . LEU A 1 50  ? 1.296   8.205   1.642   1.00 40.96 ? 50  LEU A CG  1 
ATOM   360 C  CD1 . LEU A 1 50  ? 1.510   8.390   0.150   1.00 48.51 ? 50  LEU A CD1 1 
ATOM   361 C  CD2 . LEU A 1 50  ? 2.622   8.283   2.360   1.00 39.33 ? 50  LEU A CD2 1 
ATOM   362 N  N   . TYR A 1 51  ? -2.383  10.762  2.817   1.00 29.19 ? 51  TYR A N   1 
ATOM   363 C  CA  . TYR A 1 51  ? -3.480  11.024  3.742   1.00 27.06 ? 51  TYR A CA  1 
ATOM   364 C  C   . TYR A 1 51  ? -4.810  10.676  3.099   1.00 29.85 ? 51  TYR A C   1 
ATOM   365 O  O   . TYR A 1 51  ? -5.666  10.056  3.738   1.00 29.24 ? 51  TYR A O   1 
ATOM   366 C  CB  . TYR A 1 51  ? -3.451  12.473  4.221   1.00 32.17 ? 51  TYR A CB  1 
ATOM   367 C  CG  . TYR A 1 51  ? -2.265  12.748  5.110   1.00 31.06 ? 51  TYR A CG  1 
ATOM   368 C  CD1 . TYR A 1 51  ? -1.931  11.883  6.145   1.00 37.38 ? 51  TYR A CD1 1 
ATOM   369 C  CD2 . TYR A 1 51  ? -1.452  13.849  4.892   1.00 39.85 ? 51  TYR A CD2 1 
ATOM   370 C  CE1 . TYR A 1 51  ? -0.834  12.113  6.944   1.00 42.14 ? 51  TYR A CE1 1 
ATOM   371 C  CE2 . TYR A 1 51  ? -0.354  14.088  5.691   1.00 44.40 ? 51  TYR A CE2 1 
ATOM   372 C  CZ  . TYR A 1 51  ? -0.048  13.212  6.710   1.00 34.55 ? 51  TYR A CZ  1 
ATOM   373 O  OH  . TYR A 1 51  ? 1.047   13.452  7.509   1.00 50.90 ? 51  TYR A OH  1 
ATOM   374 N  N   . THR A 1 52  ? -4.993  11.039  1.823   1.00 31.57 ? 52  THR A N   1 
ATOM   375 C  CA  . THR A 1 52  ? -6.226  10.694  1.118   1.00 27.45 ? 52  THR A CA  1 
ATOM   376 C  C   . THR A 1 52  ? -6.422  9.181   1.086   1.00 29.93 ? 52  THR A C   1 
ATOM   377 O  O   . THR A 1 52  ? -7.515  8.667   1.354   1.00 24.48 ? 52  THR A O   1 
ATOM   378 C  CB  . THR A 1 52  ? -6.203  11.250  -0.311  1.00 30.10 ? 52  THR A CB  1 
ATOM   379 O  OG1 . THR A 1 52  ? -6.184  12.683  -0.282  1.00 35.12 ? 52  THR A OG1 1 
ATOM   380 C  CG2 . THR A 1 52  ? -7.413  10.789  -1.079  1.00 28.43 ? 52  THR A CG2 1 
ATOM   381 N  N   . ILE A 1 53  ? -5.365  8.441   0.759   1.00 28.91 ? 53  ILE A N   1 
ATOM   382 C  CA  . ILE A 1 53  ? -5.515  6.995   0.654   1.00 25.83 ? 53  ILE A CA  1 
ATOM   383 C  C   . ILE A 1 53  ? -5.679  6.378   2.035   1.00 25.03 ? 53  ILE A C   1 
ATOM   384 O  O   . ILE A 1 53  ? -6.526  5.502   2.237   1.00 29.28 ? 53  ILE A O   1 
ATOM   385 C  CB  . ILE A 1 53  ? -4.335  6.389   -0.130  1.00 27.13 ? 53  ILE A CB  1 
ATOM   386 C  CG1 . ILE A 1 53  ? -4.468  6.808   -1.594  1.00 32.66 ? 53  ILE A CG1 1 
ATOM   387 C  CG2 . ILE A 1 53  ? -4.287  4.860   0.027   1.00 31.58 ? 53  ILE A CG2 1 
ATOM   388 C  CD1 . ILE A 1 53  ? -3.278  6.469   -2.433  1.00 34.85 ? 53  ILE A CD1 1 
ATOM   389 N  N   . PHE A 1 54  ? -4.890  6.834   3.017   1.00 25.38 ? 54  PHE A N   1 
ATOM   390 C  CA  . PHE A 1 54  ? -4.976  6.227   4.343   1.00 29.78 ? 54  PHE A CA  1 
ATOM   391 C  C   . PHE A 1 54  ? -6.343  6.466   4.992   1.00 36.21 ? 54  PHE A C   1 
ATOM   392 O  O   . PHE A 1 54  ? -6.815  5.623   5.775   1.00 30.06 ? 54  PHE A O   1 
ATOM   393 C  CB  . PHE A 1 54  ? -3.860  6.758   5.248   1.00 28.84 ? 54  PHE A CB  1 
ATOM   394 C  CG  . PHE A 1 54  ? -2.486  6.187   4.944   1.00 30.71 ? 54  PHE A CG  1 
ATOM   395 C  CD1 . PHE A 1 54  ? -2.330  5.067   4.143   1.00 37.29 ? 54  PHE A CD1 1 
ATOM   396 C  CD2 . PHE A 1 54  ? -1.349  6.792   5.458   1.00 37.34 ? 54  PHE A CD2 1 
ATOM   397 C  CE1 . PHE A 1 54  ? -1.064  4.554   3.868   1.00 38.17 ? 54  PHE A CE1 1 
ATOM   398 C  CE2 . PHE A 1 54  ? -0.088  6.291   5.179   1.00 39.96 ? 54  PHE A CE2 1 
ATOM   399 C  CZ  . PHE A 1 54  ? 0.051   5.163   4.394   1.00 37.36 ? 54  PHE A CZ  1 
ATOM   400 N  N   . LYS A 1 55  ? -6.988  7.601   4.704   1.00 30.30 ? 55  LYS A N   1 
ATOM   401 C  CA  . LYS A 1 55  ? -8.315  7.841   5.259   1.00 35.06 ? 55  LYS A CA  1 
ATOM   402 C  C   . LYS A 1 55  ? -9.305  6.790   4.772   1.00 29.07 ? 55  LYS A C   1 
ATOM   403 O  O   . LYS A 1 55  ? -10.087 6.249   5.565   1.00 27.38 ? 55  LYS A O   1 
ATOM   404 C  CB  . LYS A 1 55  ? -8.810  9.242   4.888   1.00 34.90 ? 55  LYS A CB  1 
ATOM   405 C  CG  . LYS A 1 55  ? -10.243 9.483   5.348   1.00 37.54 ? 55  LYS A CG  1 
ATOM   406 C  CD  . LYS A 1 55  ? -10.761 10.871  5.014   1.00 45.59 ? 55  LYS A CD  1 
ATOM   407 C  CE  . LYS A 1 55  ? -12.282 10.926  5.178   1.00 51.20 ? 55  LYS A CE  1 
ATOM   408 N  NZ  . LYS A 1 55  ? -12.738 10.521  6.547   1.00 56.36 ? 55  LYS A NZ  1 
ATOM   409 N  N   . ARG A 1 56  ? -9.276  6.469   3.480   1.00 27.69 ? 56  ARG A N   1 
ATOM   410 C  CA  . ARG A 1 56  ? -10.158 5.421   2.986   1.00 28.10 ? 56  ARG A CA  1 
ATOM   411 C  C   . ARG A 1 56  ? -9.788  4.053   3.563   1.00 32.96 ? 56  ARG A C   1 
ATOM   412 O  O   . ARG A 1 56  ? -10.671 3.266   3.909   1.00 30.95 ? 56  ARG A O   1 
ATOM   413 C  CB  . ARG A 1 56  ? -10.137 5.379   1.460   1.00 37.55 ? 56  ARG A CB  1 
ATOM   414 C  CG  . ARG A 1 56  ? -10.927 4.194   0.922   1.00 50.55 ? 56  ARG A CG  1 
ATOM   415 C  CD  . ARG A 1 56  ? -11.411 4.408   -0.497  1.00 68.88 ? 56  ARG A CD  1 
ATOM   416 N  NE  . ARG A 1 56  ? -12.807 4.001   -0.657  1.00 75.60 ? 56  ARG A NE  1 
ATOM   417 C  CZ  . ARG A 1 56  ? -13.463 4.005   -1.815  1.00 85.11 ? 56  ARG A CZ  1 
ATOM   418 N  NH1 . ARG A 1 56  ? -12.851 4.391   -2.928  1.00 83.70 ? 56  ARG A NH1 1 
ATOM   419 N  NH2 . ARG A 1 56  ? -14.733 3.620   -1.860  1.00 86.43 ? 56  ARG A NH2 1 
ATOM   420 N  N   . LEU A 1 57  ? -8.490  3.745   3.690   1.00 29.87 ? 57  LEU A N   1 
ATOM   421 C  CA  . LEU A 1 57  ? -8.107  2.437   4.226   1.00 29.79 ? 57  LEU A CA  1 
ATOM   422 C  C   . LEU A 1 57  ? -8.494  2.289   5.701   1.00 26.68 ? 57  LEU A C   1 
ATOM   423 O  O   . LEU A 1 57  ? -8.959  1.224   6.122   1.00 26.46 ? 57  LEU A O   1 
ATOM   424 C  CB  . LEU A 1 57  ? -6.603  2.220   4.026   1.00 30.12 ? 57  LEU A CB  1 
ATOM   425 C  CG  . LEU A 1 57  ? -6.148  2.106   2.560   1.00 30.37 ? 57  LEU A CG  1 
ATOM   426 C  CD1 . LEU A 1 57  ? -4.641  2.007   2.440   1.00 24.07 ? 57  LEU A CD1 1 
ATOM   427 C  CD2 . LEU A 1 57  ? -6.827  0.916   1.872   1.00 37.86 ? 57  LEU A CD2 1 
ATOM   428 N  N   . GLU A 1 58  ? -8.289  3.335   6.505   1.00 25.61 ? 58  GLU A N   1 
ATOM   429 C  CA  . GLU A 1 58  ? -8.697  3.302   7.905   1.00 32.62 ? 58  GLU A CA  1 
ATOM   430 C  C   . GLU A 1 58  ? -10.203 3.107   8.039   1.00 32.32 ? 58  GLU A C   1 
ATOM   431 O  O   . GLU A 1 58  ? -10.674 2.253   8.802   1.00 31.66 ? 58  GLU A O   1 
ATOM   432 C  CB  . GLU A 1 58  ? -8.283  4.602   8.590   1.00 38.05 ? 58  GLU A CB  1 
ATOM   433 C  CG  . GLU A 1 58  ? -6.959  4.577   9.302   1.00 36.10 ? 58  GLU A CG  1 
ATOM   434 C  CD  . GLU A 1 58  ? -6.867  5.696   10.327  1.00 42.52 ? 58  GLU A CD  1 
ATOM   435 O  OE1 . GLU A 1 58  ? -6.885  5.411   11.547  1.00 39.83 ? 58  GLU A OE1 1 
ATOM   436 O  OE2 . GLU A 1 58  ? -6.821  6.874   9.904   1.00 49.83 ? 58  GLU A OE2 1 
ATOM   437 N  N   . LYS A 1 59  ? -10.975 3.925   7.313   1.00 34.59 ? 59  LYS A N   1 
ATOM   438 C  CA  . LYS A 1 59  ? -12.424 3.776   7.277   1.00 37.29 ? 59  LYS A CA  1 
ATOM   439 C  C   . LYS A 1 59  ? -12.828 2.349   6.954   1.00 36.85 ? 59  LYS A C   1 
ATOM   440 O  O   . LYS A 1 59  ? -13.734 1.799   7.586   1.00 37.17 ? 59  LYS A O   1 
ATOM   441 C  CB  . LYS A 1 59  ? -13.011 4.749   6.244   1.00 41.20 ? 59  LYS A CB  1 
ATOM   442 C  CG  . LYS A 1 59  ? -14.385 4.368   5.679   1.00 55.97 ? 59  LYS A CG  1 
ATOM   443 C  CD  . LYS A 1 59  ? -14.956 5.480   4.773   1.00 54.81 ? 59  LYS A CD  1 
ATOM   444 C  CE  . LYS A 1 59  ? -16.365 5.149   4.273   1.00 64.99 ? 59  LYS A CE  1 
ATOM   445 N  NZ  . LYS A 1 59  ? -17.364 4.981   5.377   1.00 66.54 ? 59  LYS A NZ  1 
ATOM   446 N  N   . ASP A 1 60  ? -12.185 1.736   5.969   1.00 35.34 ? 60  ASP A N   1 
ATOM   447 C  CA  . ASP A 1 60  ? -12.546 0.375   5.599   1.00 30.60 ? 60  ASP A CA  1 
ATOM   448 C  C   . ASP A 1 60  ? -11.932 -0.657  6.534   1.00 35.20 ? 60  ASP A C   1 
ATOM   449 O  O   . ASP A 1 60  ? -12.142 -1.853  6.333   1.00 34.95 ? 60  ASP A O   1 
ATOM   450 C  CB  . ASP A 1 60  ? -12.140 0.103   4.150   1.00 37.52 ? 60  ASP A CB  1 
ATOM   451 C  CG  . ASP A 1 60  ? -12.944 0.943   3.149   1.00 37.12 ? 60  ASP A CG  1 
ATOM   452 O  OD1 . ASP A 1 60  ? -14.057 1.403   3.492   1.00 45.76 ? 60  ASP A OD1 1 
ATOM   453 O  OD2 . ASP A 1 60  ? -12.468 1.136   2.015   1.00 49.10 ? 60  ASP A OD2 1 
ATOM   454 N  N   . GLY A 1 61  ? -11.200 -0.225  7.557   1.00 37.67 ? 61  GLY A N   1 
ATOM   455 C  CA  . GLY A 1 61  ? -10.611 -1.154  8.498   1.00 36.53 ? 61  GLY A CA  1 
ATOM   456 C  C   . GLY A 1 61  ? -9.486  -1.991  7.942   1.00 35.91 ? 61  GLY A C   1 
ATOM   457 O  O   . GLY A 1 61  ? -9.205  -3.058  8.480   1.00 32.81 ? 61  GLY A O   1 
ATOM   458 N  N   . ILE A 1 62  ? -8.842  -1.539  6.868   1.00 34.54 ? 62  ILE A N   1 
ATOM   459 C  CA  . ILE A 1 62  ? -7.718  -2.261  6.285   1.00 25.94 ? 62  ILE A CA  1 
ATOM   460 C  C   . ILE A 1 62  ? -6.429  -1.927  7.018   1.00 27.60 ? 62  ILE A C   1 
ATOM   461 O  O   . ILE A 1 62  ? -5.520  -2.762  7.109   1.00 27.16 ? 62  ILE A O   1 
ATOM   462 C  CB  . ILE A 1 62  ? -7.601  -1.918  4.785   1.00 33.97 ? 62  ILE A CB  1 
ATOM   463 C  CG1 . ILE A 1 62  ? -8.819  -2.436  4.017   1.00 40.51 ? 62  ILE A CG1 1 
ATOM   464 C  CG2 . ILE A 1 62  ? -6.277  -2.436  4.220   1.00 28.89 ? 62  ILE A CG2 1 
ATOM   465 C  CD1 . ILE A 1 62  ? -8.974  -3.952  4.022   1.00 48.99 ? 62  ILE A CD1 1 
ATOM   466 N  N   . ILE A 1 63  ? -6.320  -0.692  7.506   1.00 28.90 ? 63  ILE A N   1 
ATOM   467 C  CA  . ILE A 1 63  ? -5.213  -0.230  8.327   1.00 28.29 ? 63  ILE A CA  1 
ATOM   468 C  C   . ILE A 1 63  ? -5.805  0.480   9.545   1.00 27.12 ? 63  ILE A C   1 
ATOM   469 O  O   . ILE A 1 63  ? -6.990  0.809   9.589   1.00 27.75 ? 63  ILE A O   1 
ATOM   470 C  CB  . ILE A 1 63  ? -4.265  0.728   7.563   1.00 31.54 ? 63  ILE A CB  1 
ATOM   471 C  CG1 . ILE A 1 63  ? -4.977  2.051   7.272   1.00 30.37 ? 63  ILE A CG1 1 
ATOM   472 C  CG2 . ILE A 1 63  ? -3.758  0.083   6.283   1.00 31.82 ? 63  ILE A CG2 1 
ATOM   473 C  CD1 . ILE A 1 63  ? -4.106  3.105   6.607   1.00 30.78 ? 63  ILE A CD1 1 
ATOM   474 N  N   . SER A 1 64  ? -4.949  0.738   10.525  1.00 26.77 ? 64  SER A N   1 
ATOM   475 C  CA  . SER A 1 64  ? -5.281  1.593   11.651  1.00 29.50 ? 64  SER A CA  1 
ATOM   476 C  C   . SER A 1 64  ? -4.047  2.426   11.958  1.00 27.80 ? 64  SER A C   1 
ATOM   477 O  O   . SER A 1 64  ? -2.962  2.205   11.403  1.00 29.67 ? 64  SER A O   1 
ATOM   478 C  CB  . SER A 1 64  ? -5.734  0.789   12.877  1.00 30.45 ? 64  SER A CB  1 
ATOM   479 O  OG  . SER A 1 64  ? -4.636  0.123   13.470  1.00 30.75 ? 64  SER A OG  1 
ATOM   480 N  N   . SER A 1 65  ? -4.227  3.408   12.836  1.00 29.63 ? 65  SER A N   1 
ATOM   481 C  CA  . SER A 1 65  ? -3.178  4.367   13.149  1.00 32.85 ? 65  SER A CA  1 
ATOM   482 C  C   . SER A 1 65  ? -3.008  4.445   14.657  1.00 22.86 ? 65  SER A C   1 
ATOM   483 O  O   . SER A 1 65  ? -3.902  4.093   15.432  1.00 28.81 ? 65  SER A O   1 
ATOM   484 C  CB  . SER A 1 65  ? -3.486  5.763   12.580  1.00 33.26 ? 65  SER A CB  1 
ATOM   485 O  OG  . SER A 1 65  ? -4.783  6.195   12.937  1.00 35.99 ? 65  SER A OG  1 
ATOM   486 N  N   . TYR A 1 66  ? -1.829  4.896   15.060  1.00 25.58 ? 66  TYR A N   1 
ATOM   487 C  CA  . TYR A 1 66  ? -1.530  5.079   16.465  1.00 29.94 ? 66  TYR A CA  1 
ATOM   488 C  C   . TYR A 1 66  ? -0.329  6.000   16.558  1.00 32.67 ? 66  TYR A C   1 
ATOM   489 O  O   . TYR A 1 66  ? 0.414   6.186   15.590  1.00 33.22 ? 66  TYR A O   1 
ATOM   490 C  CB  . TYR A 1 66  ? -1.286  3.738   17.152  1.00 29.27 ? 66  TYR A CB  1 
ATOM   491 C  CG  . TYR A 1 66  ? -0.080  2.964   16.648  1.00 26.62 ? 66  TYR A CG  1 
ATOM   492 C  CD1 . TYR A 1 66  ? 1.166   3.163   17.214  1.00 27.31 ? 66  TYR A CD1 1 
ATOM   493 C  CD2 . TYR A 1 66  ? -0.194  2.019   15.627  1.00 25.67 ? 66  TYR A CD2 1 
ATOM   494 C  CE1 . TYR A 1 66  ? 2.257   2.461   16.791  1.00 29.31 ? 66  TYR A CE1 1 
ATOM   495 C  CE2 . TYR A 1 66  ? 0.907   1.306   15.192  1.00 31.35 ? 66  TYR A CE2 1 
ATOM   496 C  CZ  . TYR A 1 66  ? 2.131   1.534   15.784  1.00 30.37 ? 66  TYR A CZ  1 
ATOM   497 O  OH  . TYR A 1 66  ? 3.257   0.855   15.386  1.00 34.62 ? 66  TYR A OH  1 
ATOM   498 N  N   . TRP A 1 67  ? -0.155  6.586   17.736  1.00 30.75 ? 67  TRP A N   1 
ATOM   499 C  CA  . TRP A 1 67  ? 0.914   7.545   17.953  1.00 34.73 ? 67  TRP A CA  1 
ATOM   500 C  C   . TRP A 1 67  ? 2.175   6.831   18.414  1.00 35.71 ? 67  TRP A C   1 
ATOM   501 O  O   . TRP A 1 67  ? 2.106   5.844   19.148  1.00 35.90 ? 67  TRP A O   1 
ATOM   502 C  CB  . TRP A 1 67  ? 0.498   8.599   18.979  1.00 46.76 ? 67  TRP A CB  1 
ATOM   503 C  CG  . TRP A 1 67  ? -0.694  9.393   18.541  1.00 49.45 ? 67  TRP A CG  1 
ATOM   504 C  CD1 . TRP A 1 67  ? -1.950  9.356   19.075  1.00 53.26 ? 67  TRP A CD1 1 
ATOM   505 C  CD2 . TRP A 1 67  ? -0.747  10.324  17.455  1.00 49.48 ? 67  TRP A CD2 1 
ATOM   506 N  NE1 . TRP A 1 67  ? -2.780  10.215  18.394  1.00 51.43 ? 67  TRP A NE1 1 
ATOM   507 C  CE2 . TRP A 1 67  ? -2.066  10.820  17.394  1.00 56.29 ? 67  TRP A CE2 1 
ATOM   508 C  CE3 . TRP A 1 67  ? 0.192   10.790  16.535  1.00 42.56 ? 67  TRP A CE3 1 
ATOM   509 C  CZ2 . TRP A 1 67  ? -2.466  11.760  16.448  1.00 50.09 ? 67  TRP A CZ2 1 
ATOM   510 C  CZ3 . TRP A 1 67  ? -0.207  11.727  15.597  1.00 49.01 ? 67  TRP A CZ3 1 
ATOM   511 C  CH2 . TRP A 1 67  ? -1.523  12.199  15.559  1.00 50.40 ? 67  TRP A CH2 1 
ATOM   512 N  N   . GLY A 1 68  ? 3.315   7.330   17.952  1.00 36.49 ? 68  GLY A N   1 
ATOM   513 C  CA  . GLY A 1 68  ? 4.611   6.852   18.386  1.00 41.14 ? 68  GLY A CA  1 
ATOM   514 C  C   . GLY A 1 68  ? 5.409   7.946   19.068  1.00 56.61 ? 68  GLY A C   1 
ATOM   515 O  O   . GLY A 1 68  ? 5.816   8.918   18.420  1.00 59.93 ? 68  GLY A O   1 
ATOM   516 N  N   . ASP A 1 69  ? 5.629   7.792   20.377  1.00 61.23 ? 69  ASP A N   1 
ATOM   517 C  CA  . ASP A 1 69  ? 6.327   8.773   21.207  1.00 66.27 ? 69  ASP A CA  1 
ATOM   518 C  C   . ASP A 1 69  ? 7.450   9.505   20.477  1.00 63.67 ? 69  ASP A C   1 
ATOM   519 O  O   . ASP A 1 69  ? 8.375   8.883   19.956  1.00 71.54 ? 69  ASP A O   1 
ATOM   520 C  CB  . ASP A 1 69  ? 6.917   8.080   22.455  1.00 64.92 ? 69  ASP A CB  1 
ATOM   521 C  CG  . ASP A 1 69  ? 5.870   7.324   23.270  1.00 72.47 ? 69  ASP A CG  1 
ATOM   522 O  OD1 . ASP A 1 69  ? 4.676   7.692   23.203  1.00 76.98 ? 69  ASP A OD1 1 
ATOM   523 O  OD2 . ASP A 1 69  ? 6.244   6.365   23.984  1.00 60.50 ? 69  ASP A OD2 1 
ATOM   524 N  N   . GLY A 1 74  ? 7.974   15.719  19.904  1.00 56.48 ? 74  GLY A N   1 
ATOM   525 C  CA  . GLY A 1 74  ? 7.655   15.282  18.557  1.00 77.26 ? 74  GLY A CA  1 
ATOM   526 C  C   . GLY A 1 74  ? 7.069   13.883  18.508  1.00 73.23 ? 74  GLY A C   1 
ATOM   527 O  O   . GLY A 1 74  ? 7.621   12.959  19.105  1.00 83.89 ? 74  GLY A O   1 
ATOM   528 N  N   . ARG A 1 75  ? 5.959   13.718  17.787  1.00 76.27 ? 75  ARG A N   1 
ATOM   529 C  CA  . ARG A 1 75  ? 5.225   12.456  17.784  1.00 73.64 ? 75  ARG A CA  1 
ATOM   530 C  C   . ARG A 1 75  ? 4.676   12.165  16.397  1.00 65.18 ? 75  ARG A C   1 
ATOM   531 O  O   . ARG A 1 75  ? 3.867   12.937  15.874  1.00 59.05 ? 75  ARG A O   1 
ATOM   532 C  CB  . ARG A 1 75  ? 4.088   12.492  18.810  1.00 68.94 ? 75  ARG A CB  1 
ATOM   533 C  CG  . ARG A 1 75  ? 4.573   12.470  20.239  1.00 69.36 ? 75  ARG A CG  1 
ATOM   534 C  CD  . ARG A 1 75  ? 3.962   11.308  20.983  1.00 73.75 ? 75  ARG A CD  1 
ATOM   535 N  NE  . ARG A 1 75  ? 2.521   11.472  21.146  1.00 77.86 ? 75  ARG A NE  1 
ATOM   536 C  CZ  . ARG A 1 75  ? 1.721   10.559  21.689  1.00 73.57 ? 75  ARG A CZ  1 
ATOM   537 N  NH1 . ARG A 1 75  ? 2.221   9.403   22.114  1.00 72.06 ? 75  ARG A NH1 1 
ATOM   538 N  NH2 . ARG A 1 75  ? 0.420   10.808  21.803  1.00 63.50 ? 75  ARG A NH2 1 
ATOM   539 N  N   . ARG A 1 76  ? 5.094   11.036  15.822  1.00 58.39 ? 76  ARG A N   1 
ATOM   540 C  CA  . ARG A 1 76  ? 4.664   10.625  14.494  1.00 48.30 ? 76  ARG A CA  1 
ATOM   541 C  C   . ARG A 1 76  ? 3.421   9.748   14.567  1.00 45.57 ? 76  ARG A C   1 
ATOM   542 O  O   . ARG A 1 76  ? 3.222   8.983   15.516  1.00 40.63 ? 76  ARG A O   1 
ATOM   543 C  CB  . ARG A 1 76  ? 5.781   9.863   13.773  1.00 49.83 ? 76  ARG A CB  1 
ATOM   544 C  CG  . ARG A 1 76  ? 7.058   10.663  13.549  1.00 48.02 ? 76  ARG A CG  1 
ATOM   545 C  CD  . ARG A 1 76  ? 6.915   11.653  12.398  1.00 67.51 ? 76  ARG A CD  1 
ATOM   546 N  NE  . ARG A 1 76  ? 7.982   12.655  12.393  1.00 79.98 ? 76  ARG A NE  1 
ATOM   547 C  CZ  . ARG A 1 76  ? 9.268   12.384  12.186  1.00 85.72 ? 76  ARG A CZ  1 
ATOM   548 N  NH1 . ARG A 1 76  ? 9.664   11.134  11.981  1.00 78.21 ? 76  ARG A NH1 1 
ATOM   549 N  NH2 . ARG A 1 76  ? 10.163  13.363  12.200  1.00 91.62 ? 76  ARG A NH2 1 
ATOM   550 N  N   . LYS A 1 77  ? 2.573   9.878   13.553  1.00 32.74 ? 77  LYS A N   1 
ATOM   551 C  CA  . LYS A 1 77  ? 1.416   9.011   13.386  1.00 38.84 ? 77  LYS A CA  1 
ATOM   552 C  C   . LYS A 1 77  ? 1.851   7.778   12.603  1.00 44.76 ? 77  LYS A C   1 
ATOM   553 O  O   . LYS A 1 77  ? 2.296   7.889   11.453  1.00 35.58 ? 77  LYS A O   1 
ATOM   554 C  CB  . LYS A 1 77  ? 0.286   9.744   12.667  1.00 38.11 ? 77  LYS A CB  1 
ATOM   555 C  CG  . LYS A 1 77  ? -1.024  8.953   12.612  1.00 41.26 ? 77  LYS A CG  1 
ATOM   556 C  CD  . LYS A 1 77  ? -2.216  9.850   12.294  1.00 45.72 ? 77  LYS A CD  1 
ATOM   557 C  CE  . LYS A 1 77  ? -3.502  9.047   12.206  1.00 48.82 ? 77  LYS A CE  1 
ATOM   558 N  NZ  . LYS A 1 77  ? -4.684  9.911   11.892  1.00 46.44 ? 77  LYS A NZ  1 
ATOM   559 N  N   . TYR A 1 78  ? 1.747   6.611   13.230  1.00 34.99 ? 78  TYR A N   1 
ATOM   560 C  CA  . TYR A 1 78  ? 2.121   5.365   12.580  1.00 28.80 ? 78  TYR A CA  1 
ATOM   561 C  C   . TYR A 1 78  ? 0.868   4.689   12.050  1.00 20.73 ? 78  TYR A C   1 
ATOM   562 O  O   . TYR A 1 78  ? -0.236  4.904   12.558  1.00 25.13 ? 78  TYR A O   1 
ATOM   563 C  CB  . TYR A 1 78  ? 2.879   4.436   13.529  1.00 32.07 ? 78  TYR A CB  1 
ATOM   564 C  CG  . TYR A 1 78  ? 4.334   4.829   13.635  1.00 32.24 ? 78  TYR A CG  1 
ATOM   565 C  CD1 . TYR A 1 78  ? 4.709   5.940   14.374  1.00 40.64 ? 78  TYR A CD1 1 
ATOM   566 C  CD2 . TYR A 1 78  ? 5.324   4.114   12.977  1.00 35.18 ? 78  TYR A CD2 1 
ATOM   567 C  CE1 . TYR A 1 78  ? 6.033   6.330   14.469  1.00 43.40 ? 78  TYR A CE1 1 
ATOM   568 C  CE2 . TYR A 1 78  ? 6.661   4.491   13.071  1.00 39.57 ? 78  TYR A CE2 1 
ATOM   569 C  CZ  . TYR A 1 78  ? 7.005   5.608   13.812  1.00 47.06 ? 78  TYR A CZ  1 
ATOM   570 O  OH  . TYR A 1 78  ? 8.324   5.997   13.911  1.00 53.01 ? 78  TYR A OH  1 
ATOM   571 N  N   . TYR A 1 79  ? 1.057   3.910   10.984  1.00 24.65 ? 79  TYR A N   1 
ATOM   572 C  CA  . TYR A 1 79  ? 0.008   3.105   10.379  1.00 25.33 ? 79  TYR A CA  1 
ATOM   573 C  C   . TYR A 1 79  ? 0.413   1.640   10.422  1.00 25.13 ? 79  TYR A C   1 
ATOM   574 O  O   . TYR A 1 79  ? 1.590   1.293   10.328  1.00 28.32 ? 79  TYR A O   1 
ATOM   575 C  CB  . TYR A 1 79  ? -0.262  3.542   8.947   1.00 29.31 ? 79  TYR A CB  1 
ATOM   576 C  CG  . TYR A 1 79  ? -0.774  4.956   8.884   1.00 28.25 ? 79  TYR A CG  1 
ATOM   577 C  CD1 . TYR A 1 79  ? 0.105   6.026   8.836   1.00 33.73 ? 79  TYR A CD1 1 
ATOM   578 C  CD2 . TYR A 1 79  ? -2.136  5.226   8.911   1.00 34.37 ? 79  TYR A CD2 1 
ATOM   579 C  CE1 . TYR A 1 79  ? -0.353  7.321   8.794   1.00 38.82 ? 79  TYR A CE1 1 
ATOM   580 C  CE2 . TYR A 1 79  ? -2.607  6.528   8.872   1.00 35.59 ? 79  TYR A CE2 1 
ATOM   581 C  CZ  . TYR A 1 79  ? -1.704  7.568   8.814   1.00 35.50 ? 79  TYR A CZ  1 
ATOM   582 O  OH  . TYR A 1 79  ? -2.143  8.870   8.776   1.00 48.25 ? 79  TYR A OH  1 
ATOM   583 N  N   . ARG A 1 80  ? -0.582  0.792   10.613  1.00 25.64 ? 80  ARG A N   1 
ATOM   584 C  CA  . ARG A 1 80  ? -0.383  -0.642  10.657  1.00 32.89 ? 80  ARG A CA  1 
ATOM   585 C  C   . ARG A 1 80  ? -1.433  -1.294  9.783   1.00 30.48 ? 80  ARG A C   1 
ATOM   586 O  O   . ARG A 1 80  ? -2.591  -0.856  9.745   1.00 32.56 ? 80  ARG A O   1 
ATOM   587 C  CB  . ARG A 1 80  ? -0.475  -1.224  12.085  1.00 36.34 ? 80  ARG A CB  1 
ATOM   588 C  CG  . ARG A 1 80  ? -1.793  -0.948  12.797  1.00 34.66 ? 80  ARG A CG  1 
ATOM   589 C  CD  . ARG A 1 80  ? -1.882  -1.627  14.173  1.00 38.42 ? 80  ARG A CD  1 
ATOM   590 N  NE  . ARG A 1 80  ? -2.204  -3.052  14.115  1.00 28.73 ? 80  ARG A NE  1 
ATOM   591 C  CZ  . ARG A 1 80  ? -3.433  -3.541  13.995  1.00 35.85 ? 80  ARG A CZ  1 
ATOM   592 N  NH1 . ARG A 1 80  ? -4.479  -2.728  13.908  1.00 41.53 ? 80  ARG A NH1 1 
ATOM   593 N  NH2 . ARG A 1 80  ? -3.619  -4.849  13.970  1.00 40.45 ? 80  ARG A NH2 1 
ATOM   594 N  N   . LEU A 1 81  ? -1.019  -2.351  9.109   1.00 30.78 ? 81  LEU A N   1 
ATOM   595 C  CA  . LEU A 1 81  ? -1.949  -3.243  8.442   1.00 31.63 ? 81  LEU A CA  1 
ATOM   596 C  C   . LEU A 1 81  ? -2.735  -4.001  9.504   1.00 36.04 ? 81  LEU A C   1 
ATOM   597 O  O   . LEU A 1 81  ? -2.163  -4.532  10.456  1.00 34.47 ? 81  LEU A O   1 
ATOM   598 C  CB  . LEU A 1 81  ? -1.155  -4.175  7.536   1.00 33.13 ? 81  LEU A CB  1 
ATOM   599 C  CG  . LEU A 1 81  ? -1.751  -4.739  6.252   1.00 43.11 ? 81  LEU A CG  1 
ATOM   600 C  CD1 . LEU A 1 81  ? -2.268  -3.656  5.321   1.00 37.88 ? 81  LEU A CD1 1 
ATOM   601 C  CD2 . LEU A 1 81  ? -0.680  -5.609  5.553   1.00 37.29 ? 81  LEU A CD2 1 
ATOM   602 N  N   . THR A 1 82  ? -4.050  -4.009  9.370   1.00 32.35 ? 82  THR A N   1 
ATOM   603 C  CA  . THR A 1 82  ? -4.851  -4.742  10.332  1.00 32.85 ? 82  THR A CA  1 
ATOM   604 C  C   . THR A 1 82  ? -4.819  -6.234  9.988   1.00 43.03 ? 82  THR A C   1 
ATOM   605 O  O   . THR A 1 82  ? -4.172  -6.672  9.028   1.00 32.43 ? 82  THR A O   1 
ATOM   606 C  CB  . THR A 1 82  ? -6.288  -4.214  10.375  1.00 36.89 ? 82  THR A CB  1 
ATOM   607 O  OG1 . THR A 1 82  ? -6.942  -4.443  9.121   1.00 38.18 ? 82  THR A OG1 1 
ATOM   608 C  CG2 . THR A 1 82  ? -6.317  -2.719  10.699  1.00 29.71 ? 82  THR A CG2 1 
ATOM   609 N  N   . GLU A 1 83  ? -5.529  -7.022  10.803  1.00 40.49 ? 83  GLU A N   1 
ATOM   610 C  CA  . GLU A 1 83  ? -5.672  -8.451  10.549  1.00 47.66 ? 83  GLU A CA  1 
ATOM   611 C  C   . GLU A 1 83  ? -6.485  -8.690  9.282   1.00 40.53 ? 83  GLU A C   1 
ATOM   612 O  O   . GLU A 1 83  ? -6.104  -9.515  8.443   1.00 36.74 ? 83  GLU A O   1 
ATOM   613 C  CB  . GLU A 1 83  ? -6.327  -9.136  11.754  1.00 47.42 ? 83  GLU A CB  1 
ATOM   614 C  CG  . GLU A 1 83  ? -5.598  -8.940  13.088  1.00 62.87 ? 83  GLU A CG  1 
ATOM   615 C  CD  . GLU A 1 83  ? -6.133  -7.766  13.920  1.00 75.38 ? 83  GLU A CD  1 
ATOM   616 O  OE1 . GLU A 1 83  ? -6.614  -6.764  13.339  1.00 52.97 ? 83  GLU A OE1 1 
ATOM   617 O  OE2 . GLU A 1 83  ? -6.070  -7.853  15.168  1.00 81.06 ? 83  GLU A OE2 1 
ATOM   618 N  N   . ILE A 1 84  ? -7.601  -7.968  9.126   1.00 45.76 ? 84  ILE A N   1 
ATOM   619 C  CA  . ILE A 1 84  ? -8.344  -7.982  7.870   1.00 43.66 ? 84  ILE A CA  1 
ATOM   620 C  C   . ILE A 1 84  ? -7.456  -7.532  6.721   1.00 46.27 ? 84  ILE A C   1 
ATOM   621 O  O   . ILE A 1 84  ? -7.535  -8.063  5.602   1.00 41.92 ? 84  ILE A O   1 
ATOM   622 C  CB  . ILE A 1 84  ? -9.580  -7.070  7.978   1.00 45.61 ? 84  ILE A CB  1 
ATOM   623 C  CG1 . ILE A 1 84  ? -10.600 -7.618  8.964   1.00 43.48 ? 84  ILE A CG1 1 
ATOM   624 C  CG2 . ILE A 1 84  ? -10.214 -6.885  6.614   1.00 50.63 ? 84  ILE A CG2 1 
ATOM   625 C  CD1 . ILE A 1 84  ? -11.652 -6.590  9.337   1.00 47.63 ? 84  ILE A CD1 1 
ATOM   626 N  N   . GLY A 1 85  ? -6.634  -6.513  6.961   1.00 46.69 ? 85  GLY A N   1 
ATOM   627 C  CA  . GLY A 1 85  ? -5.796  -5.989  5.901   1.00 38.60 ? 85  GLY A CA  1 
ATOM   628 C  C   . GLY A 1 85  ? -4.840  -7.033  5.369   1.00 41.11 ? 85  GLY A C   1 
ATOM   629 O  O   . GLY A 1 85  ? -4.731  -7.238  4.155   1.00 35.16 ? 85  GLY A O   1 
ATOM   630 N  N   . HIS A 1 86  ? -4.139  -7.716  6.278   1.00 41.43 ? 86  HIS A N   1 
ATOM   631 C  CA  . HIS A 1 86  ? -3.252  -8.800  5.877   1.00 44.52 ? 86  HIS A CA  1 
ATOM   632 C  C   . HIS A 1 86  ? -4.005  -9.856  5.080   1.00 39.39 ? 86  HIS A C   1 
ATOM   633 O  O   . HIS A 1 86  ? -3.526  -10.336 4.051   1.00 31.45 ? 86  HIS A O   1 
ATOM   634 C  CB  . HIS A 1 86  ? -2.610  -9.448  7.104   1.00 38.20 ? 86  HIS A CB  1 
ATOM   635 C  CG  . HIS A 1 86  ? -1.427  -8.707  7.636   1.00 38.04 ? 86  HIS A CG  1 
ATOM   636 N  ND1 . HIS A 1 86  ? -0.160  -8.854  7.114   1.00 42.11 ? 86  HIS A ND1 1 
ATOM   637 C  CD2 . HIS A 1 86  ? -1.313  -7.830  8.661   1.00 43.90 ? 86  HIS A CD2 1 
ATOM   638 C  CE1 . HIS A 1 86  ? 0.682   -8.090  7.789   1.00 50.20 ? 86  HIS A CE1 1 
ATOM   639 N  NE2 . HIS A 1 86  ? 0.005   -7.455  8.732   1.00 40.63 ? 86  HIS A NE2 1 
ATOM   640 N  N   . GLU A 1 87  ? -5.175  -10.263 5.564   1.00 44.50 ? 87  GLU A N   1 
ATOM   641 C  CA  . GLU A 1 87  ? -5.897  -11.326 4.880   1.00 47.62 ? 87  GLU A CA  1 
ATOM   642 C  C   . GLU A 1 87  ? -6.353  -10.864 3.502   1.00 49.16 ? 87  GLU A C   1 
ATOM   643 O  O   . GLU A 1 87  ? -6.230  -11.608 2.523   1.00 50.41 ? 87  GLU A O   1 
ATOM   644 C  CB  . GLU A 1 87  ? -7.070  -11.795 5.736   1.00 49.36 ? 87  GLU A CB  1 
ATOM   645 C  CG  . GLU A 1 87  ? -7.685  -13.107 5.279   1.00 55.32 ? 87  GLU A CG  1 
ATOM   646 C  CD  . GLU A 1 87  ? -6.659  -14.223 5.094   1.00 67.32 ? 87  GLU A CD  1 
ATOM   647 O  OE1 . GLU A 1 87  ? -5.547  -14.143 5.670   1.00 65.74 ? 87  GLU A OE1 1 
ATOM   648 O  OE2 . GLU A 1 87  ? -6.962  -15.186 4.355   1.00 65.41 ? 87  GLU A OE2 1 
ATOM   649 N  N   . ASN A 1 88  ? -6.838  -9.623  3.392   1.00 49.20 ? 88  ASN A N   1 
ATOM   650 C  CA  . ASN A 1 88  ? -7.210  -9.098  2.081   1.00 44.93 ? 88  ASN A CA  1 
ATOM   651 C  C   . ASN A 1 88  ? -6.007  -9.007  1.154   1.00 42.26 ? 88  ASN A C   1 
ATOM   652 O  O   . ASN A 1 88  ? -6.111  -9.320  -0.038  1.00 43.86 ? 88  ASN A O   1 
ATOM   653 C  CB  . ASN A 1 88  ? -7.876  -7.732  2.231   1.00 48.84 ? 88  ASN A CB  1 
ATOM   654 C  CG  . ASN A 1 88  ? -9.312  -7.846  2.687   1.00 58.70 ? 88  ASN A CG  1 
ATOM   655 O  OD1 . ASN A 1 88  ? -9.697  -8.832  3.315   1.00 65.20 ? 88  ASN A OD1 1 
ATOM   656 N  ND2 . ASN A 1 88  ? -10.119 -6.843  2.366   1.00 63.08 ? 88  ASN A ND2 1 
ATOM   657 N  N   . MET A 1 89  ? -4.853  -8.585  1.674   1.00 37.35 ? 89  MET A N   1 
ATOM   658 C  CA  . MET A 1 89  ? -3.660  -8.545  0.840   1.00 45.26 ? 89  MET A CA  1 
ATOM   659 C  C   . MET A 1 89  ? -3.325  -9.924  0.289   1.00 50.55 ? 89  MET A C   1 
ATOM   660 O  O   . MET A 1 89  ? -2.863  -10.050 -0.854  1.00 38.52 ? 89  MET A O   1 
ATOM   661 C  CB  . MET A 1 89  ? -2.470  -8.016  1.627   1.00 37.59 ? 89  MET A CB  1 
ATOM   662 C  CG  . MET A 1 89  ? -2.360  -6.530  1.648   1.00 40.21 ? 89  MET A CG  1 
ATOM   663 S  SD  . MET A 1 89  ? -0.679  -6.078  2.076   1.00 54.09 ? 89  MET A SD  1 
ATOM   664 C  CE  . MET A 1 89  ? 0.042   -5.849  0.442   1.00 44.25 ? 89  MET A CE  1 
ATOM   665 N  N   . ARG A 1 90  ? -3.509  -10.969 1.104   1.00 44.94 ? 90  ARG A N   1 
ATOM   666 C  CA  . ARG A 1 90  ? -3.177  -12.320 0.667   1.00 46.86 ? 90  ARG A CA  1 
ATOM   667 C  C   . ARG A 1 90  ? -4.135  -12.787 -0.423  1.00 42.60 ? 90  ARG A C   1 
ATOM   668 O  O   . ARG A 1 90  ? -3.712  -13.356 -1.436  1.00 46.97 ? 90  ARG A O   1 
ATOM   669 C  CB  . ARG A 1 90  ? -3.204  -13.283 1.858   1.00 50.85 ? 90  ARG A CB  1 
ATOM   670 C  CG  . ARG A 1 90  ? -2.643  -14.674 1.555   1.00 54.81 ? 90  ARG A CG  1 
ATOM   671 C  CD  . ARG A 1 90  ? -2.916  -15.664 2.691   1.00 66.05 ? 90  ARG A CD  1 
ATOM   672 N  NE  . ARG A 1 90  ? -4.350  -15.826 2.937   1.00 70.40 ? 90  ARG A NE  1 
ATOM   673 C  CZ  . ARG A 1 90  ? -5.143  -16.653 2.258   1.00 67.44 ? 90  ARG A CZ  1 
ATOM   674 N  NH1 . ARG A 1 90  ? -4.650  -17.408 1.285   1.00 61.55 ? 90  ARG A NH1 1 
ATOM   675 N  NH2 . ARG A 1 90  ? -6.434  -16.723 2.554   1.00 66.10 ? 90  ARG A NH2 1 
ATOM   676 N  N   . LEU A 1 91  ? -5.432  -12.557 -0.228  1.00 37.77 ? 91  LEU A N   1 
ATOM   677 C  CA  . LEU A 1 91  ? -6.410  -12.915 -1.246  1.00 45.16 ? 91  LEU A CA  1 
ATOM   678 C  C   . LEU A 1 91  ? -6.101  -12.219 -2.565  1.00 43.37 ? 91  LEU A C   1 
ATOM   679 O  O   . LEU A 1 91  ? -6.107  -12.846 -3.630  1.00 49.40 ? 91  LEU A O   1 
ATOM   680 C  CB  . LEU A 1 91  ? -7.818  -12.554 -0.777  1.00 43.12 ? 91  LEU A CB  1 
ATOM   681 C  CG  . LEU A 1 91  ? -8.284  -13.129 0.556   1.00 50.67 ? 91  LEU A CG  1 
ATOM   682 C  CD1 . LEU A 1 91  ? -9.805  -13.106 0.608   1.00 50.69 ? 91  LEU A CD1 1 
ATOM   683 C  CD2 . LEU A 1 91  ? -7.755  -14.531 0.788   1.00 53.03 ? 91  LEU A CD2 1 
ATOM   684 N  N   . ALA A 1 92  ? -5.832  -10.912 -2.510  1.00 47.72 ? 92  ALA A N   1 
ATOM   685 C  CA  . ALA A 1 92  ? -5.488  -10.170 -3.718  1.00 42.65 ? 92  ALA A CA  1 
ATOM   686 C  C   . ALA A 1 92  ? -4.269  -10.773 -4.404  1.00 46.64 ? 92  ALA A C   1 
ATOM   687 O  O   . ALA A 1 92  ? -4.282  -11.024 -5.613  1.00 48.98 ? 92  ALA A O   1 
ATOM   688 C  CB  . ALA A 1 92  ? -5.235  -8.699  -3.378  1.00 42.04 ? 92  ALA A CB  1 
ATOM   689 N  N   . PHE A 1 93  ? -3.198  -11.002 -3.645  1.00 38.16 ? 93  PHE A N   1 
ATOM   690 C  CA  . PHE A 1 93  ? -1.979  -11.522 -4.251  1.00 44.75 ? 93  PHE A CA  1 
ATOM   691 C  C   . PHE A 1 93  ? -2.230  -12.872 -4.909  1.00 47.11 ? 93  PHE A C   1 
ATOM   692 O  O   . PHE A 1 93  ? -1.710  -13.144 -5.998  1.00 49.50 ? 93  PHE A O   1 
ATOM   693 C  CB  . PHE A 1 93  ? -0.880  -11.640 -3.202  1.00 49.59 ? 93  PHE A CB  1 
ATOM   694 C  CG  . PHE A 1 93  ? 0.391   -12.234 -3.730  1.00 52.70 ? 93  PHE A CG  1 
ATOM   695 C  CD1 . PHE A 1 93  ? 1.349   -11.431 -4.326  1.00 50.31 ? 93  PHE A CD1 1 
ATOM   696 C  CD2 . PHE A 1 93  ? 0.628   -13.602 -3.634  1.00 56.40 ? 93  PHE A CD2 1 
ATOM   697 C  CE1 . PHE A 1 93  ? 2.525   -11.974 -4.816  1.00 58.24 ? 93  PHE A CE1 1 
ATOM   698 C  CE2 . PHE A 1 93  ? 1.801   -14.155 -4.124  1.00 59.61 ? 93  PHE A CE2 1 
ATOM   699 C  CZ  . PHE A 1 93  ? 2.752   -13.341 -4.717  1.00 62.40 ? 93  PHE A CZ  1 
ATOM   700 N  N   . GLU A 1 94  ? -3.028  -13.727 -4.261  1.00 43.99 ? 94  GLU A N   1 
ATOM   701 C  CA  . GLU A 1 94  ? -3.312  -15.053 -4.801  1.00 50.29 ? 94  GLU A CA  1 
ATOM   702 C  C   . GLU A 1 94  ? -4.227  -14.982 -6.020  1.00 50.20 ? 94  GLU A C   1 
ATOM   703 O  O   . GLU A 1 94  ? -3.984  -15.666 -7.021  1.00 46.24 ? 94  GLU A O   1 
ATOM   704 C  CB  . GLU A 1 94  ? -3.931  -15.936 -3.708  1.00 54.57 ? 94  GLU A CB  1 
ATOM   705 C  CG  . GLU A 1 94  ? -2.947  -16.326 -2.594  1.00 56.16 ? 94  GLU A CG  1 
ATOM   706 C  CD  . GLU A 1 94  ? -3.566  -17.193 -1.505  1.00 71.19 ? 94  GLU A CD  1 
ATOM   707 O  OE1 . GLU A 1 94  ? -4.770  -17.519 -1.594  1.00 71.16 ? 94  GLU A OE1 1 
ATOM   708 O  OE2 . GLU A 1 94  ? -2.843  -17.545 -0.547  1.00 70.21 ? 94  GLU A OE2 1 
ATOM   709 N  N   . SER A 1 95  ? -5.279  -14.161 -5.969  1.00 48.86 ? 95  SER A N   1 
ATOM   710 C  CA  . SER A 1 95  ? -6.175  -14.047 -7.115  1.00 42.42 ? 95  SER A CA  1 
ATOM   711 C  C   . SER A 1 95  ? -5.445  -13.454 -8.320  1.00 44.24 ? 95  SER A C   1 
ATOM   712 O  O   . SER A 1 95  ? -5.515  -13.999 -9.428  1.00 51.27 ? 95  SER A O   1 
ATOM   713 C  CB  . SER A 1 95  ? -7.400  -13.205 -6.751  1.00 36.63 ? 95  SER A CB  1 
ATOM   714 O  OG  . SER A 1 95  ? -7.048  -11.849 -6.564  1.00 55.77 ? 95  SER A OG  1 
ATOM   715 N  N   . TRP A 1 96  ? -4.720  -12.344 -8.119  1.00 41.15 ? 96  TRP A N   1 
ATOM   716 C  CA  . TRP A 1 96  ? -3.946  -11.765 -9.217  1.00 40.26 ? 96  TRP A CA  1 
ATOM   717 C  C   . TRP A 1 96  ? -2.839  -12.704 -9.689  1.00 51.88 ? 96  TRP A C   1 
ATOM   718 O  O   . TRP A 1 96  ? -2.394  -12.615 -10.839 1.00 47.27 ? 96  TRP A O   1 
ATOM   719 C  CB  . TRP A 1 96  ? -3.349  -10.415 -8.813  1.00 50.60 ? 96  TRP A CB  1 
ATOM   720 C  CG  . TRP A 1 96  ? -4.355  -9.300  -8.894  1.00 54.45 ? 96  TRP A CG  1 
ATOM   721 C  CD1 . TRP A 1 96  ? -4.996  -8.698  -7.852  1.00 51.87 ? 96  TRP A CD1 1 
ATOM   722 C  CD2 . TRP A 1 96  ? -4.854  -8.676  -10.086 1.00 57.21 ? 96  TRP A CD2 1 
ATOM   723 N  NE1 . TRP A 1 96  ? -5.865  -7.740  -8.320  1.00 54.79 ? 96  TRP A NE1 1 
ATOM   724 C  CE2 . TRP A 1 96  ? -5.793  -7.702  -9.687  1.00 62.07 ? 96  TRP A CE2 1 
ATOM   725 C  CE3 . TRP A 1 96  ? -4.599  -8.846  -11.451 1.00 56.18 ? 96  TRP A CE3 1 
ATOM   726 C  CZ2 . TRP A 1 96  ? -6.474  -6.895  -10.606 1.00 56.94 ? 96  TRP A CZ2 1 
ATOM   727 C  CZ3 . TRP A 1 96  ? -5.275  -8.040  -12.361 1.00 55.03 ? 96  TRP A CZ3 1 
ATOM   728 C  CH2 . TRP A 1 96  ? -6.203  -7.081  -11.933 1.00 51.03 ? 96  TRP A CH2 1 
ATOM   729 N  N   . SER A 1 97  ? -2.359  -13.599 -8.813  1.00 42.31 ? 97  SER A N   1 
ATOM   730 C  CA  . SER A 1 97  ? -1.393  -14.608 -9.241  1.00 46.60 ? 97  SER A CA  1 
ATOM   731 C  C   . SER A 1 97  ? -2.022  -15.551 -10.255 1.00 43.08 ? 97  SER A C   1 
ATOM   732 O  O   . SER A 1 97  ? -1.401  -15.901 -11.265 1.00 45.40 ? 97  SER A O   1 
ATOM   733 C  CB  . SER A 1 97  ? -0.879  -15.386 -8.031  1.00 48.89 ? 97  SER A CB  1 
ATOM   734 O  OG  . SER A 1 97  ? 0.265   -16.149 -8.366  1.00 64.55 ? 97  SER A OG  1 
ATOM   735 N  N   . ARG A 1 98  ? -3.266  -15.967 -10.007 1.00 45.08 ? 98  ARG A N   1 
ATOM   736 C  CA  . ARG A 1 98  ? -4.002  -16.743 -11.002 1.00 47.35 ? 98  ARG A CA  1 
ATOM   737 C  C   . ARG A 1 98  ? -4.140  -15.959 -12.302 1.00 48.30 ? 98  ARG A C   1 
ATOM   738 O  O   . ARG A 1 98  ? -3.843  -16.477 -13.384 1.00 44.04 ? 98  ARG A O   1 
ATOM   739 C  CB  . ARG A 1 98  ? -5.368  -17.139 -10.442 1.00 46.95 ? 98  ARG A CB  1 
ATOM   740 C  CG  . ARG A 1 98  ? -5.275  -18.050 -9.221  1.00 53.99 ? 98  ARG A CG  1 
ATOM   741 C  CD  . ARG A 1 98  ? -6.609  -18.704 -8.871  1.00 53.88 ? 98  ARG A CD  1 
ATOM   742 N  NE  . ARG A 1 98  ? -7.608  -17.748 -8.402  1.00 66.05 ? 98  ARG A NE  1 
ATOM   743 C  CZ  . ARG A 1 98  ? -7.732  -17.346 -7.138  1.00 65.58 ? 98  ARG A CZ  1 
ATOM   744 N  NH1 . ARG A 1 98  ? -6.911  -17.806 -6.202  1.00 50.28 ? 98  ARG A NH1 1 
ATOM   745 N  NH2 . ARG A 1 98  ? -8.676  -16.473 -6.811  1.00 66.09 ? 98  ARG A NH2 1 
ATOM   746 N  N   . VAL A 1 99  ? -4.555  -14.693 -12.217 1.00 39.71 ? 99  VAL A N   1 
ATOM   747 C  CA  . VAL A 1 99  ? -4.661  -13.886 -13.428 1.00 44.28 ? 99  VAL A CA  1 
ATOM   748 C  C   . VAL A 1 99  ? -3.348  -13.910 -14.192 1.00 47.14 ? 99  VAL A C   1 
ATOM   749 O  O   . VAL A 1 99  ? -3.333  -14.065 -15.418 1.00 43.52 ? 99  VAL A O   1 
ATOM   750 C  CB  . VAL A 1 99  ? -5.091  -12.446 -13.091 1.00 40.92 ? 99  VAL A CB  1 
ATOM   751 C  CG1 . VAL A 1 99  ? -5.041  -11.575 -14.341 1.00 43.49 ? 99  VAL A CG1 1 
ATOM   752 C  CG2 . VAL A 1 99  ? -6.484  -12.459 -12.483 1.00 43.00 ? 99  VAL A CG2 1 
ATOM   753 N  N   . ASP A 1 100 ? -2.223  -13.776 -13.482 1.00 48.61 ? 100 ASP A N   1 
ATOM   754 C  CA  . ASP A 1 100 ? -0.921  -13.805 -14.143 1.00 47.19 ? 100 ASP A CA  1 
ATOM   755 C  C   . ASP A 1 100 ? -0.718  -15.105 -14.917 1.00 50.83 ? 100 ASP A C   1 
ATOM   756 O  O   . ASP A 1 100 ? -0.244  -15.086 -16.060 1.00 45.72 ? 100 ASP A O   1 
ATOM   757 C  CB  . ASP A 1 100 ? 0.200   -13.609 -13.116 1.00 56.41 ? 100 ASP A CB  1 
ATOM   758 C  CG  . ASP A 1 100 ? 0.359   -12.154 -12.682 1.00 64.93 ? 100 ASP A CG  1 
ATOM   759 O  OD1 . ASP A 1 100 ? -0.141  -11.255 -13.393 1.00 69.21 ? 100 ASP A OD1 1 
ATOM   760 O  OD2 . ASP A 1 100 ? 1.000   -11.908 -11.635 1.00 61.88 ? 100 ASP A OD2 1 
ATOM   761 N  N   . LYS A 1 101 ? -1.080  -16.247 -14.321 1.00 45.28 ? 101 LYS A N   1 
ATOM   762 C  CA  . LYS A 1 101 ? -0.883  -17.520 -15.009 1.00 49.02 ? 101 LYS A CA  1 
ATOM   763 C  C   . LYS A 1 101 ? -1.863  -17.681 -16.171 1.00 48.19 ? 101 LYS A C   1 
ATOM   764 O  O   . LYS A 1 101 ? -1.507  -18.247 -17.213 1.00 48.39 ? 101 LYS A O   1 
ATOM   765 C  CB  . LYS A 1 101 ? -1.021  -18.696 -14.033 1.00 59.04 ? 101 LYS A CB  1 
ATOM   766 C  CG  . LYS A 1 101 ? -2.429  -18.915 -13.492 1.00 59.63 ? 101 LYS A CG  1 
ATOM   767 C  CD  . LYS A 1 101 ? -2.645  -20.332 -12.935 1.00 68.78 ? 101 LYS A CD  1 
ATOM   768 C  CE  . LYS A 1 101 ? -2.856  -21.369 -14.039 1.00 69.62 ? 101 LYS A CE  1 
ATOM   769 N  NZ  . LYS A 1 101 ? -3.961  -21.006 -14.984 1.00 52.18 ? 101 LYS A NZ  1 
ATOM   770 N  N   . ILE A 1 102 ? -3.104  -17.218 -16.008 1.00 41.83 ? 102 ILE A N   1 
ATOM   771 C  CA  . ILE A 1 102 ? -4.054  -17.274 -17.117 1.00 41.11 ? 102 ILE A CA  1 
ATOM   772 C  C   . ILE A 1 102 ? -3.481  -16.550 -18.326 1.00 38.99 ? 102 ILE A C   1 
ATOM   773 O  O   . ILE A 1 102 ? -3.486  -17.075 -19.445 1.00 39.89 ? 102 ILE A O   1 
ATOM   774 C  CB  . ILE A 1 102 ? -5.414  -16.693 -16.690 1.00 42.30 ? 102 ILE A CB  1 
ATOM   775 C  CG1 . ILE A 1 102 ? -6.105  -17.682 -15.747 1.00 38.25 ? 102 ILE A CG1 1 
ATOM   776 C  CG2 . ILE A 1 102 ? -6.300  -16.409 -17.891 1.00 39.02 ? 102 ILE A CG2 1 
ATOM   777 C  CD1 . ILE A 1 102 ? -7.197  -17.085 -14.950 1.00 37.79 ? 102 ILE A CD1 1 
ATOM   778 N  N   . ILE A 1 103 ? -2.955  -15.344 -18.115 1.00 39.15 ? 103 ILE A N   1 
ATOM   779 C  CA  . ILE A 1 103 ? -2.388  -14.577 -19.220 1.00 42.49 ? 103 ILE A CA  1 
ATOM   780 C  C   . ILE A 1 103 ? -1.195  -15.303 -19.818 1.00 45.46 ? 103 ILE A C   1 
ATOM   781 O  O   . ILE A 1 103 ? -0.926  -15.194 -21.019 1.00 39.90 ? 103 ILE A O   1 
ATOM   782 C  CB  . ILE A 1 103 ? -2.015  -13.158 -18.736 1.00 40.79 ? 103 ILE A CB  1 
ATOM   783 C  CG1 . ILE A 1 103 ? -3.284  -12.426 -18.280 1.00 47.29 ? 103 ILE A CG1 1 
ATOM   784 C  CG2 . ILE A 1 103 ? -1.291  -12.406 -19.844 1.00 45.45 ? 103 ILE A CG2 1 
ATOM   785 C  CD1 . ILE A 1 103 ? -3.035  -11.125 -17.550 1.00 43.43 ? 103 ILE A CD1 1 
ATOM   786 N  N   . GLU A 1 104 ? -0.460  -16.049 -18.997 1.00 46.00 ? 104 GLU A N   1 
ATOM   787 C  CA  . GLU A 1 104 ? 0.678   -16.816 -19.488 1.00 52.16 ? 104 GLU A CA  1 
ATOM   788 C  C   . GLU A 1 104 ? 0.225   -17.909 -20.443 1.00 48.54 ? 104 GLU A C   1 
ATOM   789 O  O   . GLU A 1 104 ? 0.847   -18.128 -21.486 1.00 43.86 ? 104 GLU A O   1 
ATOM   790 C  CB  . GLU A 1 104 ? 1.433   -17.402 -18.293 1.00 56.50 ? 104 GLU A CB  1 
ATOM   791 C  CG  . GLU A 1 104 ? 2.753   -18.089 -18.608 1.00 75.77 ? 104 GLU A CG  1 
ATOM   792 C  CD  . GLU A 1 104 ? 3.357   -18.780 -17.383 1.00 86.67 ? 104 GLU A CD  1 
ATOM   793 O  OE1 . GLU A 1 104 ? 2.684   -18.831 -16.326 1.00 77.02 ? 104 GLU A OE1 1 
ATOM   794 O  OE2 . GLU A 1 104 ? 4.500   -19.274 -17.477 1.00 90.32 ? 104 GLU A OE2 1 
ATOM   795 N  N   . ASN A 1 105 ? -0.870  -18.595 -20.118 1.00 39.94 ? 105 ASN A N   1 
ATOM   796 C  CA  . ASN A 1 105 ? -1.337  -19.672 -20.982 1.00 42.39 ? 105 ASN A CA  1 
ATOM   797 C  C   . ASN A 1 105 ? -1.923  -19.126 -22.279 1.00 54.13 ? 105 ASN A C   1 
ATOM   798 O  O   . ASN A 1 105 ? -1.706  -19.701 -23.351 1.00 52.71 ? 105 ASN A O   1 
ATOM   799 C  CB  . ASN A 1 105 ? -2.357  -20.522 -20.235 1.00 38.05 ? 105 ASN A CB  1 
ATOM   800 C  CG  . ASN A 1 105 ? -1.712  -21.433 -19.216 1.00 46.05 ? 105 ASN A CG  1 
ATOM   801 O  OD1 . ASN A 1 105 ? -0.712  -22.088 -19.497 1.00 57.28 ? 105 ASN A OD1 1 
ATOM   802 N  ND2 . ASN A 1 105 ? -2.282  -21.476 -18.020 1.00 53.50 ? 105 ASN A ND2 1 
ATOM   803 N  N   . LEU A 1 106 ? -2.657  -18.009 -22.202 1.00 49.57 ? 106 LEU A N   1 
ATOM   804 C  CA  . LEU A 1 106 ? -3.170  -17.371 -23.408 1.00 45.63 ? 106 LEU A CA  1 
ATOM   805 C  C   . LEU A 1 106 ? -2.052  -17.068 -24.398 1.00 52.70 ? 106 LEU A C   1 
ATOM   806 O  O   . LEU A 1 106 ? -2.215  -17.249 -25.609 1.00 53.71 ? 106 LEU A O   1 
ATOM   807 C  CB  . LEU A 1 106 ? -3.899  -16.076 -23.053 1.00 48.19 ? 106 LEU A CB  1 
ATOM   808 C  CG  . LEU A 1 106 ? -5.176  -16.185 -22.220 1.00 44.09 ? 106 LEU A CG  1 
ATOM   809 C  CD1 . LEU A 1 106 ? -5.659  -14.782 -21.868 1.00 38.38 ? 106 LEU A CD1 1 
ATOM   810 C  CD2 . LEU A 1 106 ? -6.233  -16.977 -22.955 1.00 40.79 ? 106 LEU A CD2 1 
ATOM   811 N  N   . GLU A 1 107 ? -0.904  -16.605 -23.899 1.00 57.61 ? 107 GLU A N   1 
ATOM   812 C  CA  . GLU A 1 107 ? 0.176   -16.188 -24.790 1.00 60.08 ? 107 GLU A CA  1 
ATOM   813 C  C   . GLU A 1 107 ? 0.907   -17.373 -25.413 1.00 66.21 ? 107 GLU A C   1 
ATOM   814 O  O   . GLU A 1 107 ? 1.398   -17.267 -26.544 1.00 68.34 ? 107 GLU A O   1 
ATOM   815 C  CB  . GLU A 1 107 ? 1.146   -15.296 -24.022 1.00 51.58 ? 107 GLU A CB  1 
ATOM   816 C  CG  . GLU A 1 107 ? 0.552   -13.951 -23.666 1.00 61.01 ? 107 GLU A CG  1 
ATOM   817 C  CD  . GLU A 1 107 ? 1.510   -13.085 -22.886 1.00 67.16 ? 107 GLU A CD  1 
ATOM   818 O  OE1 . GLU A 1 107 ? 2.539   -13.621 -22.424 1.00 69.80 ? 107 GLU A OE1 1 
ATOM   819 O  OE2 . GLU A 1 107 ? 1.235   -11.872 -22.738 1.00 62.97 ? 107 GLU A OE2 1 
ATOM   820 N  N   . ALA A 1 108 ? 0.988   -18.498 -24.712 1.00 62.45 ? 108 ALA A N   1 
ATOM   821 C  CA  . ALA A 1 108 ? 1.651   -19.683 -25.256 1.00 68.57 ? 108 ALA A CA  1 
ATOM   822 C  C   . ALA A 1 108 ? 0.822   -20.286 -26.390 1.00 65.91 ? 108 ALA A C   1 
ATOM   823 O  O   . ALA A 1 108 ? 1.365   -20.706 -27.414 1.00 63.31 ? 108 ALA A O   1 
ATOM   824 C  CB  . ALA A 1 108 ? 1.889   -20.714 -24.158 1.00 53.90 ? 108 ALA A CB  1 
HETATM 825 N  N1  . PHN B 2 .   ? -2.047  -6.420  -9.811  0.50 70.21 ? 201 PHN A N1  1 
HETATM 826 C  C2  . PHN B 2 .   ? -1.993  -6.604  -8.467  0.50 68.61 ? 201 PHN A C2  1 
HETATM 827 C  C3  . PHN B 2 .   ? -2.894  -5.944  -7.631  0.50 66.74 ? 201 PHN A C3  1 
HETATM 828 C  C4  . PHN B 2 .   ? -3.825  -5.107  -8.160  0.50 68.71 ? 201 PHN A C4  1 
HETATM 829 C  C4A . PHN B 2 .   ? -3.878  -4.908  -9.524  0.50 67.86 ? 201 PHN A C4A 1 
HETATM 830 C  C5  . PHN B 2 .   ? -4.844  -4.037  -10.083 0.50 67.67 ? 201 PHN A C5  1 
HETATM 831 C  C6  . PHN B 2 .   ? -4.896  -3.843  -11.462 0.50 67.73 ? 201 PHN A C6  1 
HETATM 832 C  C6A . PHN B 2 .   ? -3.978  -4.514  -12.308 0.50 67.89 ? 201 PHN A C6A 1 
HETATM 833 C  C7  . PHN B 2 .   ? -4.023  -4.323  -13.673 0.50 68.62 ? 201 PHN A C7  1 
HETATM 834 C  C8  . PHN B 2 .   ? -3.141  -4.970  -14.478 0.50 66.66 ? 201 PHN A C8  1 
HETATM 835 C  C9  . PHN B 2 .   ? -2.190  -5.828  -13.924 0.50 68.49 ? 201 PHN A C9  1 
HETATM 836 N  N10 . PHN B 2 .   ? -2.143  -6.021  -12.578 0.50 70.33 ? 201 PHN A N10 1 
HETATM 837 C  C10 . PHN B 2 .   ? -3.032  -5.358  -11.763 0.50 68.07 ? 201 PHN A C10 1 
HETATM 838 C  C1A . PHN B 2 .   ? -2.983  -5.562  -10.346 0.50 68.11 ? 201 PHN A C1A 1 
HETATM 839 CU CU  . CU  C 3 .   ? -0.973  -7.165  -11.372 0.50 95.08 ? 202 CU  A CU  1 
HETATM 840 O  O   . HOH D 4 .   ? -8.988  1.099   10.838  1.00 42.29 ? 301 HOH A O   1 
HETATM 841 O  O   . HOH D 4 .   ? 1.090   11.767  9.190   1.00 44.62 ? 302 HOH A O   1 
HETATM 842 O  O   . HOH D 4 .   ? -7.068  4.189   13.684  1.00 46.19 ? 303 HOH A O   1 
HETATM 843 O  O   . HOH D 4 .   ? 0.092   -5.416  10.934  1.00 43.92 ? 304 HOH A O   1 
HETATM 844 O  O   . HOH D 4 .   ? 1.846   -3.043  9.569   1.00 28.57 ? 305 HOH A O   1 
HETATM 845 O  O   . HOH D 4 .   ? -0.708  -9.048  -12.111 1.00 67.67 ? 306 HOH A O   1 
HETATM 846 O  O   . HOH D 4 .   ? 4.192   18.041  2.159   1.00 53.32 ? 307 HOH A O   1 
HETATM 847 O  O   . HOH D 4 .   ? -2.949  -13.604 5.889   1.00 55.68 ? 308 HOH A O   1 
HETATM 848 O  O   . HOH D 4 .   ? -4.617  1.518   15.802  1.00 31.85 ? 309 HOH A O   1 
HETATM 849 O  O   . HOH D 4 .   ? 2.423   9.728   9.448   1.00 31.84 ? 310 HOH A O   1 
HETATM 850 O  O   . HOH D 4 .   ? 7.437   -0.364  6.288   1.00 35.82 ? 311 HOH A O   1 
HETATM 851 O  O   . HOH D 4 .   ? 0.442   -9.761  -9.996  1.00 60.29 ? 312 HOH A O   1 
HETATM 852 O  O   . HOH D 4 .   ? 7.691   8.141   -2.626  1.00 28.04 ? 313 HOH A O   1 
HETATM 853 O  O   . HOH D 4 .   ? 12.918  1.018   -0.136  1.00 45.39 ? 314 HOH A O   1 
HETATM 854 O  O   . HOH D 4 .   ? -5.693  10.521  6.539   1.00 31.61 ? 315 HOH A O   1 
HETATM 855 O  O   . HOH D 4 .   ? -5.049  15.153  -1.164  1.00 38.86 ? 316 HOH A O   1 
HETATM 856 O  O   . HOH D 4 .   ? -10.209 -4.159  10.945  1.00 42.13 ? 317 HOH A O   1 
HETATM 857 O  O   . HOH D 4 .   ? 5.811   -3.240  12.538  1.00 34.71 ? 318 HOH A O   1 
HETATM 858 O  O   . HOH D 4 .   ? 2.580   18.361  7.182   1.00 49.19 ? 319 HOH A O   1 
HETATM 859 O  O   . HOH D 4 .   ? -8.044  3.369   -0.916  1.00 51.37 ? 320 HOH A O   1 
HETATM 860 O  O   . HOH D 4 .   ? -8.969  -6.466  11.463  1.00 43.42 ? 321 HOH A O   1 
HETATM 861 O  O   . HOH D 4 .   ? 0.573   18.387  2.833   1.00 41.92 ? 322 HOH A O   1 
# 
